data_5Y7L
#
_entry.id   5Y7L
#
_entity_poly.entity_id   1
_entity_poly.type   'polypeptide(L)'
_entity_poly.pdbx_seq_one_letter_code
;QDLQATEANCTVLSVQQIGEVFECTFTCGADCRGTSQYPCVQVYVNNSESNSRALLHSDEHQLLTNPKCSYIPPCKRENQ
KNLESVMNWQQYWKDEIGSQPFTCYFNQHQRPDDVLLHRTHD
;
_entity_poly.pdbx_strand_id   A
#
# COMPACT_ATOMS: atom_id res chain seq x y z
N GLN A 1 9.72 -5.87 18.09
CA GLN A 1 8.40 -5.99 17.40
C GLN A 1 8.63 -6.21 15.90
N ASP A 2 8.96 -5.16 15.19
CA ASP A 2 9.20 -5.30 13.73
C ASP A 2 10.27 -6.36 13.48
N LEU A 3 11.29 -6.38 14.30
CA LEU A 3 12.37 -7.39 14.12
C LEU A 3 11.76 -8.79 14.19
N GLN A 4 10.72 -8.95 14.98
CA GLN A 4 10.07 -10.28 15.10
C GLN A 4 8.72 -10.24 14.38
N ALA A 5 8.20 -11.38 14.03
CA ALA A 5 6.89 -11.42 13.33
C ALA A 5 5.82 -10.85 14.27
N THR A 6 4.89 -10.10 13.74
CA THR A 6 3.82 -9.50 14.59
C THR A 6 2.76 -8.84 13.71
N GLU A 7 3.06 -7.67 13.21
CA GLU A 7 2.05 -6.94 12.38
C GLU A 7 2.51 -6.87 10.92
N ALA A 8 1.61 -7.13 10.02
CA ALA A 8 1.92 -7.06 8.57
C ALA A 8 0.63 -6.69 7.85
N ASN A 9 0.53 -5.52 7.31
CA ASN A 9 -0.76 -5.14 6.63
C ASN A 9 -0.63 -5.26 5.12
N CYS A 10 -1.66 -5.76 4.49
CA CYS A 10 -1.64 -5.93 3.02
C CYS A 10 -2.92 -5.34 2.48
N THR A 11 -2.90 -4.13 2.01
CA THR A 11 -4.18 -3.54 1.53
C THR A 11 -4.06 -3.00 0.12
N VAL A 12 -5.14 -3.12 -0.62
CA VAL A 12 -5.16 -2.58 -2.00
C VAL A 12 -5.76 -1.19 -1.91
N LEU A 13 -4.97 -0.18 -2.10
CA LEU A 13 -5.49 1.20 -2.00
C LEU A 13 -6.83 1.29 -2.75
N SER A 14 -7.64 2.25 -2.40
CA SER A 14 -8.94 2.40 -3.09
C SER A 14 -8.74 3.42 -4.20
N VAL A 15 -9.60 3.45 -5.18
CA VAL A 15 -9.40 4.42 -6.27
C VAL A 15 -10.21 5.70 -6.00
N GLN A 16 -9.53 6.77 -5.73
CA GLN A 16 -10.22 8.06 -5.44
C GLN A 16 -9.40 9.20 -6.04
N GLN A 17 -10.01 10.31 -6.32
CA GLN A 17 -9.25 11.45 -6.93
C GLN A 17 -8.46 12.18 -5.84
N ILE A 18 -9.10 13.02 -5.08
CA ILE A 18 -8.37 13.78 -4.02
C ILE A 18 -9.22 13.81 -2.74
N GLY A 19 -8.72 14.41 -1.68
CA GLY A 19 -9.50 14.46 -0.42
C GLY A 19 -9.04 13.35 0.52
N GLU A 20 -8.01 12.64 0.16
CA GLU A 20 -7.49 11.55 1.05
C GLU A 20 -6.00 11.76 1.32
N VAL A 21 -5.57 11.46 2.52
CA VAL A 21 -4.13 11.63 2.86
C VAL A 21 -3.57 10.30 3.35
N PHE A 22 -2.34 10.02 3.03
CA PHE A 22 -1.73 8.72 3.45
C PHE A 22 -0.43 8.97 4.19
N GLU A 23 0.01 8.02 4.98
CA GLU A 23 1.28 8.17 5.73
C GLU A 23 2.26 7.08 5.31
N CYS A 24 3.53 7.37 5.32
CA CYS A 24 4.54 6.36 4.94
C CYS A 24 5.27 5.90 6.21
N THR A 25 5.88 4.75 6.18
CA THR A 25 6.57 4.25 7.40
C THR A 25 8.03 3.90 7.11
N PHE A 26 8.88 4.04 8.09
CA PHE A 26 10.32 3.70 7.90
C PHE A 26 10.79 2.93 9.13
N THR A 27 11.80 2.12 9.00
CA THR A 27 12.30 1.33 10.17
C THR A 27 13.82 1.48 10.29
N CYS A 28 14.31 1.70 11.47
CA CYS A 28 15.77 1.84 11.67
C CYS A 28 16.15 1.18 12.99
N GLY A 29 17.42 1.02 13.25
CA GLY A 29 17.84 0.35 14.52
C GLY A 29 17.88 1.38 15.64
N ALA A 30 18.17 0.96 16.84
CA ALA A 30 18.21 1.93 17.98
C ALA A 30 16.78 2.33 18.36
N ASP A 31 15.82 1.51 18.03
CA ASP A 31 14.40 1.83 18.36
C ASP A 31 14.03 3.19 17.76
N CYS A 32 14.37 3.41 16.52
CA CYS A 32 14.03 4.71 15.87
C CYS A 32 13.24 4.45 14.59
N ARG A 33 12.11 5.09 14.43
CA ARG A 33 11.29 4.89 13.21
C ARG A 33 10.87 6.25 12.65
N GLY A 34 10.60 6.32 11.37
CA GLY A 34 10.20 7.64 10.78
C GLY A 34 9.01 7.46 9.85
N THR A 35 8.17 8.45 9.75
CA THR A 35 6.98 8.36 8.85
C THR A 35 6.88 9.64 8.02
N SER A 36 6.19 9.57 6.91
CA SER A 36 6.04 10.78 6.05
C SER A 36 4.56 10.97 5.69
N GLN A 37 4.14 12.19 5.49
CA GLN A 37 2.70 12.45 5.15
C GLN A 37 2.61 13.01 3.73
N TYR A 38 1.70 12.48 2.94
CA TYR A 38 1.54 12.99 1.55
C TYR A 38 0.07 12.86 1.14
N PRO A 39 -0.40 13.72 0.27
CA PRO A 39 -1.82 13.70 -0.20
C PRO A 39 -2.20 12.35 -0.82
N CYS A 40 -3.22 12.33 -1.63
CA CYS A 40 -3.66 11.05 -2.25
C CYS A 40 -2.63 10.59 -3.29
N VAL A 41 -2.51 9.30 -3.47
CA VAL A 41 -1.54 8.77 -4.46
C VAL A 41 -2.25 7.81 -5.41
N GLN A 42 -1.57 7.33 -6.41
CA GLN A 42 -2.20 6.40 -7.38
C GLN A 42 -2.79 5.20 -6.64
N VAL A 43 -3.05 4.12 -7.34
CA VAL A 43 -3.64 2.92 -6.69
C VAL A 43 -2.72 1.69 -6.82
N TYR A 44 -2.64 0.90 -5.78
CA TYR A 44 -1.80 -0.33 -5.83
C TYR A 44 -1.95 -1.09 -4.51
N VAL A 45 -0.86 -1.47 -3.90
CA VAL A 45 -0.98 -2.21 -2.61
C VAL A 45 0.04 -1.70 -1.60
N ASN A 46 -0.38 -1.53 -0.37
CA ASN A 46 0.55 -1.06 0.67
C ASN A 46 1.18 -2.26 1.35
N ASN A 47 2.48 -2.36 1.35
CA ASN A 47 3.14 -3.53 2.00
C ASN A 47 3.69 -3.10 3.36
N SER A 48 2.88 -3.17 4.38
CA SER A 48 3.36 -2.77 5.72
C SER A 48 3.93 -4.00 6.43
N GLU A 49 4.63 -4.84 5.71
CA GLU A 49 5.23 -6.04 6.35
C GLU A 49 6.28 -5.54 7.33
N SER A 50 6.61 -4.29 7.24
CA SER A 50 7.62 -3.68 8.13
C SER A 50 7.60 -2.17 7.92
N ASN A 51 7.76 -1.73 6.70
CA ASN A 51 7.74 -0.27 6.41
C ASN A 51 7.85 -0.03 4.90
N SER A 52 7.13 -0.78 4.09
CA SER A 52 7.23 -0.58 2.61
C SER A 52 5.86 -0.19 2.02
N ARG A 53 5.88 0.70 1.06
CA ARG A 53 4.61 1.12 0.41
C ARG A 53 4.79 1.06 -1.11
N ALA A 54 3.97 0.30 -1.80
CA ALA A 54 4.11 0.20 -3.28
C ALA A 54 2.98 0.96 -3.99
N LEU A 55 3.32 1.81 -4.91
CA LEU A 55 2.27 2.60 -5.65
C LEU A 55 2.38 2.33 -7.15
N LEU A 56 1.26 2.16 -7.81
CA LEU A 56 1.28 1.91 -9.28
C LEU A 56 0.34 2.90 -9.97
N HIS A 57 0.64 3.29 -11.18
CA HIS A 57 -0.25 4.27 -11.87
C HIS A 57 -1.31 3.50 -12.66
N SER A 58 -2.57 3.70 -12.32
CA SER A 58 -3.65 2.98 -13.04
C SER A 58 -3.66 3.45 -14.50
N ASP A 59 -3.46 4.72 -14.72
CA ASP A 59 -3.46 5.24 -16.11
C ASP A 59 -3.01 6.69 -16.12
N GLU A 60 -2.51 7.16 -17.23
CA GLU A 60 -2.05 8.58 -17.30
C GLU A 60 -3.25 9.52 -17.14
N HIS A 61 -4.40 9.11 -17.62
CA HIS A 61 -5.60 9.98 -17.51
C HIS A 61 -5.86 10.31 -16.04
N GLN A 62 -5.69 9.35 -15.17
CA GLN A 62 -5.93 9.61 -13.73
C GLN A 62 -4.94 10.67 -13.25
N LEU A 63 -3.72 10.59 -13.69
CA LEU A 63 -2.70 11.60 -13.28
C LEU A 63 -3.16 12.99 -13.75
N LEU A 64 -3.63 13.08 -14.96
CA LEU A 64 -4.11 14.39 -15.47
C LEU A 64 -5.28 14.84 -14.61
N THR A 65 -6.07 13.89 -14.17
CA THR A 65 -7.24 14.21 -13.32
C THR A 65 -6.77 14.60 -11.91
N ASN A 66 -5.77 13.93 -11.40
CA ASN A 66 -5.26 14.25 -10.04
C ASN A 66 -3.74 14.38 -10.08
N PRO A 67 -3.24 15.38 -10.77
CA PRO A 67 -1.78 15.60 -10.91
C PRO A 67 -1.15 16.11 -9.61
N LYS A 68 -1.93 16.66 -8.72
CA LYS A 68 -1.37 17.17 -7.44
C LYS A 68 -1.49 16.09 -6.36
N CYS A 69 -1.76 14.88 -6.75
CA CYS A 69 -1.89 13.79 -5.74
C CYS A 69 -0.52 13.16 -5.45
N SER A 70 0.06 12.51 -6.41
CA SER A 70 1.39 11.86 -6.18
C SER A 70 2.54 12.81 -6.50
N TYR A 71 2.25 14.06 -6.79
CA TYR A 71 3.34 15.01 -7.13
C TYR A 71 4.29 15.16 -5.94
N ILE A 72 3.77 15.06 -4.74
CA ILE A 72 4.64 15.20 -3.53
C ILE A 72 5.57 13.98 -3.45
N PRO A 73 6.79 14.16 -2.99
CA PRO A 73 7.78 13.05 -2.86
C PRO A 73 7.14 11.74 -2.36
N PRO A 74 6.87 10.81 -3.24
CA PRO A 74 6.25 9.51 -2.87
C PRO A 74 7.31 8.49 -2.44
N CYS A 75 6.97 7.60 -1.54
CA CYS A 75 7.96 6.59 -1.09
C CYS A 75 7.69 5.25 -1.76
N LYS A 76 8.55 4.84 -2.65
CA LYS A 76 8.35 3.54 -3.35
C LYS A 76 9.69 2.78 -3.41
N ARG A 77 9.66 1.50 -3.18
CA ARG A 77 10.92 0.71 -3.23
C ARG A 77 11.47 0.72 -4.66
N GLU A 78 10.61 0.63 -5.64
CA GLU A 78 11.08 0.64 -7.05
C GLU A 78 10.00 1.28 -7.94
N ASN A 79 10.40 1.88 -9.02
CA ASN A 79 9.41 2.53 -9.93
C ASN A 79 8.37 1.49 -10.37
N GLN A 80 8.82 0.28 -10.62
CA GLN A 80 7.87 -0.78 -11.05
C GLN A 80 7.10 -0.32 -12.30
N LYS A 81 7.80 0.10 -13.32
CA LYS A 81 7.10 0.56 -14.55
C LYS A 81 6.21 -0.56 -15.09
N ASN A 82 4.96 -0.29 -15.31
CA ASN A 82 4.04 -1.34 -15.83
C ASN A 82 3.12 -0.72 -16.89
N LEU A 83 3.03 -1.33 -18.05
CA LEU A 83 2.15 -0.78 -19.11
C LEU A 83 0.86 -1.60 -19.18
N GLU A 84 0.74 -2.45 -20.15
CA GLU A 84 -0.49 -3.29 -20.26
C GLU A 84 -0.64 -4.12 -18.99
N SER A 85 0.45 -4.42 -18.35
CA SER A 85 0.38 -5.24 -17.10
C SER A 85 -0.51 -4.53 -16.08
N VAL A 86 -0.51 -3.23 -16.08
CA VAL A 86 -1.35 -2.49 -15.08
C VAL A 86 -2.82 -2.87 -15.29
N MET A 87 -3.27 -2.97 -16.50
CA MET A 87 -4.69 -3.35 -16.73
C MET A 87 -4.94 -4.69 -16.07
N ASN A 88 -4.03 -5.61 -16.22
CA ASN A 88 -4.20 -6.95 -15.59
C ASN A 88 -4.27 -6.79 -14.08
N TRP A 89 -3.51 -5.88 -13.53
CA TRP A 89 -3.55 -5.69 -12.05
C TRP A 89 -4.97 -5.34 -11.61
N GLN A 90 -5.57 -4.39 -12.27
CA GLN A 90 -6.96 -4.01 -11.89
C GLN A 90 -7.90 -5.20 -12.12
N GLN A 91 -7.71 -5.90 -13.20
CA GLN A 91 -8.57 -7.08 -13.50
C GLN A 91 -8.42 -8.13 -12.39
N TYR A 92 -7.23 -8.32 -11.91
CA TYR A 92 -7.00 -9.33 -10.83
C TYR A 92 -7.73 -8.92 -9.55
N TRP A 93 -7.51 -7.73 -9.08
CA TRP A 93 -8.19 -7.30 -7.82
C TRP A 93 -9.67 -7.00 -8.09
N LYS A 94 -9.97 -6.37 -9.18
CA LYS A 94 -11.40 -6.06 -9.48
C LYS A 94 -12.22 -7.35 -9.54
N ASP A 95 -11.66 -8.38 -10.10
CA ASP A 95 -12.39 -9.68 -10.22
C ASP A 95 -12.53 -10.34 -8.85
N GLU A 96 -11.61 -10.11 -7.94
CA GLU A 96 -11.69 -10.77 -6.61
C GLU A 96 -12.20 -9.79 -5.55
N ILE A 97 -11.37 -8.88 -5.13
CA ILE A 97 -11.80 -7.93 -4.06
C ILE A 97 -12.74 -6.86 -4.64
N GLY A 98 -12.71 -6.63 -5.91
CA GLY A 98 -13.61 -5.59 -6.50
C GLY A 98 -13.01 -4.21 -6.23
N SER A 99 -12.66 -3.94 -5.00
CA SER A 99 -12.06 -2.61 -4.67
C SER A 99 -12.19 -2.37 -3.16
N GLN A 100 -11.57 -3.21 -2.36
CA GLN A 100 -11.67 -3.04 -0.88
C GLN A 100 -10.33 -3.38 -0.22
N PRO A 101 -9.60 -2.41 0.27
CA PRO A 101 -8.29 -2.64 0.95
C PRO A 101 -8.41 -3.71 2.04
N PHE A 102 -7.32 -4.31 2.43
CA PHE A 102 -7.39 -5.35 3.50
C PHE A 102 -6.16 -5.26 4.41
N THR A 103 -6.27 -5.72 5.62
CA THR A 103 -5.12 -5.66 6.54
C THR A 103 -4.78 -7.07 7.03
N CYS A 104 -3.57 -7.27 7.44
CA CYS A 104 -3.15 -8.60 7.91
C CYS A 104 -2.31 -8.43 9.19
N TYR A 105 -2.22 -9.45 9.98
CA TYR A 105 -1.40 -9.36 11.22
C TYR A 105 -0.90 -10.76 11.55
N PHE A 106 0.35 -10.93 11.84
CA PHE A 106 0.81 -12.31 12.15
C PHE A 106 2.00 -12.28 13.12
N ASN A 107 2.15 -13.32 13.89
CA ASN A 107 3.27 -13.36 14.86
C ASN A 107 3.89 -14.76 14.92
N GLN A 108 5.20 -14.81 14.95
CA GLN A 108 5.92 -16.11 15.06
C GLN A 108 6.14 -16.38 16.54
N HIS A 109 5.82 -15.41 17.37
CA HIS A 109 6.02 -15.56 18.82
C HIS A 109 5.44 -16.90 19.27
N GLN A 110 4.38 -17.36 18.66
CA GLN A 110 3.81 -18.67 19.06
C GLN A 110 4.79 -19.76 18.64
N ARG A 111 4.93 -19.96 17.36
CA ARG A 111 5.89 -20.99 16.87
C ARG A 111 6.09 -20.85 15.36
N PRO A 112 5.04 -20.83 14.57
CA PRO A 112 5.12 -20.71 13.10
C PRO A 112 4.78 -19.32 12.59
N ASP A 113 3.57 -19.13 12.16
CA ASP A 113 3.16 -17.80 11.63
C ASP A 113 1.63 -17.70 11.59
N ASP A 114 1.01 -17.45 12.72
CA ASP A 114 -0.48 -17.33 12.70
C ASP A 114 -0.79 -15.97 12.09
N VAL A 115 -1.53 -15.92 11.01
CA VAL A 115 -1.80 -14.60 10.35
C VAL A 115 -3.29 -14.28 10.26
N LEU A 116 -3.61 -13.02 10.25
CA LEU A 116 -5.04 -12.57 10.15
C LEU A 116 -5.26 -11.94 8.77
N LEU A 117 -6.46 -11.96 8.27
CA LEU A 117 -6.71 -11.37 6.92
C LEU A 117 -8.02 -10.58 6.90
N HIS A 118 -8.10 -9.51 7.65
CA HIS A 118 -9.36 -8.70 7.65
C HIS A 118 -9.46 -7.94 6.33
N ARG A 119 -10.66 -7.70 5.85
CA ARG A 119 -10.82 -6.98 4.55
C ARG A 119 -11.58 -5.66 4.77
N THR A 120 -11.35 -4.70 3.90
CA THR A 120 -12.07 -3.39 4.04
C THR A 120 -13.49 -3.52 3.49
N HIS A 121 -14.45 -2.93 4.16
CA HIS A 121 -15.86 -3.03 3.68
C HIS A 121 -16.39 -1.62 3.39
N ASP A 122 -17.01 -1.44 2.25
CA ASP A 122 -17.55 -0.09 1.91
C ASP A 122 -18.82 0.17 2.72
N GLN A 1 5.56 -7.49 12.37
CA GLN A 1 6.08 -6.24 11.73
C GLN A 1 7.40 -6.54 11.04
N ASP A 2 8.50 -6.10 11.61
CA ASP A 2 9.82 -6.35 10.99
C ASP A 2 10.54 -7.48 11.75
N LEU A 3 11.58 -7.18 12.45
CA LEU A 3 12.31 -8.23 13.22
C LEU A 3 11.34 -8.91 14.18
N GLN A 4 10.39 -8.16 14.71
CA GLN A 4 9.42 -8.77 15.65
C GLN A 4 8.18 -9.25 14.89
N ALA A 5 7.84 -10.50 15.04
CA ALA A 5 6.64 -11.03 14.33
C ALA A 5 5.40 -10.76 15.17
N THR A 6 4.41 -10.11 14.60
CA THR A 6 3.16 -9.82 15.35
C THR A 6 2.12 -9.19 14.42
N GLU A 7 2.32 -7.97 14.04
CA GLU A 7 1.32 -7.28 13.16
C GLU A 7 1.90 -7.01 11.77
N ALA A 8 1.10 -7.26 10.77
CA ALA A 8 1.53 -7.00 9.36
C ALA A 8 0.27 -6.71 8.56
N ASN A 9 0.04 -5.50 8.13
CA ASN A 9 -1.21 -5.25 7.36
C ASN A 9 -0.93 -5.18 5.88
N CYS A 10 -1.81 -5.76 5.10
CA CYS A 10 -1.63 -5.78 3.64
C CYS A 10 -2.95 -5.32 3.02
N THR A 11 -3.05 -4.10 2.63
CA THR A 11 -4.34 -3.62 2.09
C THR A 11 -4.19 -3.01 0.70
N VAL A 12 -5.24 -3.12 -0.08
CA VAL A 12 -5.23 -2.52 -1.43
C VAL A 12 -5.89 -1.16 -1.31
N LEU A 13 -5.12 -0.12 -1.41
CA LEU A 13 -5.71 1.23 -1.28
C LEU A 13 -6.98 1.33 -2.12
N SER A 14 -7.87 2.21 -1.76
CA SER A 14 -9.11 2.36 -2.54
C SER A 14 -8.89 3.48 -3.55
N VAL A 15 -9.65 3.51 -4.60
CA VAL A 15 -9.44 4.58 -5.62
C VAL A 15 -10.40 5.74 -5.31
N GLN A 16 -9.86 6.91 -5.06
CA GLN A 16 -10.72 8.08 -4.74
C GLN A 16 -10.13 9.33 -5.39
N GLN A 17 -10.95 10.33 -5.63
CA GLN A 17 -10.45 11.58 -6.25
C GLN A 17 -9.68 12.40 -5.22
N ILE A 18 -9.00 13.43 -5.66
CA ILE A 18 -8.21 14.27 -4.72
C ILE A 18 -9.05 14.59 -3.47
N GLY A 19 -8.47 15.24 -2.50
CA GLY A 19 -9.24 15.58 -1.27
C GLY A 19 -8.96 14.53 -0.18
N GLU A 20 -8.14 13.56 -0.48
CA GLU A 20 -7.81 12.51 0.52
C GLU A 20 -6.31 12.58 0.83
N VAL A 21 -5.92 12.37 2.06
CA VAL A 21 -4.48 12.44 2.42
C VAL A 21 -3.98 11.07 2.91
N PHE A 22 -2.82 10.67 2.46
CA PHE A 22 -2.26 9.36 2.88
C PHE A 22 -0.87 9.60 3.51
N GLU A 23 -0.40 8.67 4.30
CA GLU A 23 0.94 8.84 4.93
C GLU A 23 1.93 7.86 4.34
N CYS A 24 3.19 8.19 4.35
CA CYS A 24 4.21 7.26 3.81
C CYS A 24 4.97 6.72 5.03
N THR A 25 5.25 5.44 5.05
CA THR A 25 5.95 4.87 6.23
C THR A 25 7.19 4.08 5.79
N PHE A 26 8.17 4.02 6.63
CA PHE A 26 9.42 3.28 6.29
C PHE A 26 10.00 2.67 7.58
N THR A 27 10.99 1.83 7.44
CA THR A 27 11.60 1.21 8.65
C THR A 27 13.12 1.34 8.58
N CYS A 28 13.75 1.47 9.72
CA CYS A 28 15.24 1.60 9.74
C CYS A 28 15.81 0.56 10.70
N GLY A 29 17.10 0.36 10.68
CA GLY A 29 17.71 -0.67 11.57
C GLY A 29 17.96 -0.08 12.96
N ALA A 30 17.60 -0.82 13.99
CA ALA A 30 17.78 -0.38 15.41
C ALA A 30 16.44 0.11 15.97
N ASP A 31 15.37 -0.56 15.61
CA ASP A 31 14.03 -0.15 16.10
C ASP A 31 13.77 1.31 15.74
N CYS A 32 14.05 1.68 14.52
CA CYS A 32 13.83 3.09 14.09
C CYS A 32 12.82 3.13 12.95
N ARG A 33 11.69 3.75 13.16
CA ARG A 33 10.67 3.83 12.07
C ARG A 33 10.15 5.27 11.99
N GLY A 34 9.75 5.71 10.83
CA GLY A 34 9.25 7.11 10.71
C GLY A 34 8.12 7.18 9.67
N THR A 35 7.28 8.18 9.77
CA THR A 35 6.16 8.31 8.79
C THR A 35 6.10 9.74 8.26
N SER A 36 5.48 9.92 7.12
CA SER A 36 5.38 11.29 6.53
C SER A 36 3.94 11.52 6.07
N GLN A 37 3.53 12.75 5.93
CA GLN A 37 2.13 13.03 5.48
C GLN A 37 2.16 13.68 4.09
N TYR A 38 1.44 13.11 3.16
CA TYR A 38 1.41 13.69 1.79
C TYR A 38 -0.03 13.72 1.26
N PRO A 39 -0.34 14.61 0.34
CA PRO A 39 -1.71 14.72 -0.25
C PRO A 39 -2.29 13.37 -0.70
N CYS A 40 -3.13 13.39 -1.70
CA CYS A 40 -3.74 12.13 -2.21
C CYS A 40 -2.69 11.25 -2.90
N VAL A 41 -2.86 9.96 -2.85
CA VAL A 41 -1.88 9.04 -3.50
C VAL A 41 -2.64 8.09 -4.43
N GLN A 42 -2.02 7.66 -5.49
CA GLN A 42 -2.71 6.74 -6.44
C GLN A 42 -3.20 5.49 -5.70
N VAL A 43 -3.44 4.43 -6.42
CA VAL A 43 -3.93 3.17 -5.77
C VAL A 43 -2.96 2.02 -6.02
N TYR A 44 -2.83 1.12 -5.07
CA TYR A 44 -1.93 -0.03 -5.24
C TYR A 44 -2.04 -0.94 -4.02
N VAL A 45 -0.93 -1.29 -3.41
CA VAL A 45 -0.99 -2.18 -2.22
C VAL A 45 -0.14 -1.60 -1.10
N ASN A 46 -0.68 -1.57 0.09
CA ASN A 46 0.07 -1.03 1.24
C ASN A 46 0.80 -2.18 1.94
N ASN A 47 2.11 -2.17 1.92
CA ASN A 47 2.84 -3.27 2.60
C ASN A 47 3.16 -2.86 4.03
N SER A 48 2.25 -3.08 4.93
CA SER A 48 2.49 -2.70 6.34
C SER A 48 3.20 -3.84 7.05
N GLU A 49 3.76 -4.76 6.32
CA GLU A 49 4.47 -5.89 6.97
C GLU A 49 5.82 -5.34 7.47
N SER A 50 6.16 -4.16 7.05
CA SER A 50 7.43 -3.52 7.48
C SER A 50 7.26 -2.00 7.48
N ASN A 51 6.07 -1.55 7.75
CA ASN A 51 5.80 -0.08 7.76
C ASN A 51 6.15 0.54 6.40
N SER A 52 5.69 -0.07 5.34
CA SER A 52 5.98 0.49 3.98
C SER A 52 4.69 0.52 3.15
N ARG A 53 4.55 1.49 2.29
CA ARG A 53 3.32 1.56 1.45
C ARG A 53 3.72 1.76 -0.01
N ALA A 54 3.31 0.87 -0.87
CA ALA A 54 3.65 1.00 -2.32
C ALA A 54 2.50 1.68 -3.06
N LEU A 55 2.81 2.66 -3.88
CA LEU A 55 1.74 3.38 -4.63
C LEU A 55 1.95 3.20 -6.13
N LEU A 56 0.90 2.88 -6.85
CA LEU A 56 1.02 2.68 -8.32
C LEU A 56 -0.02 3.55 -9.04
N HIS A 57 0.27 3.94 -10.25
CA HIS A 57 -0.71 4.79 -10.99
C HIS A 57 -1.63 3.89 -11.81
N SER A 58 -2.91 3.95 -11.57
CA SER A 58 -3.86 3.09 -12.35
C SER A 58 -3.68 3.36 -13.83
N ASP A 59 -3.51 4.60 -14.19
CA ASP A 59 -3.34 4.94 -15.64
C ASP A 59 -2.95 6.41 -15.76
N GLU A 60 -2.44 6.81 -16.90
CA GLU A 60 -2.04 8.23 -17.08
C GLU A 60 -3.27 9.13 -16.93
N HIS A 61 -4.42 8.66 -17.36
CA HIS A 61 -5.65 9.49 -17.23
C HIS A 61 -5.82 9.91 -15.77
N GLN A 62 -5.55 9.01 -14.87
CA GLN A 62 -5.68 9.33 -13.42
C GLN A 62 -4.72 10.48 -13.09
N LEU A 63 -3.54 10.45 -13.63
CA LEU A 63 -2.56 11.52 -13.37
C LEU A 63 -3.15 12.86 -13.82
N LEU A 64 -3.77 12.86 -14.98
CA LEU A 64 -4.40 14.12 -15.47
C LEU A 64 -5.50 14.50 -14.49
N THR A 65 -6.15 13.53 -13.93
CA THR A 65 -7.23 13.81 -12.95
C THR A 65 -6.63 14.30 -11.63
N ASN A 66 -5.56 13.71 -11.20
CA ASN A 66 -4.93 14.14 -9.91
C ASN A 66 -3.42 14.33 -10.13
N PRO A 67 -3.04 15.28 -10.93
CA PRO A 67 -1.60 15.55 -11.23
C PRO A 67 -0.85 16.01 -9.98
N LYS A 68 -1.54 16.64 -9.06
CA LYS A 68 -0.87 17.10 -7.82
C LYS A 68 -0.30 15.90 -7.08
N CYS A 69 -0.93 14.77 -7.20
CA CYS A 69 -0.43 13.55 -6.50
C CYS A 69 0.59 12.83 -7.38
N SER A 70 1.85 13.05 -7.14
CA SER A 70 2.92 12.37 -7.95
C SER A 70 4.20 13.20 -7.87
N TYR A 71 4.11 14.48 -8.10
CA TYR A 71 5.33 15.34 -8.03
C TYR A 71 5.86 15.39 -6.61
N ILE A 72 4.98 15.37 -5.64
CA ILE A 72 5.44 15.40 -4.23
C ILE A 72 6.20 14.11 -3.94
N PRO A 73 7.26 14.16 -3.16
CA PRO A 73 8.07 12.97 -2.82
C PRO A 73 7.22 11.70 -2.76
N PRO A 74 7.16 10.95 -3.83
CA PRO A 74 6.36 9.70 -3.90
C PRO A 74 7.12 8.49 -3.35
N CYS A 75 6.42 7.56 -2.73
CA CYS A 75 7.10 6.37 -2.19
C CYS A 75 6.86 5.17 -3.11
N LYS A 76 7.90 4.62 -3.68
CA LYS A 76 7.72 3.46 -4.60
C LYS A 76 8.72 2.36 -4.23
N ARG A 77 8.30 1.13 -4.24
CA ARG A 77 9.23 0.02 -3.92
C ARG A 77 10.34 -0.03 -4.96
N GLU A 78 10.03 0.26 -6.19
CA GLU A 78 11.05 0.23 -7.26
C GLU A 78 11.05 1.58 -7.98
N ASN A 79 12.17 1.98 -8.51
CA ASN A 79 12.22 3.29 -9.22
C ASN A 79 11.18 3.29 -10.35
N GLN A 80 11.09 2.20 -11.08
CA GLN A 80 10.11 2.13 -12.19
C GLN A 80 9.53 0.71 -12.28
N LYS A 81 8.36 0.57 -12.83
CA LYS A 81 7.74 -0.77 -12.95
C LYS A 81 7.10 -0.90 -14.34
N ASN A 82 7.14 -2.08 -14.91
CA ASN A 82 6.55 -2.26 -16.26
C ASN A 82 5.07 -1.84 -16.24
N LEU A 83 4.61 -1.22 -17.28
CA LEU A 83 3.19 -0.78 -17.34
C LEU A 83 2.27 -2.00 -17.31
N GLU A 84 2.69 -3.09 -17.87
CA GLU A 84 1.84 -4.31 -17.87
C GLU A 84 1.54 -4.70 -16.43
N SER A 85 2.46 -4.48 -15.53
CA SER A 85 2.23 -4.84 -14.12
C SER A 85 0.99 -4.10 -13.61
N VAL A 86 0.76 -2.90 -14.07
CA VAL A 86 -0.43 -2.13 -13.62
C VAL A 86 -1.70 -2.88 -14.01
N MET A 87 -1.74 -3.43 -15.19
CA MET A 87 -2.96 -4.16 -15.60
C MET A 87 -3.27 -5.26 -14.59
N ASN A 88 -2.25 -5.90 -14.09
CA ASN A 88 -2.46 -6.97 -13.09
C ASN A 88 -3.15 -6.40 -11.85
N TRP A 89 -2.78 -5.21 -11.45
CA TRP A 89 -3.42 -4.60 -10.26
C TRP A 89 -4.94 -4.50 -10.49
N GLN A 90 -5.35 -3.99 -11.60
CA GLN A 90 -6.82 -3.87 -11.87
C GLN A 90 -7.40 -5.27 -12.13
N GLN A 91 -6.78 -6.04 -12.98
CA GLN A 91 -7.31 -7.39 -13.29
C GLN A 91 -7.30 -8.29 -12.05
N TYR A 92 -6.24 -8.27 -11.31
CA TYR A 92 -6.16 -9.13 -10.09
C TYR A 92 -7.11 -8.64 -9.00
N TRP A 93 -7.03 -7.39 -8.64
CA TRP A 93 -7.90 -6.87 -7.55
C TRP A 93 -9.34 -6.66 -8.01
N LYS A 94 -9.56 -6.21 -9.22
CA LYS A 94 -10.96 -5.99 -9.65
C LYS A 94 -11.72 -7.31 -9.61
N ASP A 95 -11.13 -8.38 -10.07
CA ASP A 95 -11.82 -9.69 -10.06
C ASP A 95 -12.05 -10.14 -8.61
N GLU A 96 -11.06 -10.00 -7.76
CA GLU A 96 -11.23 -10.43 -6.35
C GLU A 96 -11.99 -9.36 -5.58
N ILE A 97 -11.52 -8.15 -5.61
CA ILE A 97 -12.22 -7.06 -4.88
C ILE A 97 -12.22 -5.79 -5.71
N GLY A 98 -13.38 -5.32 -6.08
CA GLY A 98 -13.45 -4.05 -6.87
C GLY A 98 -12.63 -2.96 -6.17
N SER A 99 -12.60 -2.99 -4.86
CA SER A 99 -11.82 -1.96 -4.12
C SER A 99 -12.07 -2.14 -2.61
N GLN A 100 -11.52 -3.16 -2.03
CA GLN A 100 -11.74 -3.39 -0.57
C GLN A 100 -10.41 -3.69 0.13
N PRO A 101 -9.76 -2.69 0.67
CA PRO A 101 -8.46 -2.87 1.39
C PRO A 101 -8.56 -4.00 2.43
N PHE A 102 -7.46 -4.61 2.79
CA PHE A 102 -7.54 -5.70 3.80
C PHE A 102 -6.35 -5.61 4.77
N THR A 103 -6.54 -6.06 5.98
CA THR A 103 -5.46 -6.01 6.98
C THR A 103 -5.06 -7.43 7.34
N CYS A 104 -3.86 -7.59 7.82
CA CYS A 104 -3.39 -8.94 8.18
C CYS A 104 -2.60 -8.86 9.48
N TYR A 105 -2.48 -9.95 10.18
CA TYR A 105 -1.70 -9.94 11.45
C TYR A 105 -1.01 -11.29 11.60
N PHE A 106 0.25 -11.30 11.93
CA PHE A 106 0.94 -12.61 12.06
C PHE A 106 1.93 -12.60 13.21
N ASN A 107 2.14 -13.73 13.83
CA ASN A 107 3.09 -13.78 14.97
C ASN A 107 3.84 -15.12 14.98
N GLN A 108 5.15 -15.06 15.00
CA GLN A 108 5.98 -16.30 15.03
C GLN A 108 6.24 -16.67 16.50
N HIS A 109 5.79 -15.84 17.41
CA HIS A 109 6.02 -16.12 18.85
C HIS A 109 5.65 -17.57 19.17
N GLN A 110 4.65 -18.11 18.53
CA GLN A 110 4.29 -19.52 18.80
C GLN A 110 5.38 -20.43 18.25
N ARG A 111 5.51 -20.49 16.96
CA ARG A 111 6.58 -21.33 16.35
C ARG A 111 6.71 -21.01 14.86
N PRO A 112 5.62 -21.04 14.12
CA PRO A 112 5.63 -20.76 12.67
C PRO A 112 5.22 -19.32 12.33
N ASP A 113 3.97 -19.11 12.06
CA ASP A 113 3.51 -17.75 11.71
C ASP A 113 1.99 -17.73 11.52
N ASP A 114 1.24 -17.65 12.59
CA ASP A 114 -0.24 -17.61 12.43
C ASP A 114 -0.56 -16.41 11.54
N VAL A 115 -1.60 -16.45 10.76
CA VAL A 115 -1.90 -15.28 9.88
C VAL A 115 -3.38 -14.88 9.94
N LEU A 116 -3.63 -13.61 9.83
CA LEU A 116 -5.03 -13.10 9.84
C LEU A 116 -5.28 -12.37 8.51
N LEU A 117 -6.49 -12.38 8.02
CA LEU A 117 -6.75 -11.70 6.71
C LEU A 117 -8.11 -10.97 6.73
N HIS A 118 -8.26 -9.98 7.55
CA HIS A 118 -9.56 -9.24 7.59
C HIS A 118 -9.68 -8.41 6.31
N ARG A 119 -10.88 -8.23 5.80
CA ARG A 119 -11.04 -7.45 4.53
C ARG A 119 -11.87 -6.18 4.77
N THR A 120 -11.67 -5.18 3.95
CA THR A 120 -12.45 -3.91 4.11
C THR A 120 -13.86 -4.12 3.56
N HIS A 121 -14.85 -3.59 4.23
CA HIS A 121 -16.25 -3.75 3.76
C HIS A 121 -16.84 -2.39 3.40
N ASP A 122 -17.42 -2.27 2.24
CA ASP A 122 -18.00 -0.96 1.83
C ASP A 122 -18.85 -0.40 2.97
N GLN A 1 6.21 -5.25 10.69
CA GLN A 1 7.12 -4.09 10.43
C GLN A 1 8.51 -4.41 10.98
N ASP A 2 8.64 -4.49 12.28
CA ASP A 2 9.97 -4.79 12.87
C ASP A 2 10.39 -6.20 12.47
N LEU A 3 11.67 -6.47 12.43
CA LEU A 3 12.14 -7.83 12.04
C LEU A 3 11.46 -8.87 12.93
N GLN A 4 11.17 -8.51 14.15
CA GLN A 4 10.49 -9.48 15.06
C GLN A 4 9.13 -9.85 14.49
N ALA A 5 8.71 -11.08 14.65
CA ALA A 5 7.40 -11.51 14.10
C ALA A 5 6.26 -10.97 14.99
N THR A 6 5.32 -10.27 14.41
CA THR A 6 4.19 -9.72 15.20
C THR A 6 3.13 -9.12 14.27
N GLU A 7 3.43 -7.99 13.69
CA GLU A 7 2.43 -7.32 12.81
C GLU A 7 2.87 -7.35 11.34
N ALA A 8 1.94 -7.59 10.46
CA ALA A 8 2.23 -7.59 9.01
C ALA A 8 0.96 -7.16 8.29
N ASN A 9 0.92 -5.99 7.73
CA ASN A 9 -0.34 -5.54 7.07
C ASN A 9 -0.23 -5.66 5.55
N CYS A 10 -1.29 -6.10 4.92
CA CYS A 10 -1.28 -6.27 3.45
C CYS A 10 -2.55 -5.62 2.90
N THR A 11 -2.47 -4.41 2.40
CA THR A 11 -3.73 -3.78 1.91
C THR A 11 -3.60 -3.25 0.50
N VAL A 12 -4.68 -3.34 -0.24
CA VAL A 12 -4.70 -2.80 -1.62
C VAL A 12 -5.35 -1.43 -1.53
N LEU A 13 -4.64 -0.41 -1.88
CA LEU A 13 -5.23 0.96 -1.79
C LEU A 13 -6.57 0.98 -2.50
N SER A 14 -7.45 1.84 -2.08
CA SER A 14 -8.78 1.95 -2.73
C SER A 14 -8.68 3.05 -3.78
N VAL A 15 -9.44 2.96 -4.83
CA VAL A 15 -9.35 4.01 -5.87
C VAL A 15 -10.46 5.04 -5.64
N GLN A 16 -10.09 6.26 -5.37
CA GLN A 16 -11.11 7.33 -5.13
C GLN A 16 -10.60 8.65 -5.71
N GLN A 17 -11.50 9.55 -6.02
CA GLN A 17 -11.08 10.86 -6.59
C GLN A 17 -10.38 11.71 -5.50
N ILE A 18 -9.76 12.78 -5.91
CA ILE A 18 -9.05 13.65 -4.93
C ILE A 18 -9.90 13.85 -3.67
N GLY A 19 -9.35 14.43 -2.65
CA GLY A 19 -10.12 14.65 -1.40
C GLY A 19 -9.82 13.51 -0.42
N GLU A 20 -8.92 12.64 -0.78
CA GLU A 20 -8.56 11.50 0.12
C GLU A 20 -7.07 11.57 0.46
N VAL A 21 -6.73 11.20 1.66
CA VAL A 21 -5.30 11.23 2.07
C VAL A 21 -4.86 9.83 2.48
N PHE A 22 -3.66 9.45 2.13
CA PHE A 22 -3.16 8.10 2.50
C PHE A 22 -1.86 8.22 3.27
N GLU A 23 -1.50 7.22 4.02
CA GLU A 23 -0.24 7.30 4.82
C GLU A 23 0.84 6.41 4.19
N CYS A 24 2.08 6.78 4.34
CA CYS A 24 3.18 5.96 3.79
C CYS A 24 3.89 5.26 4.95
N THR A 25 4.62 4.20 4.70
CA THR A 25 5.30 3.50 5.82
C THR A 25 6.82 3.52 5.63
N PHE A 26 7.54 3.71 6.70
CA PHE A 26 9.02 3.72 6.62
C PHE A 26 9.60 3.17 7.93
N THR A 27 10.82 2.73 7.90
CA THR A 27 11.44 2.19 9.14
C THR A 27 12.83 2.79 9.33
N CYS A 28 13.21 3.04 10.55
CA CYS A 28 14.55 3.63 10.82
C CYS A 28 15.27 2.77 11.86
N GLY A 29 16.54 3.00 12.06
CA GLY A 29 17.30 2.18 13.05
C GLY A 29 17.11 2.76 14.45
N ALA A 30 17.66 2.13 15.44
CA ALA A 30 17.50 2.65 16.84
C ALA A 30 16.09 2.31 17.33
N ASP A 31 15.50 1.28 16.80
CA ASP A 31 14.13 0.89 17.22
C ASP A 31 13.18 2.07 17.04
N CYS A 32 13.25 2.74 15.92
CA CYS A 32 12.35 3.89 15.67
C CYS A 32 11.64 3.71 14.32
N ARG A 33 10.33 3.67 14.35
CA ARG A 33 9.56 3.49 13.09
C ARG A 33 8.42 4.51 13.05
N GLY A 34 7.91 4.83 11.89
CA GLY A 34 6.80 5.82 11.83
C GLY A 34 6.17 5.83 10.44
N THR A 35 5.15 6.64 10.26
CA THR A 35 4.48 6.72 8.93
C THR A 35 4.41 8.17 8.47
N SER A 36 4.21 8.39 7.20
CA SER A 36 4.13 9.79 6.68
C SER A 36 2.75 10.00 6.05
N GLN A 37 2.27 11.21 6.01
CA GLN A 37 0.93 11.48 5.43
C GLN A 37 1.08 12.30 4.14
N TYR A 38 0.47 11.86 3.07
CA TYR A 38 0.58 12.60 1.79
C TYR A 38 -0.80 12.64 1.10
N PRO A 39 -1.02 13.59 0.21
CA PRO A 39 -2.32 13.71 -0.52
C PRO A 39 -2.78 12.39 -1.16
N CYS A 40 -3.49 12.47 -2.24
CA CYS A 40 -3.97 11.22 -2.91
C CYS A 40 -2.80 10.54 -3.63
N VAL A 41 -2.79 9.23 -3.64
CA VAL A 41 -1.67 8.50 -4.33
C VAL A 41 -2.25 7.50 -5.31
N GLN A 42 -1.44 7.01 -6.22
CA GLN A 42 -1.94 6.02 -7.22
C GLN A 42 -2.55 4.81 -6.51
N VAL A 43 -2.63 3.70 -7.19
CA VAL A 43 -3.21 2.47 -6.58
C VAL A 43 -2.17 1.35 -6.55
N TYR A 44 -2.15 0.57 -5.51
CA TYR A 44 -1.15 -0.52 -5.43
C TYR A 44 -1.36 -1.33 -4.15
N VAL A 45 -0.31 -1.79 -3.51
CA VAL A 45 -0.49 -2.58 -2.26
C VAL A 45 0.56 -2.17 -1.23
N ASN A 46 0.16 -2.00 -0.01
CA ASN A 46 1.13 -1.64 1.04
C ASN A 46 1.65 -2.91 1.68
N ASN A 47 2.88 -3.24 1.46
CA ASN A 47 3.42 -4.49 2.06
C ASN A 47 4.06 -4.16 3.41
N SER A 48 3.27 -4.16 4.45
CA SER A 48 3.82 -3.86 5.78
C SER A 48 4.24 -5.17 6.44
N GLU A 49 4.43 -6.20 5.64
CA GLU A 49 4.84 -7.51 6.19
C GLU A 49 6.31 -7.42 6.59
N SER A 50 6.95 -6.37 6.16
CA SER A 50 8.39 -6.16 6.50
C SER A 50 8.75 -4.72 6.14
N ASN A 51 7.85 -3.81 6.40
CA ASN A 51 8.11 -2.37 6.08
C ASN A 51 8.33 -2.21 4.58
N SER A 52 7.51 -2.83 3.76
CA SER A 52 7.69 -2.69 2.28
C SER A 52 6.48 -1.93 1.70
N ARG A 53 6.72 -1.10 0.71
CA ARG A 53 5.61 -0.32 0.09
C ARG A 53 5.65 -0.52 -1.43
N ALA A 54 4.57 -0.95 -2.01
CA ALA A 54 4.54 -1.14 -3.49
C ALA A 54 3.72 -0.01 -4.12
N LEU A 55 4.27 0.67 -5.09
CA LEU A 55 3.53 1.79 -5.73
C LEU A 55 3.31 1.50 -7.21
N LEU A 56 2.07 1.50 -7.64
CA LEU A 56 1.77 1.21 -9.07
C LEU A 56 0.89 2.34 -9.63
N HIS A 57 1.12 2.71 -10.87
CA HIS A 57 0.29 3.79 -11.46
C HIS A 57 -0.93 3.19 -12.14
N SER A 58 -2.11 3.53 -11.70
CA SER A 58 -3.33 2.98 -12.32
C SER A 58 -3.39 3.41 -13.78
N ASP A 59 -3.04 4.65 -14.05
CA ASP A 59 -3.06 5.14 -15.46
C ASP A 59 -2.48 6.55 -15.50
N GLU A 60 -1.91 6.94 -16.60
CA GLU A 60 -1.33 8.30 -16.70
C GLU A 60 -2.46 9.33 -16.64
N HIS A 61 -3.59 9.03 -17.23
CA HIS A 61 -4.72 10.00 -17.20
C HIS A 61 -5.04 10.35 -15.76
N GLN A 62 -5.00 9.39 -14.87
CA GLN A 62 -5.30 9.68 -13.45
C GLN A 62 -4.28 10.69 -12.92
N LEU A 63 -3.03 10.53 -13.29
CA LEU A 63 -1.98 11.48 -12.83
C LEU A 63 -2.29 12.87 -13.40
N LEU A 64 -2.63 12.93 -14.66
CA LEU A 64 -2.97 14.24 -15.28
C LEU A 64 -4.26 14.75 -14.63
N THR A 65 -5.11 13.86 -14.23
CA THR A 65 -6.38 14.26 -13.59
C THR A 65 -6.11 14.81 -12.19
N ASN A 66 -5.18 14.22 -11.48
CA ASN A 66 -4.86 14.71 -10.12
C ASN A 66 -3.35 14.84 -9.93
N PRO A 67 -2.74 15.76 -10.63
CA PRO A 67 -1.27 15.99 -10.54
C PRO A 67 -0.81 16.25 -9.09
N LYS A 68 -1.72 16.63 -8.23
CA LYS A 68 -1.34 16.91 -6.82
C LYS A 68 -1.29 15.59 -6.03
N CYS A 69 -1.63 14.50 -6.65
CA CYS A 69 -1.60 13.20 -5.93
C CYS A 69 -0.16 12.79 -5.61
N SER A 70 0.78 13.15 -6.45
CA SER A 70 2.20 12.75 -6.18
C SER A 70 3.15 13.91 -6.50
N TYR A 71 2.66 15.12 -6.51
CA TYR A 71 3.57 16.26 -6.82
C TYR A 71 4.58 16.42 -5.68
N ILE A 72 4.24 15.93 -4.51
CA ILE A 72 5.19 16.03 -3.36
C ILE A 72 6.04 14.76 -3.30
N PRO A 73 7.21 14.84 -2.71
CA PRO A 73 8.13 13.69 -2.58
C PRO A 73 7.39 12.37 -2.27
N PRO A 74 7.18 11.55 -3.27
CA PRO A 74 6.47 10.25 -3.09
C PRO A 74 7.41 9.14 -2.60
N CYS A 75 6.91 8.21 -1.82
CA CYS A 75 7.78 7.11 -1.33
C CYS A 75 7.53 5.85 -2.16
N LYS A 76 8.47 5.46 -2.98
CA LYS A 76 8.28 4.24 -3.81
C LYS A 76 9.55 3.40 -3.79
N ARG A 77 9.40 2.10 -3.69
CA ARG A 77 10.59 1.22 -3.67
C ARG A 77 11.24 1.22 -5.06
N GLU A 78 10.44 1.23 -6.09
CA GLU A 78 11.02 1.23 -7.47
C GLU A 78 10.23 2.20 -8.35
N ASN A 79 10.85 2.71 -9.38
CA ASN A 79 10.13 3.65 -10.29
C ASN A 79 8.87 2.95 -10.81
N GLN A 80 8.96 1.66 -11.01
CA GLN A 80 7.79 0.90 -11.50
C GLN A 80 7.34 1.45 -12.86
N LYS A 81 7.72 0.80 -13.92
CA LYS A 81 7.31 1.28 -15.28
C LYS A 81 5.83 0.97 -15.51
N ASN A 82 5.17 1.73 -16.34
CA ASN A 82 3.72 1.49 -16.60
C ASN A 82 3.53 0.80 -17.95
N LEU A 83 2.89 -0.34 -17.96
CA LEU A 83 2.66 -1.07 -19.23
C LEU A 83 1.25 -1.66 -19.23
N GLU A 84 0.84 -2.25 -20.33
CA GLU A 84 -0.53 -2.83 -20.39
C GLU A 84 -0.67 -3.88 -19.28
N SER A 85 0.38 -4.55 -18.94
CA SER A 85 0.30 -5.58 -17.87
C SER A 85 -0.22 -4.92 -16.59
N VAL A 86 0.15 -3.69 -16.36
CA VAL A 86 -0.32 -3.00 -15.13
C VAL A 86 -1.84 -2.92 -15.15
N MET A 87 -2.44 -2.70 -16.29
CA MET A 87 -3.92 -2.64 -16.34
C MET A 87 -4.46 -3.96 -15.81
N ASN A 88 -3.81 -5.04 -16.13
CA ASN A 88 -4.28 -6.37 -15.64
C ASN A 88 -4.30 -6.37 -14.11
N TRP A 89 -3.36 -5.73 -13.49
CA TRP A 89 -3.33 -5.70 -12.00
C TRP A 89 -4.63 -5.08 -11.49
N GLN A 90 -5.08 -4.01 -12.09
CA GLN A 90 -6.34 -3.38 -11.64
C GLN A 90 -7.48 -4.41 -11.75
N GLN A 91 -7.50 -5.14 -12.82
CA GLN A 91 -8.56 -6.16 -13.02
C GLN A 91 -8.41 -7.29 -12.00
N TYR A 92 -7.21 -7.61 -11.63
CA TYR A 92 -7.00 -8.73 -10.67
C TYR A 92 -7.72 -8.49 -9.34
N TRP A 93 -7.52 -7.37 -8.70
CA TRP A 93 -8.20 -7.15 -7.40
C TRP A 93 -9.61 -6.60 -7.63
N LYS A 94 -9.83 -5.87 -8.69
CA LYS A 94 -11.20 -5.34 -8.91
C LYS A 94 -12.18 -6.51 -9.01
N ASP A 95 -11.82 -7.54 -9.73
CA ASP A 95 -12.73 -8.71 -9.87
C ASP A 95 -12.83 -9.46 -8.54
N GLU A 96 -11.72 -9.66 -7.87
CA GLU A 96 -11.75 -10.39 -6.57
C GLU A 96 -12.24 -9.45 -5.48
N ILE A 97 -11.62 -8.31 -5.33
CA ILE A 97 -12.04 -7.35 -4.29
C ILE A 97 -12.13 -5.94 -4.88
N GLY A 98 -13.32 -5.40 -4.96
CA GLY A 98 -13.46 -4.03 -5.53
C GLY A 98 -12.86 -3.00 -4.58
N SER A 99 -11.68 -2.51 -4.90
CA SER A 99 -11.01 -1.49 -4.04
C SER A 99 -11.34 -1.74 -2.56
N GLN A 100 -10.84 -2.81 -2.01
CA GLN A 100 -11.12 -3.12 -0.58
C GLN A 100 -9.81 -3.48 0.14
N PRO A 101 -9.10 -2.50 0.63
CA PRO A 101 -7.81 -2.72 1.34
C PRO A 101 -7.96 -3.75 2.47
N PHE A 102 -6.89 -4.43 2.82
CA PHE A 102 -6.99 -5.44 3.91
C PHE A 102 -5.76 -5.38 4.81
N THR A 103 -5.88 -5.84 6.02
CA THR A 103 -4.73 -5.80 6.95
C THR A 103 -4.46 -7.22 7.46
N CYS A 104 -3.26 -7.46 7.87
CA CYS A 104 -2.91 -8.81 8.37
C CYS A 104 -2.04 -8.68 9.63
N TYR A 105 -1.97 -9.72 10.40
CA TYR A 105 -1.14 -9.69 11.63
C TYR A 105 -0.52 -11.07 11.81
N PHE A 106 0.75 -11.16 12.07
CA PHE A 106 1.35 -12.51 12.23
C PHE A 106 2.42 -12.49 13.32
N ASN A 107 2.50 -13.54 14.09
CA ASN A 107 3.50 -13.57 15.18
C ASN A 107 4.08 -14.99 15.36
N GLN A 108 5.38 -15.08 15.44
CA GLN A 108 6.04 -16.40 15.64
C GLN A 108 6.17 -16.63 17.14
N HIS A 109 5.81 -15.65 17.93
CA HIS A 109 5.92 -15.79 19.40
C HIS A 109 5.30 -17.12 19.84
N GLN A 110 4.27 -17.57 19.18
CA GLN A 110 3.66 -18.86 19.57
C GLN A 110 4.64 -19.98 19.22
N ARG A 111 4.85 -20.23 17.96
CA ARG A 111 5.81 -21.28 17.54
C ARG A 111 6.08 -21.17 16.04
N PRO A 112 5.05 -21.12 15.22
CA PRO A 112 5.18 -21.04 13.75
C PRO A 112 4.97 -19.62 13.21
N ASP A 113 3.78 -19.32 12.78
CA ASP A 113 3.50 -17.97 12.22
C ASP A 113 2.00 -17.74 12.12
N ASP A 114 1.33 -17.55 13.23
CA ASP A 114 -0.14 -17.31 13.14
C ASP A 114 -0.36 -16.16 12.17
N VAL A 115 -1.49 -16.11 11.50
CA VAL A 115 -1.71 -15.00 10.52
C VAL A 115 -3.13 -14.44 10.62
N LEU A 116 -3.29 -13.17 10.39
CA LEU A 116 -4.64 -12.54 10.44
C LEU A 116 -4.96 -11.98 9.06
N LEU A 117 -6.21 -11.96 8.67
CA LEU A 117 -6.56 -11.43 7.32
C LEU A 117 -7.83 -10.57 7.38
N HIS A 118 -7.80 -9.47 8.09
CA HIS A 118 -9.01 -8.60 8.17
C HIS A 118 -9.16 -7.84 6.85
N ARG A 119 -10.35 -7.45 6.50
CA ARG A 119 -10.56 -6.71 5.22
C ARG A 119 -11.10 -5.30 5.50
N THR A 120 -10.82 -4.37 4.61
CA THR A 120 -11.32 -2.96 4.82
C THR A 120 -12.71 -2.83 4.21
N HIS A 121 -13.58 -2.12 4.89
CA HIS A 121 -14.97 -1.94 4.35
C HIS A 121 -15.21 -0.45 4.08
N ASP A 122 -15.83 -0.15 2.96
CA ASP A 122 -16.10 1.28 2.64
C ASP A 122 -17.25 1.80 3.50
N GLN A 1 12.00 -3.87 9.89
CA GLN A 1 11.71 -5.10 10.66
C GLN A 1 11.20 -4.72 12.06
N ASP A 2 10.05 -5.21 12.45
CA ASP A 2 9.52 -4.88 13.79
C ASP A 2 10.36 -5.59 14.85
N LEU A 3 10.47 -5.02 16.03
CA LEU A 3 11.27 -5.67 17.09
C LEU A 3 10.77 -7.10 17.28
N GLN A 4 9.49 -7.31 17.16
CA GLN A 4 8.94 -8.68 17.33
C GLN A 4 7.80 -8.89 16.32
N ALA A 5 7.60 -10.12 15.90
CA ALA A 5 6.51 -10.41 14.92
C ALA A 5 5.16 -10.17 15.59
N THR A 6 4.24 -9.55 14.90
CA THR A 6 2.90 -9.29 15.51
C THR A 6 1.93 -8.73 14.46
N GLU A 7 2.18 -7.53 14.02
CA GLU A 7 1.25 -6.91 13.04
C GLU A 7 1.90 -6.77 11.66
N ALA A 8 1.12 -7.04 10.64
CA ALA A 8 1.61 -6.92 9.24
C ALA A 8 0.40 -6.59 8.39
N ASN A 9 0.30 -5.40 7.86
CA ASN A 9 -0.91 -5.07 7.06
C ASN A 9 -0.61 -5.13 5.56
N CYS A 10 -1.54 -5.67 4.81
CA CYS A 10 -1.35 -5.80 3.36
C CYS A 10 -2.61 -5.26 2.70
N THR A 11 -2.56 -4.06 2.19
CA THR A 11 -3.81 -3.50 1.62
C THR A 11 -3.62 -3.03 0.19
N VAL A 12 -4.69 -3.05 -0.57
CA VAL A 12 -4.63 -2.56 -1.96
C VAL A 12 -5.15 -1.13 -1.94
N LEU A 13 -4.30 -0.19 -2.23
CA LEU A 13 -4.72 1.24 -2.21
C LEU A 13 -6.17 1.37 -2.69
N SER A 14 -6.85 2.37 -2.22
CA SER A 14 -8.25 2.57 -2.64
C SER A 14 -8.24 3.60 -3.78
N VAL A 15 -8.99 3.37 -4.82
CA VAL A 15 -8.97 4.35 -5.94
C VAL A 15 -10.17 5.30 -5.82
N GLN A 16 -9.90 6.56 -5.63
CA GLN A 16 -10.99 7.56 -5.50
C GLN A 16 -10.58 8.88 -6.16
N GLN A 17 -11.52 9.68 -6.57
CA GLN A 17 -11.16 10.98 -7.21
C GLN A 17 -10.65 11.96 -6.15
N ILE A 18 -9.42 11.83 -5.75
CA ILE A 18 -8.87 12.76 -4.73
C ILE A 18 -9.79 12.81 -3.51
N GLY A 19 -9.37 13.42 -2.44
CA GLY A 19 -10.23 13.51 -1.22
C GLY A 19 -9.86 12.38 -0.25
N GLU A 20 -8.87 11.60 -0.59
CA GLU A 20 -8.46 10.48 0.32
C GLU A 20 -7.02 10.69 0.77
N VAL A 21 -6.72 10.34 2.00
CA VAL A 21 -5.35 10.50 2.52
C VAL A 21 -4.81 9.13 2.93
N PHE A 22 -3.60 8.83 2.56
CA PHE A 22 -3.02 7.50 2.92
C PHE A 22 -1.75 7.70 3.75
N GLU A 23 -1.39 6.73 4.55
CA GLU A 23 -0.17 6.87 5.39
C GLU A 23 0.92 5.96 4.84
N CYS A 24 2.15 6.39 4.92
CA CYS A 24 3.29 5.56 4.42
C CYS A 24 4.05 5.04 5.64
N THR A 25 4.80 3.99 5.48
CA THR A 25 5.56 3.44 6.64
C THR A 25 7.07 3.50 6.36
N PHE A 26 7.86 3.65 7.38
CA PHE A 26 9.33 3.71 7.20
C PHE A 26 10.01 3.23 8.48
N THR A 27 11.27 2.89 8.41
CA THR A 27 11.99 2.41 9.61
C THR A 27 13.31 3.15 9.76
N CYS A 28 13.71 3.44 10.97
CA CYS A 28 14.99 4.16 11.19
C CYS A 28 15.84 3.39 12.21
N GLY A 29 17.07 3.74 12.38
CA GLY A 29 17.93 3.02 13.35
C GLY A 29 17.70 3.59 14.76
N ALA A 30 18.34 3.02 15.75
CA ALA A 30 18.13 3.52 17.14
C ALA A 30 16.78 3.03 17.65
N ASP A 31 16.30 1.95 17.11
CA ASP A 31 14.98 1.39 17.56
C ASP A 31 13.89 2.47 17.42
N CYS A 32 13.84 3.14 16.30
CA CYS A 32 12.80 4.18 16.10
C CYS A 32 12.04 3.90 14.79
N ARG A 33 10.74 3.84 14.87
CA ARG A 33 9.92 3.57 13.64
C ARG A 33 8.77 4.58 13.57
N GLY A 34 8.29 4.89 12.40
CA GLY A 34 7.17 5.87 12.32
C GLY A 34 6.48 5.79 10.96
N THR A 35 5.44 6.57 10.76
CA THR A 35 4.72 6.55 9.46
C THR A 35 4.61 7.98 8.93
N SER A 36 4.36 8.13 7.65
CA SER A 36 4.23 9.49 7.05
C SER A 36 2.85 9.65 6.43
N GLN A 37 2.35 10.86 6.36
CA GLN A 37 1.01 11.08 5.76
C GLN A 37 1.14 11.88 4.46
N TYR A 38 0.39 11.51 3.46
CA TYR A 38 0.49 12.25 2.16
C TYR A 38 -0.88 12.21 1.46
N PRO A 39 -1.15 13.14 0.57
CA PRO A 39 -2.44 13.19 -0.18
C PRO A 39 -2.79 11.85 -0.84
N CYS A 40 -3.48 11.89 -1.95
CA CYS A 40 -3.86 10.63 -2.64
C CYS A 40 -2.68 10.10 -3.45
N VAL A 41 -2.58 8.81 -3.60
CA VAL A 41 -1.46 8.21 -4.38
C VAL A 41 -2.03 7.24 -5.41
N GLN A 42 -1.22 6.82 -6.36
CA GLN A 42 -1.71 5.87 -7.39
C GLN A 42 -2.26 4.61 -6.72
N VAL A 43 -2.36 3.52 -7.44
CA VAL A 43 -2.92 2.27 -6.82
C VAL A 43 -1.94 1.11 -6.88
N TYR A 44 -1.92 0.31 -5.86
CA TYR A 44 -1.02 -0.89 -5.82
C TYR A 44 -1.25 -1.66 -4.51
N VAL A 45 -0.20 -1.99 -3.81
CA VAL A 45 -0.37 -2.73 -2.54
C VAL A 45 0.59 -2.20 -1.48
N ASN A 46 0.10 -2.00 -0.28
CA ASN A 46 0.99 -1.50 0.80
C ASN A 46 1.58 -2.71 1.53
N ASN A 47 2.88 -2.82 1.59
CA ASN A 47 3.49 -3.97 2.28
C ASN A 47 3.91 -3.56 3.69
N SER A 48 3.01 -3.65 4.63
CA SER A 48 3.35 -3.27 6.03
C SER A 48 3.88 -4.49 6.75
N GLU A 49 4.53 -5.37 6.05
CA GLU A 49 5.09 -6.59 6.69
C GLU A 49 6.13 -6.16 7.71
N SER A 50 6.53 -4.91 7.65
CA SER A 50 7.54 -4.39 8.60
C SER A 50 7.55 -2.86 8.50
N ASN A 51 7.51 -2.34 7.30
CA ASN A 51 7.51 -0.86 7.13
C ASN A 51 7.76 -0.51 5.65
N SER A 52 7.07 -1.16 4.75
CA SER A 52 7.28 -0.85 3.30
C SER A 52 5.94 -0.55 2.61
N ARG A 53 5.95 0.33 1.66
CA ARG A 53 4.69 0.65 0.92
C ARG A 53 4.97 0.59 -0.58
N ALA A 54 4.23 -0.19 -1.32
CA ALA A 54 4.47 -0.28 -2.78
C ALA A 54 3.43 0.53 -3.55
N LEU A 55 3.87 1.41 -4.41
CA LEU A 55 2.92 2.25 -5.21
C LEU A 55 3.12 1.96 -6.70
N LEU A 56 2.05 1.71 -7.41
CA LEU A 56 2.14 1.41 -8.86
C LEU A 56 1.31 2.42 -9.63
N HIS A 57 1.75 2.82 -10.80
CA HIS A 57 0.95 3.80 -11.58
C HIS A 57 -0.01 3.02 -12.50
N SER A 58 -1.28 3.19 -12.31
CA SER A 58 -2.25 2.48 -13.18
C SER A 58 -2.17 3.06 -14.59
N ASP A 59 -2.02 4.35 -14.69
CA ASP A 59 -1.91 5.00 -16.02
C ASP A 59 -1.69 6.50 -15.84
N GLU A 60 -1.10 7.14 -16.80
CA GLU A 60 -0.89 8.61 -16.67
C GLU A 60 -2.25 9.30 -16.62
N HIS A 61 -3.20 8.79 -17.35
CA HIS A 61 -4.56 9.40 -17.33
C HIS A 61 -5.08 9.43 -15.90
N GLN A 62 -4.84 8.39 -15.16
CA GLN A 62 -5.32 8.36 -13.75
C GLN A 62 -4.68 9.53 -13.00
N LEU A 63 -3.43 9.79 -13.26
CA LEU A 63 -2.74 10.92 -12.59
C LEU A 63 -3.47 12.20 -12.99
N LEU A 64 -3.83 12.33 -14.24
CA LEU A 64 -4.57 13.54 -14.69
C LEU A 64 -5.90 13.57 -13.95
N THR A 65 -6.45 12.41 -13.68
CA THR A 65 -7.73 12.31 -12.95
C THR A 65 -7.50 12.64 -11.47
N ASN A 66 -6.33 12.37 -10.98
CA ASN A 66 -6.02 12.65 -9.55
C ASN A 66 -4.75 13.47 -9.47
N PRO A 67 -4.82 14.70 -9.92
CA PRO A 67 -3.65 15.61 -9.92
C PRO A 67 -3.23 15.99 -8.51
N LYS A 68 -1.97 16.25 -8.31
CA LYS A 68 -1.47 16.62 -6.96
C LYS A 68 -1.62 15.42 -6.03
N CYS A 69 -1.38 14.24 -6.54
CA CYS A 69 -1.50 13.01 -5.72
C CYS A 69 -0.11 12.48 -5.38
N SER A 70 0.59 11.96 -6.35
CA SER A 70 1.96 11.42 -6.08
C SER A 70 3.02 12.50 -6.38
N TYR A 71 2.60 13.69 -6.72
CA TYR A 71 3.60 14.76 -7.03
C TYR A 71 4.46 15.04 -5.80
N ILE A 72 3.90 15.01 -4.63
CA ILE A 72 4.72 15.27 -3.42
C ILE A 72 5.53 14.01 -3.09
N PRO A 73 6.65 14.16 -2.45
CA PRO A 73 7.54 13.03 -2.08
C PRO A 73 6.76 11.74 -1.81
N PRO A 74 6.59 10.91 -2.81
CA PRO A 74 5.86 9.63 -2.70
C PRO A 74 6.79 8.46 -2.34
N CYS A 75 6.31 7.50 -1.61
CA CYS A 75 7.16 6.34 -1.23
C CYS A 75 6.82 5.16 -2.14
N LYS A 76 7.70 4.81 -3.04
CA LYS A 76 7.43 3.67 -3.96
C LYS A 76 8.67 2.79 -4.08
N ARG A 77 8.50 1.53 -4.42
CA ARG A 77 9.68 0.64 -4.58
C ARG A 77 10.54 1.17 -5.72
N GLU A 78 9.93 1.82 -6.69
CA GLU A 78 10.67 2.38 -7.86
C GLU A 78 10.78 1.32 -8.96
N ASN A 79 9.75 0.52 -9.12
CA ASN A 79 9.79 -0.54 -10.17
C ASN A 79 9.94 0.13 -11.55
N GLN A 80 9.38 1.30 -11.72
CA GLN A 80 9.48 2.00 -13.03
C GLN A 80 8.91 1.11 -14.15
N LYS A 81 7.73 0.58 -13.95
CA LYS A 81 7.12 -0.30 -14.99
C LYS A 81 5.79 0.30 -15.45
N ASN A 82 5.63 0.52 -16.72
CA ASN A 82 4.36 1.10 -17.25
C ASN A 82 3.82 0.21 -18.37
N LEU A 83 3.91 -1.08 -18.22
CA LEU A 83 3.41 -1.99 -19.28
C LEU A 83 1.90 -2.15 -19.17
N GLU A 84 1.27 -2.53 -20.25
CA GLU A 84 -0.21 -2.70 -20.23
C GLU A 84 -0.58 -3.74 -19.18
N SER A 85 0.31 -4.63 -18.87
CA SER A 85 0.01 -5.68 -17.85
C SER A 85 -0.39 -5.00 -16.55
N VAL A 86 0.18 -3.86 -16.25
CA VAL A 86 -0.19 -3.16 -14.99
C VAL A 86 -1.69 -2.83 -15.02
N MET A 87 -2.19 -2.43 -16.14
CA MET A 87 -3.66 -2.12 -16.20
C MET A 87 -4.42 -3.37 -15.76
N ASN A 88 -3.95 -4.51 -16.17
CA ASN A 88 -4.63 -5.78 -15.76
C ASN A 88 -4.64 -5.90 -14.24
N TRP A 89 -3.59 -5.47 -13.60
CA TRP A 89 -3.55 -5.57 -12.11
C TRP A 89 -4.73 -4.80 -11.52
N GLN A 90 -4.97 -3.61 -12.00
CA GLN A 90 -6.10 -2.80 -11.46
C GLN A 90 -7.41 -3.45 -11.90
N GLN A 91 -7.43 -4.01 -13.08
CA GLN A 91 -8.68 -4.67 -13.57
C GLN A 91 -8.98 -5.87 -12.68
N TYR A 92 -7.97 -6.59 -12.27
CA TYR A 92 -8.20 -7.77 -11.41
C TYR A 92 -8.71 -7.34 -10.02
N TRP A 93 -8.03 -6.45 -9.38
CA TRP A 93 -8.49 -6.01 -8.03
C TRP A 93 -9.76 -5.19 -8.16
N LYS A 94 -9.84 -4.32 -9.12
CA LYS A 94 -11.06 -3.49 -9.27
C LYS A 94 -12.28 -4.40 -9.47
N ASP A 95 -12.16 -5.38 -10.31
CA ASP A 95 -13.31 -6.30 -10.56
C ASP A 95 -13.51 -7.23 -9.35
N GLU A 96 -12.46 -7.78 -8.81
CA GLU A 96 -12.62 -8.69 -7.65
C GLU A 96 -13.04 -7.88 -6.43
N ILE A 97 -12.44 -6.74 -6.25
CA ILE A 97 -12.81 -5.89 -5.09
C ILE A 97 -12.86 -4.43 -5.53
N GLY A 98 -13.97 -3.78 -5.33
CA GLY A 98 -14.08 -2.35 -5.74
C GLY A 98 -13.35 -1.48 -4.71
N SER A 99 -12.13 -1.12 -5.00
CA SER A 99 -11.36 -0.27 -4.04
C SER A 99 -11.61 -0.76 -2.61
N GLN A 100 -11.07 -1.89 -2.26
CA GLN A 100 -11.28 -2.42 -0.88
C GLN A 100 -9.96 -2.92 -0.28
N PRO A 101 -9.16 -2.04 0.25
CA PRO A 101 -7.86 -2.39 0.88
C PRO A 101 -8.07 -3.41 2.02
N PHE A 102 -7.05 -4.16 2.40
CA PHE A 102 -7.24 -5.15 3.50
C PHE A 102 -6.06 -5.11 4.47
N THR A 103 -6.30 -5.50 5.70
CA THR A 103 -5.22 -5.50 6.72
C THR A 103 -4.93 -6.92 7.15
N CYS A 104 -3.77 -7.16 7.65
CA CYS A 104 -3.39 -8.52 8.09
C CYS A 104 -2.58 -8.43 9.38
N TYR A 105 -2.49 -9.50 10.12
CA TYR A 105 -1.70 -9.47 11.38
C TYR A 105 -0.99 -10.80 11.52
N PHE A 106 0.25 -10.81 11.95
CA PHE A 106 0.95 -12.11 12.08
C PHE A 106 1.91 -12.09 13.26
N ASN A 107 2.08 -13.23 13.90
CA ASN A 107 2.99 -13.29 15.07
C ASN A 107 3.72 -14.63 15.11
N GLN A 108 5.02 -14.59 15.16
CA GLN A 108 5.83 -15.84 15.23
C GLN A 108 6.03 -16.21 16.70
N HIS A 109 5.57 -15.37 17.58
CA HIS A 109 5.73 -15.64 19.04
C HIS A 109 5.30 -17.08 19.34
N GLN A 110 4.30 -17.58 18.65
CA GLN A 110 3.87 -18.97 18.90
C GLN A 110 4.96 -19.92 18.42
N ARG A 111 5.16 -19.99 17.13
CA ARG A 111 6.23 -20.87 16.59
C ARG A 111 6.45 -20.58 15.10
N PRO A 112 5.41 -20.60 14.30
CA PRO A 112 5.51 -20.35 12.85
C PRO A 112 5.15 -18.92 12.45
N ASP A 113 3.93 -18.71 12.03
CA ASP A 113 3.52 -17.34 11.61
C ASP A 113 2.00 -17.28 11.46
N ASP A 114 1.28 -17.18 12.55
CA ASP A 114 -0.20 -17.10 12.44
C ASP A 114 -0.52 -15.90 11.56
N VAL A 115 -1.60 -15.93 10.81
CA VAL A 115 -1.91 -14.77 9.92
C VAL A 115 -3.39 -14.41 9.96
N LEU A 116 -3.68 -13.14 9.83
CA LEU A 116 -5.10 -12.66 9.84
C LEU A 116 -5.37 -11.94 8.51
N LEU A 117 -6.57 -11.99 8.02
CA LEU A 117 -6.87 -11.31 6.72
C LEU A 117 -8.13 -10.42 6.85
N HIS A 118 -8.08 -9.42 7.67
CA HIS A 118 -9.26 -8.53 7.81
C HIS A 118 -9.39 -7.67 6.55
N ARG A 119 -10.57 -7.17 6.27
CA ARG A 119 -10.75 -6.34 5.03
C ARG A 119 -11.11 -4.89 5.41
N THR A 120 -10.76 -3.95 4.57
CA THR A 120 -11.07 -2.53 4.87
C THR A 120 -12.52 -2.23 4.46
N HIS A 121 -13.23 -1.47 5.26
CA HIS A 121 -14.64 -1.14 4.93
C HIS A 121 -14.79 0.39 4.78
N ASP A 122 -15.34 0.83 3.68
CA ASP A 122 -15.50 2.30 3.48
C ASP A 122 -16.42 2.86 4.56
N GLN A 1 13.23 -7.78 10.71
CA GLN A 1 13.39 -8.47 12.02
C GLN A 1 13.50 -7.42 13.14
N ASP A 2 13.78 -6.20 12.80
CA ASP A 2 13.90 -5.14 13.83
C ASP A 2 12.60 -5.08 14.63
N LEU A 3 11.49 -5.14 13.95
CA LEU A 3 10.18 -5.10 14.64
C LEU A 3 9.76 -6.52 14.99
N GLN A 4 9.16 -6.72 16.13
CA GLN A 4 8.75 -8.10 16.50
C GLN A 4 7.51 -8.49 15.69
N ALA A 5 7.46 -9.71 15.20
CA ALA A 5 6.29 -10.13 14.39
C ALA A 5 5.02 -10.02 15.22
N THR A 6 3.97 -9.51 14.64
CA THR A 6 2.68 -9.36 15.36
C THR A 6 1.64 -8.81 14.39
N GLU A 7 1.89 -7.65 13.86
CA GLU A 7 0.91 -7.03 12.92
C GLU A 7 1.50 -6.86 11.52
N ALA A 8 0.71 -7.16 10.52
CA ALA A 8 1.16 -7.00 9.12
C ALA A 8 -0.08 -6.70 8.29
N ASN A 9 -0.24 -5.50 7.81
CA ASN A 9 -1.47 -5.20 7.02
C ASN A 9 -1.17 -5.21 5.53
N CYS A 10 -2.05 -5.78 4.76
CA CYS A 10 -1.85 -5.86 3.30
C CYS A 10 -3.14 -5.38 2.65
N THR A 11 -3.18 -4.15 2.20
CA THR A 11 -4.45 -3.66 1.62
C THR A 11 -4.26 -3.05 0.24
N VAL A 12 -5.30 -3.13 -0.55
CA VAL A 12 -5.26 -2.52 -1.90
C VAL A 12 -6.00 -1.20 -1.79
N LEU A 13 -5.34 -0.11 -2.03
CA LEU A 13 -6.01 1.21 -1.91
C LEU A 13 -7.26 1.22 -2.79
N SER A 14 -8.16 2.12 -2.54
CA SER A 14 -9.39 2.19 -3.38
C SER A 14 -9.15 3.23 -4.47
N VAL A 15 -9.84 3.14 -5.57
CA VAL A 15 -9.59 4.12 -6.66
C VAL A 15 -10.58 5.28 -6.56
N GLN A 16 -10.12 6.41 -6.10
CA GLN A 16 -11.01 7.60 -5.98
C GLN A 16 -10.20 8.85 -6.31
N GLN A 17 -10.85 9.90 -6.73
CA GLN A 17 -10.10 11.14 -7.07
C GLN A 17 -10.05 12.08 -5.86
N ILE A 18 -8.88 12.27 -5.30
CA ILE A 18 -8.75 13.18 -4.12
C ILE A 18 -9.80 12.82 -3.07
N GLY A 19 -9.74 13.43 -1.91
CA GLY A 19 -10.73 13.13 -0.84
C GLY A 19 -10.17 12.08 0.11
N GLU A 20 -8.99 11.60 -0.16
CA GLU A 20 -8.37 10.58 0.73
C GLU A 20 -6.95 11.01 1.10
N VAL A 21 -6.54 10.77 2.32
CA VAL A 21 -5.17 11.15 2.74
C VAL A 21 -4.43 9.89 3.21
N PHE A 22 -3.21 9.71 2.78
CA PHE A 22 -2.45 8.50 3.19
C PHE A 22 -1.06 8.90 3.69
N GLU A 23 -0.48 8.09 4.53
CA GLU A 23 0.88 8.40 5.05
C GLU A 23 1.85 7.32 4.58
N CYS A 24 3.11 7.65 4.45
CA CYS A 24 4.10 6.64 4.01
C CYS A 24 4.95 6.24 5.22
N THR A 25 5.25 4.98 5.37
CA THR A 25 6.06 4.55 6.54
C THR A 25 7.31 3.78 6.10
N PHE A 26 8.34 3.84 6.88
CA PHE A 26 9.59 3.11 6.54
C PHE A 26 10.35 2.81 7.84
N THR A 27 11.23 1.85 7.82
CA THR A 27 12.00 1.53 9.06
C THR A 27 13.46 1.29 8.72
N CYS A 28 14.33 1.56 9.66
CA CYS A 28 15.79 1.37 9.42
C CYS A 28 16.38 0.54 10.56
N GLY A 29 17.60 0.09 10.42
CA GLY A 29 18.20 -0.73 11.52
C GLY A 29 18.77 0.20 12.59
N ALA A 30 19.30 -0.35 13.64
CA ALA A 30 19.85 0.50 14.73
C ALA A 30 18.69 1.08 15.55
N ASP A 31 17.58 0.41 15.56
CA ASP A 31 16.40 0.90 16.33
C ASP A 31 16.02 2.31 15.88
N CYS A 32 15.96 2.54 14.59
CA CYS A 32 15.59 3.89 14.09
C CYS A 32 14.46 3.76 13.07
N ARG A 33 13.33 4.39 13.33
CA ARG A 33 12.18 4.30 12.38
C ARG A 33 11.60 5.71 12.17
N GLY A 34 10.98 5.93 11.05
CA GLY A 34 10.38 7.28 10.79
C GLY A 34 9.18 7.15 9.85
N THR A 35 8.26 8.07 9.91
CA THR A 35 7.06 8.00 9.02
C THR A 35 6.86 9.35 8.32
N SER A 36 6.18 9.34 7.21
CA SER A 36 5.93 10.60 6.46
C SER A 36 4.43 10.73 6.18
N GLN A 37 3.95 11.94 6.01
CA GLN A 37 2.49 12.13 5.74
C GLN A 37 2.33 12.69 4.32
N TYR A 38 1.56 12.01 3.50
CA TYR A 38 1.36 12.48 2.10
C TYR A 38 -0.14 12.60 1.83
N PRO A 39 -0.49 13.34 0.80
CA PRO A 39 -1.92 13.53 0.39
C PRO A 39 -2.49 12.28 -0.29
N CYS A 40 -3.41 12.43 -1.19
CA CYS A 40 -3.99 11.23 -1.87
C CYS A 40 -2.92 10.62 -2.79
N VAL A 41 -2.94 9.32 -2.94
CA VAL A 41 -1.93 8.65 -3.82
C VAL A 41 -2.66 7.74 -4.82
N GLN A 42 -1.97 7.35 -5.86
CA GLN A 42 -2.60 6.45 -6.86
C GLN A 42 -3.08 5.17 -6.19
N VAL A 43 -3.20 4.10 -6.93
CA VAL A 43 -3.69 2.83 -6.31
C VAL A 43 -2.67 1.69 -6.46
N TYR A 44 -2.62 0.82 -5.49
CA TYR A 44 -1.68 -0.34 -5.54
C TYR A 44 -1.90 -1.19 -4.29
N VAL A 45 -0.83 -1.53 -3.61
CA VAL A 45 -0.98 -2.36 -2.38
C VAL A 45 -0.07 -1.81 -1.29
N ASN A 46 -0.59 -1.70 -0.09
CA ASN A 46 0.23 -1.19 1.03
C ASN A 46 0.87 -2.39 1.74
N ASN A 47 2.17 -2.46 1.77
CA ASN A 47 2.83 -3.61 2.44
C ASN A 47 3.18 -3.19 3.88
N SER A 48 2.26 -3.35 4.78
CA SER A 48 2.52 -2.97 6.19
C SER A 48 3.07 -4.19 6.93
N GLU A 49 3.69 -5.10 6.22
CA GLU A 49 4.25 -6.30 6.88
C GLU A 49 5.24 -5.83 7.95
N SER A 50 5.58 -4.57 7.89
CA SER A 50 6.53 -3.99 8.89
C SER A 50 6.32 -2.48 8.89
N ASN A 51 6.25 -1.88 7.73
CA ASN A 51 6.04 -0.41 7.64
C ASN A 51 6.37 0.08 6.22
N SER A 52 5.89 -0.62 5.22
CA SER A 52 6.19 -0.19 3.81
C SER A 52 4.87 0.01 3.04
N ARG A 53 4.86 0.95 2.13
CA ARG A 53 3.62 1.18 1.32
C ARG A 53 4.01 1.25 -0.16
N ALA A 54 3.43 0.43 -0.97
CA ALA A 54 3.75 0.46 -2.43
C ALA A 54 2.67 1.21 -3.19
N LEU A 55 3.06 2.18 -4.00
CA LEU A 55 2.06 2.97 -4.78
C LEU A 55 2.29 2.76 -6.27
N LEU A 56 1.25 2.51 -7.02
CA LEU A 56 1.38 2.28 -8.49
C LEU A 56 0.49 3.28 -9.23
N HIS A 57 0.92 3.77 -10.35
CA HIS A 57 0.07 4.73 -11.10
C HIS A 57 -0.80 3.96 -12.09
N SER A 58 -2.09 4.05 -11.95
CA SER A 58 -2.98 3.34 -12.90
C SER A 58 -2.78 3.92 -14.30
N ASP A 59 -2.61 5.22 -14.38
CA ASP A 59 -2.39 5.86 -15.71
C ASP A 59 -2.09 7.34 -15.50
N GLU A 60 -1.41 7.94 -16.45
CA GLU A 60 -1.09 9.39 -16.31
C GLU A 60 -2.37 10.21 -16.37
N HIS A 61 -3.35 9.74 -17.10
CA HIS A 61 -4.63 10.49 -17.20
C HIS A 61 -5.23 10.66 -15.80
N GLN A 62 -5.14 9.65 -14.98
CA GLN A 62 -5.70 9.77 -13.60
C GLN A 62 -4.98 10.91 -12.88
N LEU A 63 -3.69 11.02 -13.07
CA LEU A 63 -2.93 12.12 -12.41
C LEU A 63 -3.55 13.47 -12.80
N LEU A 64 -3.83 13.65 -14.06
CA LEU A 64 -4.45 14.93 -14.48
C LEU A 64 -5.80 15.04 -13.77
N THR A 65 -6.46 13.93 -13.61
CA THR A 65 -7.76 13.90 -12.91
C THR A 65 -7.55 14.09 -11.40
N ASN A 66 -6.40 13.71 -10.92
CA ASN A 66 -6.10 13.84 -9.46
C ASN A 66 -4.78 14.58 -9.28
N PRO A 67 -4.76 15.84 -9.62
CA PRO A 67 -3.55 16.67 -9.50
C PRO A 67 -3.26 17.04 -8.04
N LYS A 68 -2.03 17.33 -7.74
CA LYS A 68 -1.64 17.69 -6.35
C LYS A 68 -1.83 16.48 -5.44
N CYS A 69 -1.25 15.36 -5.80
CA CYS A 69 -1.39 14.14 -4.95
C CYS A 69 -0.03 13.45 -4.85
N SER A 70 0.25 12.54 -5.75
CA SER A 70 1.56 11.81 -5.69
C SER A 70 2.65 12.63 -6.40
N TYR A 71 2.36 13.83 -6.78
CA TYR A 71 3.40 14.65 -7.49
C TYR A 71 4.61 14.87 -6.57
N ILE A 72 4.38 14.98 -5.29
CA ILE A 72 5.53 15.18 -4.35
C ILE A 72 6.29 13.85 -4.21
N PRO A 73 7.54 13.91 -3.82
CA PRO A 73 8.39 12.70 -3.65
C PRO A 73 7.62 11.48 -3.13
N PRO A 74 7.21 10.61 -4.02
CA PRO A 74 6.45 9.38 -3.66
C PRO A 74 7.37 8.22 -3.25
N CYS A 75 6.92 7.37 -2.38
CA CYS A 75 7.77 6.23 -1.95
C CYS A 75 7.34 4.97 -2.71
N LYS A 76 8.16 4.50 -3.61
CA LYS A 76 7.81 3.28 -4.40
C LYS A 76 8.99 2.32 -4.43
N ARG A 77 8.73 1.04 -4.39
CA ARG A 77 9.83 0.04 -4.42
C ARG A 77 10.59 0.13 -5.74
N GLU A 78 9.91 0.41 -6.83
CA GLU A 78 10.60 0.49 -8.14
C GLU A 78 10.31 1.85 -8.78
N ASN A 79 11.22 2.33 -9.57
CA ASN A 79 11.02 3.66 -10.23
C ASN A 79 9.74 3.61 -11.07
N GLN A 80 9.50 2.53 -11.75
CA GLN A 80 8.28 2.43 -12.59
C GLN A 80 8.09 0.99 -13.07
N LYS A 81 6.87 0.54 -13.14
CA LYS A 81 6.62 -0.85 -13.60
C LYS A 81 6.10 -0.82 -15.05
N ASN A 82 6.26 -1.90 -15.76
CA ASN A 82 5.78 -1.94 -17.17
C ASN A 82 4.27 -1.68 -17.20
N LEU A 83 3.78 -1.09 -18.26
CA LEU A 83 2.32 -0.81 -18.34
C LEU A 83 1.55 -2.12 -18.18
N GLU A 84 2.07 -3.19 -18.69
CA GLU A 84 1.37 -4.50 -18.56
C GLU A 84 1.13 -4.78 -17.09
N SER A 85 2.02 -4.32 -16.24
CA SER A 85 1.85 -4.56 -14.78
C SER A 85 0.51 -3.97 -14.31
N VAL A 86 0.09 -2.89 -14.89
CA VAL A 86 -1.20 -2.28 -14.48
C VAL A 86 -2.33 -3.28 -14.69
N MET A 87 -2.33 -3.97 -15.80
CA MET A 87 -3.41 -4.97 -16.03
C MET A 87 -3.41 -5.99 -14.90
N ASN A 88 -2.25 -6.37 -14.45
CA ASN A 88 -2.17 -7.35 -13.34
C ASN A 88 -2.84 -6.78 -12.09
N TRP A 89 -2.61 -5.53 -11.80
CA TRP A 89 -3.22 -4.92 -10.59
C TRP A 89 -4.75 -4.85 -10.72
N GLN A 90 -5.24 -4.32 -11.79
CA GLN A 90 -6.72 -4.23 -11.95
C GLN A 90 -7.32 -5.61 -12.21
N GLN A 91 -6.74 -6.35 -13.12
CA GLN A 91 -7.28 -7.71 -13.43
C GLN A 91 -7.18 -8.62 -12.20
N TYR A 92 -6.11 -8.53 -11.47
CA TYR A 92 -5.95 -9.41 -10.28
C TYR A 92 -6.91 -9.02 -9.16
N TRP A 93 -6.91 -7.78 -8.76
CA TRP A 93 -7.80 -7.34 -7.65
C TRP A 93 -9.25 -7.19 -8.13
N LYS A 94 -9.47 -6.62 -9.28
CA LYS A 94 -10.87 -6.44 -9.75
C LYS A 94 -11.56 -7.81 -9.85
N ASP A 95 -10.85 -8.80 -10.31
CA ASP A 95 -11.45 -10.16 -10.46
C ASP A 95 -11.72 -10.80 -9.10
N GLU A 96 -10.93 -10.48 -8.09
CA GLU A 96 -11.15 -11.11 -6.76
C GLU A 96 -11.84 -10.14 -5.80
N ILE A 97 -11.14 -9.17 -5.31
CA ILE A 97 -11.75 -8.22 -4.34
C ILE A 97 -12.65 -7.20 -5.04
N GLY A 98 -12.55 -7.09 -6.34
CA GLY A 98 -13.40 -6.10 -7.05
C GLY A 98 -12.87 -4.69 -6.76
N SER A 99 -12.56 -4.41 -5.53
CA SER A 99 -12.02 -3.08 -5.16
C SER A 99 -12.24 -2.85 -3.65
N GLN A 100 -11.60 -3.63 -2.82
CA GLN A 100 -11.79 -3.45 -1.36
C GLN A 100 -10.48 -3.72 -0.60
N PRO A 101 -9.86 -2.70 -0.04
CA PRO A 101 -8.58 -2.87 0.73
C PRO A 101 -8.72 -3.95 1.82
N PHE A 102 -7.64 -4.54 2.26
CA PHE A 102 -7.75 -5.57 3.32
C PHE A 102 -6.59 -5.46 4.30
N THR A 103 -6.82 -5.86 5.52
CA THR A 103 -5.76 -5.79 6.55
C THR A 103 -5.41 -7.20 6.99
N CYS A 104 -4.25 -7.39 7.50
CA CYS A 104 -3.83 -8.74 7.93
C CYS A 104 -3.07 -8.63 9.25
N TYR A 105 -3.02 -9.69 10.01
CA TYR A 105 -2.26 -9.65 11.29
C TYR A 105 -1.50 -10.96 11.40
N PHE A 106 -0.25 -10.90 11.74
CA PHE A 106 0.53 -12.17 11.82
C PHE A 106 1.57 -12.10 12.93
N ASN A 107 1.87 -13.21 13.55
CA ASN A 107 2.86 -13.20 14.65
C ASN A 107 3.69 -14.49 14.67
N GLN A 108 4.98 -14.36 14.51
CA GLN A 108 5.88 -15.55 14.53
C GLN A 108 6.37 -15.78 15.96
N HIS A 109 6.32 -14.77 16.80
CA HIS A 109 6.81 -14.92 18.18
C HIS A 109 6.11 -16.09 18.87
N GLN A 110 4.93 -16.44 18.43
CA GLN A 110 4.22 -17.59 19.07
C GLN A 110 5.01 -18.86 18.74
N ARG A 111 5.09 -19.21 17.48
CA ARG A 111 5.87 -20.41 17.08
C ARG A 111 6.02 -20.43 15.55
N PRO A 112 4.94 -20.34 14.81
CA PRO A 112 4.95 -20.37 13.35
C PRO A 112 4.68 -19.01 12.71
N ASP A 113 3.48 -18.81 12.23
CA ASP A 113 3.14 -17.51 11.59
C ASP A 113 1.61 -17.39 11.52
N ASP A 114 0.96 -17.12 12.63
CA ASP A 114 -0.52 -16.98 12.58
C ASP A 114 -0.85 -15.90 11.55
N VAL A 115 -2.00 -15.98 10.92
CA VAL A 115 -2.32 -14.94 9.88
C VAL A 115 -3.79 -14.51 9.98
N LEU A 116 -4.05 -13.26 9.66
CA LEU A 116 -5.45 -12.75 9.70
C LEU A 116 -5.75 -12.11 8.34
N LEU A 117 -6.98 -12.14 7.88
CA LEU A 117 -7.29 -11.54 6.55
C LEU A 117 -8.59 -10.73 6.60
N HIS A 118 -8.63 -9.68 7.36
CA HIS A 118 -9.88 -8.84 7.41
C HIS A 118 -10.00 -8.06 6.10
N ARG A 119 -11.19 -7.68 5.72
CA ARG A 119 -11.36 -6.93 4.43
C ARG A 119 -11.88 -5.52 4.69
N THR A 120 -11.66 -4.62 3.76
CA THR A 120 -12.13 -3.21 3.93
C THR A 120 -13.35 -2.98 3.03
N HIS A 121 -14.33 -2.28 3.52
CA HIS A 121 -15.56 -2.01 2.71
C HIS A 121 -15.65 -0.52 2.40
N ASP A 122 -16.02 -0.17 1.19
CA ASP A 122 -16.12 1.26 0.83
C ASP A 122 -14.84 1.99 1.21
N GLN A 1 9.64 -3.74 10.81
CA GLN A 1 8.31 -4.08 11.39
C GLN A 1 8.29 -3.75 12.88
N ASP A 2 8.76 -4.64 13.71
CA ASP A 2 8.78 -4.38 15.17
C ASP A 2 9.87 -5.22 15.82
N LEU A 3 10.19 -4.95 17.05
CA LEU A 3 11.25 -5.75 17.73
C LEU A 3 10.90 -7.23 17.63
N GLN A 4 9.64 -7.55 17.72
CA GLN A 4 9.21 -8.98 17.63
C GLN A 4 8.02 -9.10 16.66
N ALA A 5 7.83 -10.25 16.09
CA ALA A 5 6.70 -10.44 15.14
C ALA A 5 5.39 -10.19 15.87
N THR A 6 4.41 -9.63 15.21
CA THR A 6 3.10 -9.36 15.88
C THR A 6 2.09 -8.83 14.85
N GLU A 7 2.33 -7.66 14.32
CA GLU A 7 1.37 -7.06 13.36
C GLU A 7 1.96 -6.91 11.95
N ALA A 8 1.15 -7.20 10.97
CA ALA A 8 1.58 -7.06 9.55
C ALA A 8 0.33 -6.77 8.75
N ASN A 9 0.15 -5.58 8.24
CA ASN A 9 -1.11 -5.30 7.49
C ASN A 9 -0.87 -5.33 5.98
N CYS A 10 -1.78 -5.91 5.25
CA CYS A 10 -1.64 -6.00 3.79
C CYS A 10 -2.96 -5.54 3.18
N THR A 11 -3.04 -4.32 2.73
CA THR A 11 -4.34 -3.85 2.19
C THR A 11 -4.22 -3.24 0.81
N VAL A 12 -5.28 -3.33 0.05
CA VAL A 12 -5.31 -2.71 -1.29
C VAL A 12 -6.06 -1.41 -1.17
N LEU A 13 -5.43 -0.32 -1.48
CA LEU A 13 -6.12 1.00 -1.35
C LEU A 13 -7.41 0.99 -2.16
N SER A 14 -8.29 1.93 -1.90
CA SER A 14 -9.55 2.00 -2.66
C SER A 14 -9.34 3.00 -3.79
N VAL A 15 -10.12 2.92 -4.84
CA VAL A 15 -9.91 3.88 -5.96
C VAL A 15 -10.90 5.03 -5.86
N GLN A 16 -10.40 6.22 -5.58
CA GLN A 16 -11.29 7.41 -5.48
C GLN A 16 -10.53 8.63 -6.01
N GLN A 17 -11.22 9.64 -6.46
CA GLN A 17 -10.52 10.83 -6.99
C GLN A 17 -10.32 11.87 -5.87
N ILE A 18 -9.10 12.05 -5.43
CA ILE A 18 -8.82 13.04 -4.35
C ILE A 18 -9.79 12.84 -3.18
N GLY A 19 -9.57 13.53 -2.09
CA GLY A 19 -10.46 13.38 -0.92
C GLY A 19 -9.87 12.36 0.05
N GLU A 20 -8.71 11.85 -0.25
CA GLU A 20 -8.06 10.85 0.64
C GLU A 20 -6.62 11.28 0.94
N VAL A 21 -6.17 11.05 2.15
CA VAL A 21 -4.78 11.43 2.51
C VAL A 21 -4.05 10.17 2.99
N PHE A 22 -2.84 9.95 2.54
CA PHE A 22 -2.11 8.73 2.96
C PHE A 22 -0.70 9.09 3.41
N GLU A 23 -0.10 8.25 4.21
CA GLU A 23 1.29 8.51 4.69
C GLU A 23 2.22 7.48 4.09
N CYS A 24 3.48 7.80 3.97
CA CYS A 24 4.45 6.81 3.43
C CYS A 24 5.30 6.34 4.59
N THR A 25 5.57 5.07 4.70
CA THR A 25 6.36 4.58 5.85
C THR A 25 7.50 3.68 5.39
N PHE A 26 8.57 3.65 6.13
CA PHE A 26 9.74 2.80 5.77
C PHE A 26 10.39 2.28 7.04
N THR A 27 11.25 1.32 6.91
CA THR A 27 11.94 0.76 8.12
C THR A 27 13.45 0.69 7.87
N CYS A 28 14.23 0.90 8.90
CA CYS A 28 15.70 0.84 8.73
C CYS A 28 16.27 -0.12 9.77
N GLY A 29 17.51 -0.50 9.63
CA GLY A 29 18.11 -1.46 10.60
C GLY A 29 18.65 -0.73 11.83
N ALA A 30 18.35 -1.25 13.00
CA ALA A 30 18.80 -0.64 14.30
C ALA A 30 17.65 0.10 14.95
N ASP A 31 16.47 -0.45 14.87
CA ASP A 31 15.28 0.22 15.48
C ASP A 31 15.14 1.63 14.91
N CYS A 32 15.34 1.77 13.63
CA CYS A 32 15.20 3.12 13.00
C CYS A 32 14.01 3.07 12.04
N ARG A 33 12.95 3.76 12.37
CA ARG A 33 11.76 3.74 11.48
C ARG A 33 11.25 5.18 11.31
N GLY A 34 10.75 5.53 10.16
CA GLY A 34 10.27 6.93 9.97
C GLY A 34 9.04 6.95 9.05
N THR A 35 8.21 7.96 9.18
CA THR A 35 7.00 8.07 8.33
C THR A 35 6.90 9.48 7.74
N SER A 36 6.15 9.63 6.68
CA SER A 36 5.99 10.97 6.07
C SER A 36 4.52 11.21 5.73
N GLN A 37 4.15 12.44 5.48
CA GLN A 37 2.72 12.74 5.15
C GLN A 37 2.63 13.22 3.70
N TYR A 38 1.76 12.62 2.93
CA TYR A 38 1.62 13.04 1.51
C TYR A 38 0.13 13.08 1.13
N PRO A 39 -0.24 13.90 0.18
CA PRO A 39 -1.65 14.02 -0.27
C PRO A 39 -2.25 12.66 -0.67
N CYS A 40 -3.19 12.64 -1.57
CA CYS A 40 -3.81 11.36 -2.00
C CYS A 40 -2.78 10.53 -2.78
N VAL A 41 -2.89 9.22 -2.71
CA VAL A 41 -1.92 8.35 -3.44
C VAL A 41 -2.68 7.42 -4.39
N GLN A 42 -2.06 7.04 -5.47
CA GLN A 42 -2.75 6.15 -6.45
C GLN A 42 -3.26 4.89 -5.73
N VAL A 43 -3.51 3.84 -6.49
CA VAL A 43 -4.02 2.59 -5.86
C VAL A 43 -3.06 1.41 -6.09
N TYR A 44 -2.91 0.58 -5.11
CA TYR A 44 -2.02 -0.61 -5.23
C TYR A 44 -2.11 -1.44 -3.95
N VAL A 45 -0.99 -1.78 -3.36
CA VAL A 45 -1.06 -2.60 -2.10
C VAL A 45 -0.15 -2.01 -1.04
N ASN A 46 -0.64 -1.91 0.17
CA ASN A 46 0.18 -1.37 1.26
C ASN A 46 0.89 -2.53 1.97
N ASN A 47 2.19 -2.56 1.90
CA ASN A 47 2.92 -3.67 2.57
C ASN A 47 3.30 -3.21 3.98
N SER A 48 2.42 -3.38 4.93
CA SER A 48 2.72 -2.97 6.32
C SER A 48 3.40 -4.13 7.04
N GLU A 49 3.95 -5.05 6.29
CA GLU A 49 4.63 -6.21 6.92
C GLU A 49 5.94 -5.70 7.50
N SER A 50 6.31 -4.51 7.14
CA SER A 50 7.56 -3.89 7.64
C SER A 50 7.43 -2.39 7.47
N ASN A 51 6.23 -1.88 7.61
CA ASN A 51 6.00 -0.41 7.45
C ASN A 51 6.40 0.03 6.04
N SER A 52 5.99 -0.70 5.03
CA SER A 52 6.35 -0.29 3.63
C SER A 52 5.07 0.03 2.86
N ARG A 53 5.12 0.99 1.97
CA ARG A 53 3.91 1.36 1.18
C ARG A 53 4.22 1.28 -0.31
N ALA A 54 3.49 0.47 -1.03
CA ALA A 54 3.73 0.35 -2.50
C ALA A 54 2.56 1.02 -3.24
N LEU A 55 2.85 1.95 -4.11
CA LEU A 55 1.77 2.67 -4.86
C LEU A 55 1.92 2.44 -6.37
N LEU A 56 0.83 2.21 -7.04
CA LEU A 56 0.87 1.99 -8.52
C LEU A 56 -0.13 2.93 -9.19
N HIS A 57 0.15 3.38 -10.38
CA HIS A 57 -0.80 4.29 -11.07
C HIS A 57 -1.78 3.46 -11.91
N SER A 58 -3.05 3.57 -11.62
CA SER A 58 -4.05 2.78 -12.40
C SER A 58 -4.00 3.22 -13.86
N ASP A 59 -3.75 4.47 -14.10
CA ASP A 59 -3.68 4.97 -15.50
C ASP A 59 -3.10 6.38 -15.49
N GLU A 60 -2.51 6.79 -16.58
CA GLU A 60 -1.93 8.15 -16.63
C GLU A 60 -3.05 9.20 -16.52
N HIS A 61 -4.19 8.93 -17.10
CA HIS A 61 -5.31 9.90 -17.03
C HIS A 61 -5.63 10.19 -15.56
N GLN A 62 -5.59 9.18 -14.73
CA GLN A 62 -5.89 9.41 -13.29
C GLN A 62 -4.85 10.38 -12.72
N LEU A 63 -3.61 10.22 -13.10
CA LEU A 63 -2.55 11.13 -12.59
C LEU A 63 -2.84 12.55 -13.07
N LEU A 64 -3.21 12.69 -14.32
CA LEU A 64 -3.54 14.04 -14.85
C LEU A 64 -4.78 14.55 -14.11
N THR A 65 -5.63 13.65 -13.70
CA THR A 65 -6.86 14.04 -12.98
C THR A 65 -6.51 14.55 -11.59
N ASN A 66 -5.59 13.89 -10.92
CA ASN A 66 -5.18 14.33 -9.56
C ASN A 66 -3.66 14.36 -9.44
N PRO A 67 -3.00 15.23 -10.16
CA PRO A 67 -1.51 15.34 -10.11
C PRO A 67 -1.01 15.62 -8.69
N LYS A 68 -1.79 16.32 -7.91
CA LYS A 68 -1.38 16.63 -6.52
C LYS A 68 -1.18 15.32 -5.74
N CYS A 69 -1.84 14.28 -6.14
CA CYS A 69 -1.69 12.98 -5.42
C CYS A 69 -0.22 12.54 -5.42
N SER A 70 0.51 12.80 -6.47
CA SER A 70 1.94 12.35 -6.49
C SER A 70 2.84 13.42 -7.10
N TYR A 71 2.44 14.67 -7.08
CA TYR A 71 3.32 15.72 -7.68
C TYR A 71 4.59 15.84 -6.83
N ILE A 72 4.54 15.38 -5.62
CA ILE A 72 5.75 15.44 -4.74
C ILE A 72 6.47 14.09 -4.76
N PRO A 73 7.75 14.09 -4.48
CA PRO A 73 8.57 12.84 -4.47
C PRO A 73 7.80 11.63 -3.91
N PRO A 74 7.28 10.79 -4.76
CA PRO A 74 6.52 9.59 -4.35
C PRO A 74 7.44 8.41 -3.97
N CYS A 75 7.03 7.59 -3.05
CA CYS A 75 7.88 6.43 -2.65
C CYS A 75 7.34 5.17 -3.31
N LYS A 76 8.13 4.54 -4.14
CA LYS A 76 7.66 3.30 -4.83
C LYS A 76 8.70 2.20 -4.68
N ARG A 77 8.28 0.97 -4.53
CA ARG A 77 9.25 -0.14 -4.38
C ARG A 77 10.10 -0.27 -5.65
N GLU A 78 9.53 0.01 -6.79
CA GLU A 78 10.31 -0.09 -8.06
C GLU A 78 10.50 1.29 -8.66
N ASN A 79 11.72 1.67 -8.87
CA ASN A 79 12.00 3.01 -9.46
C ASN A 79 11.41 3.09 -10.87
N GLN A 80 11.41 1.99 -11.57
CA GLN A 80 10.86 1.98 -12.95
C GLN A 80 9.45 1.40 -12.96
N LYS A 81 8.62 1.82 -13.87
CA LYS A 81 7.24 1.30 -13.95
C LYS A 81 6.91 0.91 -15.39
N ASN A 82 6.30 -0.23 -15.60
CA ASN A 82 5.96 -0.65 -16.99
C ASN A 82 4.49 -0.36 -17.26
N LEU A 83 4.18 0.18 -18.40
CA LEU A 83 2.76 0.48 -18.73
C LEU A 83 1.96 -0.81 -18.81
N GLU A 84 2.55 -1.85 -19.33
CA GLU A 84 1.82 -3.14 -19.44
C GLU A 84 1.37 -3.60 -18.05
N SER A 85 2.18 -3.34 -17.06
CA SER A 85 1.81 -3.76 -15.67
C SER A 85 0.52 -3.05 -15.25
N VAL A 86 0.32 -1.84 -15.71
CA VAL A 86 -0.91 -1.09 -15.33
C VAL A 86 -2.15 -1.86 -15.79
N MET A 87 -2.13 -2.38 -16.99
CA MET A 87 -3.32 -3.13 -17.47
C MET A 87 -3.57 -4.31 -16.54
N ASN A 88 -2.53 -4.96 -16.12
CA ASN A 88 -2.71 -6.11 -15.19
C ASN A 88 -3.37 -5.64 -13.90
N TRP A 89 -3.02 -4.46 -13.45
CA TRP A 89 -3.63 -3.94 -12.19
C TRP A 89 -5.15 -3.85 -12.35
N GLN A 90 -5.61 -3.33 -13.45
CA GLN A 90 -7.08 -3.21 -13.64
C GLN A 90 -7.72 -4.60 -13.64
N GLN A 91 -7.14 -5.52 -14.35
CA GLN A 91 -7.71 -6.90 -14.38
C GLN A 91 -7.52 -7.56 -13.02
N TYR A 92 -6.35 -7.44 -12.46
CA TYR A 92 -6.08 -8.06 -11.14
C TYR A 92 -6.86 -7.35 -10.03
N TRP A 93 -6.82 -6.05 -10.02
CA TRP A 93 -7.54 -5.28 -8.95
C TRP A 93 -9.05 -5.46 -9.08
N LYS A 94 -9.57 -5.37 -10.28
CA LYS A 94 -11.05 -5.52 -10.44
C LYS A 94 -11.46 -6.99 -10.30
N ASP A 95 -10.73 -7.88 -10.92
CA ASP A 95 -11.09 -9.32 -10.90
C ASP A 95 -10.89 -9.96 -9.52
N GLU A 96 -9.83 -9.64 -8.83
CA GLU A 96 -9.60 -10.29 -7.51
C GLU A 96 -9.96 -9.34 -6.38
N ILE A 97 -9.16 -8.34 -6.16
CA ILE A 97 -9.44 -7.39 -5.05
C ILE A 97 -9.74 -6.00 -5.60
N GLY A 98 -10.99 -5.61 -5.57
CA GLY A 98 -11.37 -4.26 -6.07
C GLY A 98 -11.08 -3.22 -4.98
N SER A 99 -12.08 -2.49 -4.57
CA SER A 99 -11.87 -1.46 -3.52
C SER A 99 -12.14 -2.05 -2.13
N GLN A 100 -11.50 -3.15 -1.82
CA GLN A 100 -11.72 -3.78 -0.49
C GLN A 100 -10.39 -4.02 0.22
N PRO A 101 -9.78 -2.99 0.73
CA PRO A 101 -8.50 -3.09 1.48
C PRO A 101 -8.58 -4.15 2.57
N PHE A 102 -7.48 -4.76 2.96
CA PHE A 102 -7.54 -5.79 4.03
C PHE A 102 -6.34 -5.66 4.98
N THR A 103 -6.54 -6.06 6.20
CA THR A 103 -5.44 -5.97 7.19
C THR A 103 -5.05 -7.37 7.61
N CYS A 104 -3.86 -7.54 8.09
CA CYS A 104 -3.41 -8.87 8.51
C CYS A 104 -2.58 -8.73 9.80
N TYR A 105 -2.48 -9.78 10.56
CA TYR A 105 -1.69 -9.70 11.82
C TYR A 105 -0.99 -11.05 12.01
N PHE A 106 0.28 -11.04 12.33
CA PHE A 106 0.97 -12.35 12.50
C PHE A 106 2.00 -12.26 13.63
N ASN A 107 2.23 -13.36 14.29
CA ASN A 107 3.19 -13.36 15.42
C ASN A 107 3.97 -14.69 15.48
N GLN A 108 5.23 -14.64 15.15
CA GLN A 108 6.07 -15.87 15.21
C GLN A 108 6.74 -15.96 16.59
N HIS A 109 6.68 -14.90 17.36
CA HIS A 109 7.34 -14.93 18.69
C HIS A 109 6.80 -16.11 19.51
N GLN A 110 5.61 -16.56 19.22
CA GLN A 110 5.08 -17.72 19.98
C GLN A 110 5.91 -18.95 19.62
N ARG A 111 5.90 -19.30 18.36
CA ARG A 111 6.70 -20.46 17.90
C ARG A 111 6.74 -20.48 16.37
N PRO A 112 5.61 -20.44 15.69
CA PRO A 112 5.55 -20.46 14.22
C PRO A 112 5.22 -19.10 13.62
N ASP A 113 3.98 -18.87 13.32
CA ASP A 113 3.58 -17.56 12.72
C ASP A 113 2.07 -17.55 12.49
N ASP A 114 1.29 -17.31 13.52
CA ASP A 114 -0.19 -17.27 13.31
C ASP A 114 -0.49 -16.15 12.33
N VAL A 115 -1.56 -16.22 11.60
CA VAL A 115 -1.86 -15.12 10.62
C VAL A 115 -3.34 -14.72 10.68
N LEU A 116 -3.60 -13.46 10.43
CA LEU A 116 -5.00 -12.94 10.42
C LEU A 116 -5.25 -12.28 9.06
N LEU A 117 -6.47 -12.31 8.58
CA LEU A 117 -6.75 -11.70 7.25
C LEU A 117 -8.10 -10.97 7.25
N HIS A 118 -8.24 -9.94 8.04
CA HIS A 118 -9.53 -9.19 8.06
C HIS A 118 -9.66 -8.41 6.74
N ARG A 119 -10.85 -8.26 6.21
CA ARG A 119 -11.01 -7.53 4.92
C ARG A 119 -11.85 -6.26 5.11
N THR A 120 -11.60 -5.25 4.31
CA THR A 120 -12.37 -3.98 4.42
C THR A 120 -13.78 -4.20 3.85
N HIS A 121 -14.79 -3.70 4.52
CA HIS A 121 -16.19 -3.87 4.02
C HIS A 121 -16.80 -2.50 3.74
N ASP A 122 -17.50 -2.36 2.66
CA ASP A 122 -18.12 -1.04 2.34
C ASP A 122 -19.58 -1.05 2.80
N GLN A 1 13.33 -7.62 14.76
CA GLN A 1 14.20 -6.97 15.77
C GLN A 1 13.37 -6.65 17.01
N ASP A 2 12.67 -5.55 17.00
CA ASP A 2 11.84 -5.18 18.18
C ASP A 2 10.45 -5.77 18.03
N LEU A 3 9.66 -5.21 17.16
CA LEU A 3 8.28 -5.72 16.94
C LEU A 3 8.33 -6.90 15.97
N GLN A 4 9.53 -7.27 15.57
CA GLN A 4 9.74 -8.41 14.62
C GLN A 4 8.42 -8.99 14.13
N ALA A 5 7.89 -9.96 14.82
CA ALA A 5 6.60 -10.57 14.40
C ALA A 5 5.47 -10.01 15.24
N THR A 6 4.48 -9.42 14.61
CA THR A 6 3.32 -8.85 15.35
C THR A 6 2.30 -8.30 14.36
N GLU A 7 2.62 -7.21 13.71
CA GLU A 7 1.67 -6.61 12.75
C GLU A 7 2.20 -6.69 11.32
N ALA A 8 1.33 -6.98 10.40
CA ALA A 8 1.71 -7.05 8.97
C ALA A 8 0.50 -6.64 8.16
N ASN A 9 0.51 -5.49 7.54
CA ASN A 9 -0.69 -5.06 6.78
C ASN A 9 -0.52 -5.29 5.28
N CYS A 10 -1.57 -5.74 4.64
CA CYS A 10 -1.51 -6.00 3.19
C CYS A 10 -2.74 -5.34 2.59
N THR A 11 -2.61 -4.16 2.05
CA THR A 11 -3.83 -3.49 1.51
C THR A 11 -3.66 -3.04 0.08
N VAL A 12 -4.73 -3.09 -0.66
CA VAL A 12 -4.72 -2.61 -2.06
C VAL A 12 -5.23 -1.17 -2.03
N LEU A 13 -4.42 -0.24 -2.39
CA LEU A 13 -4.85 1.18 -2.34
C LEU A 13 -6.24 1.31 -2.94
N SER A 14 -6.99 2.27 -2.47
CA SER A 14 -8.36 2.48 -3.02
C SER A 14 -8.26 3.57 -4.08
N VAL A 15 -9.04 3.47 -5.12
CA VAL A 15 -8.94 4.51 -6.18
C VAL A 15 -9.99 5.60 -5.96
N GLN A 16 -9.55 6.80 -5.67
CA GLN A 16 -10.50 7.91 -5.45
C GLN A 16 -9.89 9.19 -6.02
N GLN A 17 -10.71 10.15 -6.40
CA GLN A 17 -10.14 11.41 -6.96
C GLN A 17 -9.28 12.10 -5.90
N ILE A 18 -9.76 12.17 -4.69
CA ILE A 18 -8.98 12.83 -3.59
C ILE A 18 -9.81 12.78 -2.30
N GLY A 19 -9.29 13.32 -1.23
CA GLY A 19 -10.05 13.30 0.06
C GLY A 19 -9.63 12.12 0.91
N GLU A 20 -8.72 11.33 0.42
CA GLU A 20 -8.25 10.15 1.21
C GLU A 20 -6.83 10.43 1.71
N VAL A 21 -6.51 10.01 2.90
CA VAL A 21 -5.15 10.23 3.45
C VAL A 21 -4.45 8.89 3.64
N PHE A 22 -3.20 8.80 3.27
CA PHE A 22 -2.45 7.54 3.41
C PHE A 22 -1.17 7.75 4.21
N GLU A 23 -0.69 6.73 4.87
CA GLU A 23 0.55 6.86 5.68
C GLU A 23 1.54 5.78 5.27
N CYS A 24 2.81 6.10 5.22
CA CYS A 24 3.83 5.09 4.85
C CYS A 24 4.63 4.73 6.10
N THR A 25 5.27 3.60 6.10
CA THR A 25 6.04 3.21 7.32
C THR A 25 7.50 2.94 6.96
N PHE A 26 8.39 3.16 7.88
CA PHE A 26 9.83 2.91 7.64
C PHE A 26 10.42 2.21 8.86
N THR A 27 11.51 1.52 8.70
CA THR A 27 12.12 0.82 9.86
C THR A 27 13.62 1.11 9.93
N CYS A 28 14.11 1.46 11.08
CA CYS A 28 15.57 1.74 11.23
C CYS A 28 16.07 1.07 12.50
N GLY A 29 17.36 1.01 12.68
CA GLY A 29 17.91 0.35 13.91
C GLY A 29 17.96 1.36 15.06
N ALA A 30 18.37 0.92 16.22
CA ALA A 30 18.44 1.86 17.38
C ALA A 30 17.03 2.27 17.80
N ASP A 31 16.08 1.40 17.66
CA ASP A 31 14.68 1.74 18.04
C ASP A 31 14.25 3.00 17.30
N CYS A 32 14.55 3.08 16.04
CA CYS A 32 14.17 4.27 15.25
C CYS A 32 13.05 3.89 14.28
N ARG A 33 12.03 4.70 14.18
CA ARG A 33 10.91 4.38 13.26
C ARG A 33 10.60 5.64 12.43
N GLY A 34 10.08 5.48 11.25
CA GLY A 34 9.78 6.68 10.41
C GLY A 34 8.46 6.49 9.64
N THR A 35 7.60 7.49 9.68
CA THR A 35 6.32 7.40 8.94
C THR A 35 6.11 8.68 8.14
N SER A 36 5.29 8.65 7.13
CA SER A 36 5.05 9.89 6.31
C SER A 36 3.55 10.08 6.09
N GLN A 37 3.12 11.31 5.99
CA GLN A 37 1.68 11.59 5.76
C GLN A 37 1.50 12.23 4.39
N TYR A 38 0.71 11.64 3.54
CA TYR A 38 0.52 12.22 2.18
C TYR A 38 -0.95 12.07 1.74
N PRO A 39 -1.41 12.93 0.86
CA PRO A 39 -2.81 12.86 0.34
C PRO A 39 -3.09 11.57 -0.43
N CYS A 40 -4.03 11.59 -1.32
CA CYS A 40 -4.36 10.36 -2.10
C CYS A 40 -3.23 10.05 -3.09
N VAL A 41 -2.98 8.79 -3.32
CA VAL A 41 -1.89 8.40 -4.27
C VAL A 41 -2.45 7.40 -5.29
N GLN A 42 -1.68 7.05 -6.28
CA GLN A 42 -2.17 6.09 -7.31
C GLN A 42 -2.66 4.81 -6.64
N VAL A 43 -2.79 3.74 -7.39
CA VAL A 43 -3.29 2.46 -6.79
C VAL A 43 -2.28 1.33 -6.99
N TYR A 44 -2.21 0.44 -6.02
CA TYR A 44 -1.28 -0.72 -6.13
C TYR A 44 -1.45 -1.60 -4.90
N VAL A 45 -0.36 -1.97 -4.27
CA VAL A 45 -0.47 -2.83 -3.06
C VAL A 45 0.44 -2.31 -1.96
N ASN A 46 -0.06 -2.23 -0.76
CA ASN A 46 0.78 -1.74 0.35
C ASN A 46 1.43 -2.94 1.04
N ASN A 47 2.73 -3.11 0.88
CA ASN A 47 3.40 -4.26 1.54
C ASN A 47 3.94 -3.79 2.89
N SER A 48 3.13 -3.84 3.91
CA SER A 48 3.57 -3.41 5.26
C SER A 48 3.89 -4.64 6.11
N GLU A 49 4.15 -5.75 5.47
CA GLU A 49 4.48 -6.98 6.24
C GLU A 49 5.84 -6.78 6.92
N SER A 50 6.53 -5.75 6.53
CA SER A 50 7.86 -5.44 7.10
C SER A 50 8.67 -4.67 6.05
N ASN A 51 8.22 -4.68 4.83
CA ASN A 51 8.95 -3.97 3.74
C ASN A 51 8.47 -2.52 3.64
N SER A 52 7.71 -2.20 2.61
CA SER A 52 7.23 -0.80 2.44
C SER A 52 5.98 -0.79 1.56
N ARG A 53 5.39 0.35 1.38
CA ARG A 53 4.17 0.43 0.52
C ARG A 53 4.59 0.60 -0.95
N ALA A 54 4.05 -0.21 -1.81
CA ALA A 54 4.39 -0.09 -3.26
C ALA A 54 3.29 0.69 -3.97
N LEU A 55 3.66 1.66 -4.78
CA LEU A 55 2.64 2.48 -5.51
C LEU A 55 2.79 2.28 -7.02
N LEU A 56 1.69 2.04 -7.70
CA LEU A 56 1.72 1.83 -9.16
C LEU A 56 0.86 2.89 -9.84
N HIS A 57 1.28 3.40 -10.97
CA HIS A 57 0.47 4.43 -11.66
C HIS A 57 -0.45 3.77 -12.68
N SER A 58 -1.74 3.92 -12.51
CA SER A 58 -2.69 3.31 -13.49
C SER A 58 -2.51 3.99 -14.84
N ASP A 59 -2.31 5.29 -14.82
CA ASP A 59 -2.10 6.03 -16.10
C ASP A 59 -1.78 7.49 -15.79
N GLU A 60 -1.15 8.16 -16.70
CA GLU A 60 -0.79 9.59 -16.46
C GLU A 60 -2.07 10.41 -16.34
N HIS A 61 -3.11 10.04 -17.05
CA HIS A 61 -4.37 10.82 -16.97
C HIS A 61 -4.80 10.95 -15.51
N GLN A 62 -4.63 9.90 -14.73
CA GLN A 62 -5.02 9.98 -13.31
C GLN A 62 -4.19 11.08 -12.64
N LEU A 63 -2.94 11.17 -12.98
CA LEU A 63 -2.07 12.22 -12.38
C LEU A 63 -2.65 13.60 -12.75
N LEU A 64 -3.06 13.75 -13.98
CA LEU A 64 -3.66 15.05 -14.40
C LEU A 64 -4.99 15.22 -13.66
N THR A 65 -5.63 14.13 -13.34
CA THR A 65 -6.92 14.20 -12.62
C THR A 65 -6.68 14.62 -11.17
N ASN A 66 -5.62 14.15 -10.58
CA ASN A 66 -5.31 14.52 -9.17
C ASN A 66 -3.85 14.95 -9.05
N PRO A 67 -3.48 16.05 -9.64
CA PRO A 67 -2.08 16.57 -9.61
C PRO A 67 -1.55 16.67 -8.18
N LYS A 68 -2.41 16.77 -7.21
CA LYS A 68 -1.93 16.88 -5.80
C LYS A 68 -1.75 15.47 -5.22
N CYS A 69 -1.95 14.46 -6.01
CA CYS A 69 -1.79 13.07 -5.50
C CYS A 69 -0.51 12.44 -6.07
N SER A 70 0.63 12.93 -5.70
CA SER A 70 1.90 12.35 -6.23
C SER A 70 3.08 13.29 -5.96
N TYR A 71 2.85 14.58 -5.98
CA TYR A 71 3.96 15.54 -5.73
C TYR A 71 4.45 15.39 -4.30
N ILE A 72 3.57 15.11 -3.38
CA ILE A 72 4.00 14.95 -1.96
C ILE A 72 4.84 13.67 -1.87
N PRO A 73 5.95 13.69 -1.15
CA PRO A 73 6.83 12.50 -1.01
C PRO A 73 6.04 11.19 -1.06
N PRO A 74 5.95 10.59 -2.23
CA PRO A 74 5.22 9.32 -2.44
C PRO A 74 6.12 8.10 -2.24
N CYS A 75 5.58 7.00 -1.78
CA CYS A 75 6.42 5.79 -1.57
C CYS A 75 6.17 4.82 -2.72
N LYS A 76 7.14 4.64 -3.58
CA LYS A 76 6.97 3.71 -4.73
C LYS A 76 8.23 2.86 -4.91
N ARG A 77 8.06 1.58 -5.16
CA ARG A 77 9.25 0.70 -5.36
C ARG A 77 10.00 1.13 -6.62
N GLU A 78 9.29 1.64 -7.59
CA GLU A 78 9.93 2.09 -8.87
C GLU A 78 10.09 0.90 -9.80
N ASN A 79 9.15 -0.01 -9.78
CA ASN A 79 9.23 -1.21 -10.66
C ASN A 79 9.21 -0.77 -12.12
N GLN A 80 8.50 0.26 -12.43
CA GLN A 80 8.44 0.74 -13.85
C GLN A 80 7.93 -0.38 -14.76
N LYS A 81 6.85 -1.00 -14.42
CA LYS A 81 6.31 -2.10 -15.27
C LYS A 81 5.61 -1.50 -16.49
N ASN A 82 5.39 -2.29 -17.52
CA ASN A 82 4.71 -1.77 -18.73
C ASN A 82 3.32 -1.25 -18.36
N LEU A 83 2.87 -0.22 -19.03
CA LEU A 83 1.53 0.34 -18.71
C LEU A 83 0.46 -0.73 -18.94
N GLU A 84 0.59 -1.51 -19.96
CA GLU A 84 -0.42 -2.56 -20.23
C GLU A 84 -0.41 -3.57 -19.08
N SER A 85 0.74 -3.89 -18.57
CA SER A 85 0.82 -4.86 -17.44
C SER A 85 0.04 -4.31 -16.24
N VAL A 86 0.09 -3.02 -16.06
CA VAL A 86 -0.64 -2.42 -14.90
C VAL A 86 -2.14 -2.66 -15.04
N MET A 87 -2.67 -2.54 -16.22
CA MET A 87 -4.13 -2.78 -16.41
C MET A 87 -4.48 -4.17 -15.91
N ASN A 88 -3.66 -5.13 -16.20
CA ASN A 88 -3.94 -6.52 -15.73
C ASN A 88 -4.00 -6.52 -14.20
N TRP A 89 -3.14 -5.77 -13.57
CA TRP A 89 -3.15 -5.72 -12.07
C TRP A 89 -4.51 -5.21 -11.60
N GLN A 90 -4.96 -4.13 -12.15
CA GLN A 90 -6.27 -3.56 -11.73
C GLN A 90 -7.38 -4.56 -12.06
N GLN A 91 -7.32 -5.16 -13.22
CA GLN A 91 -8.38 -6.13 -13.61
C GLN A 91 -8.39 -7.30 -12.62
N TYR A 92 -7.24 -7.73 -12.18
CA TYR A 92 -7.20 -8.86 -11.21
C TYR A 92 -7.86 -8.48 -9.89
N TRP A 93 -7.47 -7.38 -9.30
CA TRP A 93 -8.07 -6.98 -8.01
C TRP A 93 -9.48 -6.42 -8.23
N LYS A 94 -9.66 -5.62 -9.25
CA LYS A 94 -11.02 -5.05 -9.50
C LYS A 94 -12.01 -6.18 -9.71
N ASP A 95 -11.61 -7.22 -10.38
CA ASP A 95 -12.53 -8.36 -10.64
C ASP A 95 -12.89 -9.07 -9.32
N GLU A 96 -11.99 -9.11 -8.38
CA GLU A 96 -12.28 -9.82 -7.11
C GLU A 96 -12.60 -8.83 -5.98
N ILE A 97 -11.60 -8.16 -5.48
CA ILE A 97 -11.84 -7.22 -4.35
C ILE A 97 -12.52 -5.94 -4.84
N GLY A 98 -12.51 -5.67 -6.11
CA GLY A 98 -13.15 -4.43 -6.61
C GLY A 98 -12.21 -3.24 -6.34
N SER A 99 -12.05 -2.88 -5.10
CA SER A 99 -11.15 -1.74 -4.75
C SER A 99 -11.26 -1.46 -3.26
N GLN A 100 -11.09 -2.47 -2.44
CA GLN A 100 -11.18 -2.28 -0.97
C GLN A 100 -9.88 -2.74 -0.29
N PRO A 101 -9.06 -1.83 0.18
CA PRO A 101 -7.79 -2.19 0.87
C PRO A 101 -8.02 -3.18 2.01
N PHE A 102 -7.05 -3.99 2.34
CA PHE A 102 -7.24 -4.98 3.44
C PHE A 102 -6.04 -4.93 4.39
N THR A 103 -6.23 -5.33 5.62
CA THR A 103 -5.12 -5.31 6.59
C THR A 103 -4.88 -6.71 7.15
N CYS A 104 -3.70 -6.97 7.62
CA CYS A 104 -3.39 -8.30 8.17
C CYS A 104 -2.56 -8.14 9.46
N TYR A 105 -2.49 -9.14 10.26
CA TYR A 105 -1.69 -9.05 11.52
C TYR A 105 -1.11 -10.43 11.80
N PHE A 106 0.15 -10.52 12.13
CA PHE A 106 0.73 -11.86 12.40
C PHE A 106 1.72 -11.79 13.56
N ASN A 107 1.81 -12.84 14.33
CA ASN A 107 2.74 -12.82 15.49
C ASN A 107 3.36 -14.20 15.71
N GLN A 108 4.67 -14.25 15.78
CA GLN A 108 5.39 -15.53 16.04
C GLN A 108 5.58 -15.69 17.54
N HIS A 109 5.19 -14.69 18.30
CA HIS A 109 5.35 -14.76 19.77
C HIS A 109 4.83 -16.09 20.30
N GLN A 110 3.78 -16.62 19.71
CA GLN A 110 3.27 -17.93 20.19
C GLN A 110 4.28 -19.01 19.84
N ARG A 111 4.45 -19.29 18.58
CA ARG A 111 5.44 -20.31 18.16
C ARG A 111 5.66 -20.25 16.66
N PRO A 112 4.61 -20.31 15.86
CA PRO A 112 4.70 -20.27 14.39
C PRO A 112 4.46 -18.88 13.80
N ASP A 113 3.27 -18.62 13.35
CA ASP A 113 2.97 -17.30 12.74
C ASP A 113 1.47 -17.17 12.50
N ASP A 114 0.70 -16.87 13.51
CA ASP A 114 -0.77 -16.71 13.28
C ASP A 114 -0.95 -15.59 12.27
N VAL A 115 -1.97 -15.65 11.45
CA VAL A 115 -2.15 -14.57 10.43
C VAL A 115 -3.59 -14.05 10.42
N LEU A 116 -3.75 -12.77 10.16
CA LEU A 116 -5.12 -12.17 10.10
C LEU A 116 -5.31 -11.54 8.72
N LEU A 117 -6.51 -11.53 8.21
CA LEU A 117 -6.74 -10.94 6.86
C LEU A 117 -8.06 -10.15 6.82
N HIS A 118 -8.17 -9.10 7.58
CA HIS A 118 -9.43 -8.30 7.56
C HIS A 118 -9.48 -7.49 6.25
N ARG A 119 -10.64 -7.30 5.70
CA ARG A 119 -10.74 -6.54 4.41
C ARG A 119 -11.56 -5.27 4.60
N THR A 120 -11.29 -4.25 3.82
CA THR A 120 -12.05 -2.98 3.92
C THR A 120 -13.39 -3.11 3.18
N HIS A 121 -14.45 -2.62 3.75
CA HIS A 121 -15.78 -2.72 3.07
C HIS A 121 -16.28 -1.32 2.74
N ASP A 122 -16.83 -1.13 1.56
CA ASP A 122 -17.34 0.21 1.18
C ASP A 122 -18.10 0.83 2.36
N GLN A 1 9.70 -4.73 18.67
CA GLN A 1 8.57 -5.28 17.89
C GLN A 1 9.06 -6.42 17.00
N ASP A 2 9.80 -6.11 15.97
CA ASP A 2 10.32 -7.16 15.06
C ASP A 2 11.01 -8.25 15.88
N LEU A 3 11.71 -7.87 16.91
CA LEU A 3 12.42 -8.88 17.75
C LEU A 3 11.40 -9.90 18.28
N GLN A 4 10.21 -9.47 18.58
CA GLN A 4 9.19 -10.43 19.11
C GLN A 4 7.98 -10.43 18.17
N ALA A 5 6.86 -9.93 18.62
CA ALA A 5 5.65 -9.92 17.75
C ALA A 5 5.95 -9.10 16.50
N THR A 6 5.41 -9.49 15.38
CA THR A 6 5.69 -8.74 14.13
C THR A 6 4.39 -8.32 13.45
N GLU A 7 4.42 -7.21 12.77
CA GLU A 7 3.22 -6.71 12.07
C GLU A 7 3.48 -6.67 10.57
N ALA A 8 2.52 -7.04 9.77
CA ALA A 8 2.72 -6.99 8.31
C ALA A 8 1.38 -6.72 7.66
N ASN A 9 1.17 -5.55 7.13
CA ASN A 9 -0.15 -5.25 6.52
C ASN A 9 -0.06 -5.31 5.00
N CYS A 10 -1.09 -5.85 4.38
CA CYS A 10 -1.10 -5.99 2.91
C CYS A 10 -2.43 -5.45 2.41
N THR A 11 -2.47 -4.23 1.94
CA THR A 11 -3.78 -3.69 1.50
C THR A 11 -3.75 -3.13 0.10
N VAL A 12 -4.86 -3.24 -0.59
CA VAL A 12 -4.98 -2.67 -1.94
C VAL A 12 -5.58 -1.29 -1.78
N LEU A 13 -4.81 -0.27 -1.98
CA LEU A 13 -5.35 1.10 -1.80
C LEU A 13 -6.67 1.22 -2.55
N SER A 14 -7.51 2.13 -2.11
CA SER A 14 -8.81 2.32 -2.79
C SER A 14 -8.65 3.43 -3.82
N VAL A 15 -9.49 3.48 -4.81
CA VAL A 15 -9.34 4.55 -5.83
C VAL A 15 -10.29 5.70 -5.50
N GLN A 16 -9.76 6.87 -5.28
CA GLN A 16 -10.63 8.04 -4.93
C GLN A 16 -10.08 9.30 -5.59
N GLN A 17 -10.92 10.28 -5.79
CA GLN A 17 -10.45 11.55 -6.43
C GLN A 17 -9.72 12.40 -5.38
N ILE A 18 -9.09 13.46 -5.81
CA ILE A 18 -8.35 14.34 -4.84
C ILE A 18 -9.20 14.56 -3.60
N GLY A 19 -8.63 15.14 -2.57
CA GLY A 19 -9.41 15.38 -1.32
C GLY A 19 -9.12 14.23 -0.34
N GLU A 20 -8.32 13.29 -0.75
CA GLU A 20 -7.99 12.14 0.14
C GLU A 20 -6.49 12.17 0.45
N VAL A 21 -6.11 11.83 1.66
CA VAL A 21 -4.67 11.84 2.01
C VAL A 21 -4.24 10.44 2.44
N PHE A 22 -3.03 10.05 2.15
CA PHE A 22 -2.54 8.71 2.55
C PHE A 22 -1.24 8.84 3.33
N GLU A 23 -0.89 7.83 4.09
CA GLU A 23 0.36 7.89 4.88
C GLU A 23 1.33 6.80 4.40
N CYS A 24 2.61 7.05 4.51
CA CYS A 24 3.60 6.02 4.09
C CYS A 24 4.22 5.42 5.34
N THR A 25 4.77 4.23 5.26
CA THR A 25 5.35 3.59 6.48
C THR A 25 6.84 3.31 6.29
N PHE A 26 7.59 3.33 7.36
CA PHE A 26 9.05 3.02 7.26
C PHE A 26 9.54 2.51 8.62
N THR A 27 10.64 1.82 8.62
CA THR A 27 11.19 1.29 9.90
C THR A 27 12.68 1.62 9.99
N CYS A 28 13.13 1.98 11.15
CA CYS A 28 14.58 2.31 11.33
C CYS A 28 15.14 1.51 12.50
N GLY A 29 16.42 1.49 12.68
CA GLY A 29 17.01 0.70 13.79
C GLY A 29 16.98 1.53 15.09
N ALA A 30 17.41 0.96 16.17
CA ALA A 30 17.39 1.72 17.45
C ALA A 30 15.96 1.81 17.97
N ASP A 31 15.12 0.88 17.60
CA ASP A 31 13.71 0.90 18.06
C ASP A 31 13.06 2.22 17.68
N CYS A 32 13.29 2.68 16.47
CA CYS A 32 12.68 3.96 16.03
C CYS A 32 11.88 3.70 14.75
N ARG A 33 10.58 3.84 14.82
CA ARG A 33 9.73 3.58 13.62
C ARG A 33 8.72 4.72 13.48
N GLY A 34 8.28 5.02 12.28
CA GLY A 34 7.30 6.13 12.13
C GLY A 34 6.67 6.11 10.74
N THR A 35 5.71 6.98 10.51
CA THR A 35 5.04 7.03 9.18
C THR A 35 5.06 8.48 8.66
N SER A 36 4.87 8.66 7.39
CA SER A 36 4.87 10.04 6.80
C SER A 36 3.50 10.33 6.20
N GLN A 37 3.13 11.58 6.10
CA GLN A 37 1.81 11.93 5.52
C GLN A 37 2.01 12.71 4.21
N TYR A 38 1.21 12.42 3.22
CA TYR A 38 1.35 13.14 1.91
C TYR A 38 -0.03 13.23 1.25
N PRO A 39 -0.22 14.18 0.34
CA PRO A 39 -1.51 14.35 -0.38
C PRO A 39 -2.08 13.03 -0.92
N CYS A 40 -2.98 13.11 -1.87
CA CYS A 40 -3.59 11.87 -2.44
C CYS A 40 -2.54 11.09 -3.25
N VAL A 41 -2.65 9.79 -3.26
CA VAL A 41 -1.68 8.95 -4.03
C VAL A 41 -2.46 8.02 -4.96
N GLN A 42 -1.88 7.63 -6.06
CA GLN A 42 -2.59 6.73 -7.01
C GLN A 42 -3.07 5.47 -6.28
N VAL A 43 -3.36 4.43 -7.02
CA VAL A 43 -3.85 3.16 -6.37
C VAL A 43 -2.92 2.00 -6.68
N TYR A 44 -2.75 1.11 -5.75
CA TYR A 44 -1.87 -0.08 -5.96
C TYR A 44 -1.94 -0.98 -4.74
N VAL A 45 -0.80 -1.36 -4.20
CA VAL A 45 -0.83 -2.24 -3.01
C VAL A 45 0.20 -1.76 -2.00
N ASN A 46 -0.16 -1.70 -0.75
CA ASN A 46 0.80 -1.26 0.28
C ASN A 46 1.50 -2.49 0.84
N ASN A 47 2.78 -2.60 0.64
CA ASN A 47 3.51 -3.78 1.19
C ASN A 47 4.04 -3.40 2.56
N SER A 48 3.23 -3.56 3.57
CA SER A 48 3.68 -3.21 4.94
C SER A 48 4.29 -4.46 5.59
N GLU A 49 4.53 -5.48 4.81
CA GLU A 49 5.16 -6.71 5.38
C GLU A 49 6.65 -6.46 5.44
N SER A 50 7.09 -5.42 4.79
CA SER A 50 8.53 -5.05 4.79
C SER A 50 8.65 -3.55 5.01
N ASN A 51 7.60 -2.95 5.53
CA ASN A 51 7.60 -1.48 5.79
C ASN A 51 7.79 -0.73 4.47
N SER A 52 7.07 -1.09 3.44
CA SER A 52 7.22 -0.39 2.13
C SER A 52 5.83 -0.05 1.56
N ARG A 53 5.76 1.02 0.80
CA ARG A 53 4.46 1.43 0.19
C ARG A 53 4.61 1.40 -1.33
N ALA A 54 3.80 0.62 -2.01
CA ALA A 54 3.90 0.57 -3.49
C ALA A 54 2.76 1.37 -4.11
N LEU A 55 3.07 2.32 -4.96
CA LEU A 55 2.01 3.15 -5.61
C LEU A 55 2.06 2.95 -7.13
N LEU A 56 0.93 2.72 -7.73
CA LEU A 56 0.88 2.51 -9.21
C LEU A 56 -0.12 3.46 -9.84
N HIS A 57 0.13 3.91 -11.04
CA HIS A 57 -0.83 4.84 -11.70
C HIS A 57 -1.85 4.01 -12.49
N SER A 58 -3.11 4.12 -12.17
CA SER A 58 -4.13 3.34 -12.90
C SER A 58 -4.11 3.74 -14.38
N ASP A 59 -3.94 5.00 -14.65
CA ASP A 59 -3.90 5.46 -16.07
C ASP A 59 -3.40 6.90 -16.12
N GLU A 60 -2.94 7.34 -17.25
CA GLU A 60 -2.45 8.73 -17.37
C GLU A 60 -3.60 9.70 -17.11
N HIS A 61 -4.80 9.34 -17.47
CA HIS A 61 -5.96 10.23 -17.24
C HIS A 61 -6.06 10.55 -15.75
N GLN A 62 -5.84 9.57 -14.92
CA GLN A 62 -5.91 9.82 -13.45
C GLN A 62 -4.88 10.87 -13.07
N LEU A 63 -3.71 10.79 -13.64
CA LEU A 63 -2.64 11.78 -13.33
C LEU A 63 -3.14 13.17 -13.71
N LEU A 64 -3.73 13.30 -14.87
CA LEU A 64 -4.26 14.62 -15.29
C LEU A 64 -5.36 15.03 -14.31
N THR A 65 -6.07 14.06 -13.80
CA THR A 65 -7.15 14.35 -12.83
C THR A 65 -6.55 14.76 -11.49
N ASN A 66 -5.44 14.17 -11.13
CA ASN A 66 -4.79 14.52 -9.83
C ASN A 66 -3.29 14.75 -10.04
N PRO A 67 -2.92 15.79 -10.76
CA PRO A 67 -1.50 16.11 -11.03
C PRO A 67 -0.68 16.31 -9.74
N LYS A 68 -1.34 16.62 -8.66
CA LYS A 68 -0.61 16.83 -7.38
C LYS A 68 -0.44 15.50 -6.63
N CYS A 69 -0.84 14.41 -7.24
CA CYS A 69 -0.71 13.09 -6.55
C CYS A 69 0.45 12.29 -7.15
N SER A 70 1.67 12.62 -6.80
CA SER A 70 2.84 11.88 -7.35
C SER A 70 4.10 12.70 -7.18
N TYR A 71 4.03 13.98 -7.45
CA TYR A 71 5.24 14.84 -7.32
C TYR A 71 5.70 14.90 -5.87
N ILE A 72 4.79 14.85 -4.94
CA ILE A 72 5.20 14.89 -3.51
C ILE A 72 6.02 13.63 -3.20
N PRO A 73 7.07 13.74 -2.43
CA PRO A 73 7.93 12.59 -2.08
C PRO A 73 7.15 11.28 -1.98
N PRO A 74 7.08 10.52 -3.05
CA PRO A 74 6.34 9.24 -3.10
C PRO A 74 7.22 8.04 -2.76
N CYS A 75 6.70 7.07 -2.06
CA CYS A 75 7.52 5.88 -1.71
C CYS A 75 7.13 4.72 -2.64
N LYS A 76 8.01 4.32 -3.51
CA LYS A 76 7.69 3.20 -4.45
C LYS A 76 8.87 2.23 -4.52
N ARG A 77 8.59 0.95 -4.51
CA ARG A 77 9.67 -0.06 -4.59
C ARG A 77 10.35 -0.02 -5.96
N GLU A 78 9.58 0.21 -6.99
CA GLU A 78 10.16 0.26 -8.37
C GLU A 78 9.96 1.65 -8.95
N ASN A 79 10.93 2.16 -9.64
CA ASN A 79 10.80 3.51 -10.23
C ASN A 79 9.59 3.55 -11.16
N GLN A 80 9.42 2.54 -11.97
CA GLN A 80 8.26 2.51 -12.90
C GLN A 80 7.89 1.06 -13.25
N LYS A 81 6.70 0.85 -13.73
CA LYS A 81 6.27 -0.53 -14.11
C LYS A 81 5.67 -0.51 -15.51
N ASN A 82 5.70 -1.62 -16.19
CA ASN A 82 5.13 -1.67 -17.56
C ASN A 82 3.66 -1.24 -17.51
N LEU A 83 3.24 -0.39 -18.41
CA LEU A 83 1.82 0.06 -18.40
C LEU A 83 0.90 -1.16 -18.56
N GLU A 84 1.28 -2.11 -19.36
CA GLU A 84 0.43 -3.31 -19.55
C GLU A 84 0.25 -4.02 -18.21
N SER A 85 1.28 -4.05 -17.40
CA SER A 85 1.16 -4.73 -16.09
C SER A 85 0.06 -4.06 -15.26
N VAL A 86 -0.10 -2.78 -15.39
CA VAL A 86 -1.15 -2.07 -14.62
C VAL A 86 -2.54 -2.55 -15.07
N MET A 87 -2.71 -2.80 -16.34
CA MET A 87 -4.05 -3.26 -16.81
C MET A 87 -4.43 -4.52 -16.04
N ASN A 88 -3.52 -5.44 -15.90
CA ASN A 88 -3.83 -6.69 -15.14
C ASN A 88 -4.13 -6.33 -13.68
N TRP A 89 -3.43 -5.36 -13.15
CA TRP A 89 -3.66 -4.96 -11.74
C TRP A 89 -5.10 -4.52 -11.52
N GLN A 90 -5.64 -3.73 -12.43
CA GLN A 90 -7.04 -3.27 -12.25
C GLN A 90 -7.98 -4.48 -12.25
N GLN A 91 -7.77 -5.42 -13.13
CA GLN A 91 -8.64 -6.64 -13.17
C GLN A 91 -8.35 -7.53 -11.95
N TYR A 92 -7.12 -7.57 -11.52
CA TYR A 92 -6.76 -8.46 -10.38
C TYR A 92 -7.55 -8.13 -9.10
N TRP A 93 -7.53 -6.91 -8.66
CA TRP A 93 -8.28 -6.57 -7.41
C TRP A 93 -9.75 -6.24 -7.73
N LYS A 94 -9.99 -5.61 -8.84
CA LYS A 94 -11.40 -5.26 -9.19
C LYS A 94 -12.25 -6.53 -9.34
N ASP A 95 -11.71 -7.56 -9.92
CA ASP A 95 -12.51 -8.81 -10.11
C ASP A 95 -12.43 -9.70 -8.86
N GLU A 96 -11.53 -9.44 -7.96
CA GLU A 96 -11.42 -10.29 -6.75
C GLU A 96 -11.99 -9.57 -5.52
N ILE A 97 -11.27 -8.62 -5.00
CA ILE A 97 -11.77 -7.89 -3.80
C ILE A 97 -12.75 -6.79 -4.22
N GLY A 98 -12.65 -6.31 -5.42
CA GLY A 98 -13.59 -5.24 -5.87
C GLY A 98 -13.23 -3.93 -5.17
N SER A 99 -11.97 -3.64 -5.03
CA SER A 99 -11.55 -2.38 -4.35
C SER A 99 -11.82 -2.50 -2.86
N GLN A 100 -11.02 -3.26 -2.15
CA GLN A 100 -11.23 -3.42 -0.69
C GLN A 100 -9.89 -3.72 0.00
N PRO A 101 -9.22 -2.72 0.51
CA PRO A 101 -7.90 -2.91 1.20
C PRO A 101 -7.96 -4.02 2.26
N PHE A 102 -6.85 -4.64 2.55
CA PHE A 102 -6.84 -5.71 3.58
C PHE A 102 -5.59 -5.59 4.45
N THR A 103 -5.64 -6.12 5.64
CA THR A 103 -4.45 -6.02 6.53
C THR A 103 -4.03 -7.41 6.97
N CYS A 104 -2.79 -7.55 7.34
CA CYS A 104 -2.29 -8.87 7.78
C CYS A 104 -1.43 -8.69 9.04
N TYR A 105 -1.28 -9.72 9.81
CA TYR A 105 -0.44 -9.61 11.03
C TYR A 105 0.14 -10.98 11.36
N PHE A 106 1.39 -11.04 11.71
CA PHE A 106 1.98 -12.36 12.03
C PHE A 106 2.95 -12.22 13.21
N ASN A 107 2.99 -13.20 14.07
CA ASN A 107 3.91 -13.08 15.23
C ASN A 107 4.48 -14.45 15.62
N GLN A 108 5.73 -14.47 15.99
CA GLN A 108 6.38 -15.74 16.40
C GLN A 108 6.22 -15.93 17.91
N HIS A 109 5.64 -14.98 18.58
CA HIS A 109 5.48 -15.12 20.06
C HIS A 109 4.90 -16.48 20.39
N GLN A 110 4.05 -17.01 19.55
CA GLN A 110 3.49 -18.35 19.84
C GLN A 110 4.59 -19.39 19.64
N ARG A 111 4.98 -19.61 18.42
CA ARG A 111 6.07 -20.58 18.15
C ARG A 111 6.54 -20.43 16.70
N PRO A 112 5.65 -20.47 15.73
CA PRO A 112 5.99 -20.35 14.30
C PRO A 112 5.71 -18.95 13.75
N ASP A 113 4.58 -18.78 13.13
CA ASP A 113 4.24 -17.46 12.56
C ASP A 113 2.72 -17.36 12.34
N ASP A 114 1.96 -17.24 13.39
CA ASP A 114 0.49 -17.11 13.20
C ASP A 114 0.24 -16.01 12.18
N VAL A 115 -0.86 -16.03 11.48
CA VAL A 115 -1.10 -14.96 10.45
C VAL A 115 -2.52 -14.40 10.54
N LEU A 116 -2.69 -13.16 10.16
CA LEU A 116 -4.03 -12.52 10.19
C LEU A 116 -4.39 -12.07 8.76
N LEU A 117 -5.64 -12.08 8.41
CA LEU A 117 -6.02 -11.67 7.02
C LEU A 117 -7.35 -10.90 7.02
N HIS A 118 -7.40 -9.76 7.65
CA HIS A 118 -8.68 -8.99 7.67
C HIS A 118 -8.85 -8.25 6.33
N ARG A 119 -10.07 -8.10 5.87
CA ARG A 119 -10.30 -7.42 4.57
C ARG A 119 -11.12 -6.14 4.77
N THR A 120 -10.96 -5.17 3.92
CA THR A 120 -11.75 -3.90 4.04
C THR A 120 -13.15 -4.11 3.47
N HIS A 121 -14.15 -3.61 4.12
CA HIS A 121 -15.55 -3.77 3.61
C HIS A 121 -16.16 -2.40 3.31
N ASP A 122 -16.86 -2.27 2.24
CA ASP A 122 -17.48 -0.97 1.89
C ASP A 122 -18.51 -0.58 2.96
N GLN A 1 9.94 -6.91 14.46
CA GLN A 1 11.41 -6.86 14.73
C GLN A 1 11.65 -6.43 16.17
N ASP A 2 11.59 -5.15 16.43
CA ASP A 2 11.81 -4.66 17.82
C ASP A 2 10.83 -5.35 18.76
N LEU A 3 9.61 -5.47 18.36
CA LEU A 3 8.59 -6.14 19.21
C LEU A 3 8.53 -7.62 18.81
N GLN A 4 8.42 -8.51 19.74
CA GLN A 4 8.39 -9.95 19.37
C GLN A 4 7.24 -10.18 18.39
N ALA A 5 6.11 -9.57 18.63
CA ALA A 5 4.96 -9.74 17.70
C ALA A 5 5.27 -8.97 16.42
N THR A 6 4.88 -9.46 15.27
CA THR A 6 5.20 -8.73 14.02
C THR A 6 3.92 -8.28 13.33
N GLU A 7 3.98 -7.17 12.65
CA GLU A 7 2.79 -6.64 11.96
C GLU A 7 3.07 -6.57 10.45
N ALA A 8 2.12 -6.93 9.65
CA ALA A 8 2.33 -6.85 8.17
C ALA A 8 1.01 -6.58 7.51
N ASN A 9 0.82 -5.39 6.98
CA ASN A 9 -0.49 -5.10 6.35
C ASN A 9 -0.38 -5.21 4.84
N CYS A 10 -1.37 -5.79 4.22
CA CYS A 10 -1.34 -5.95 2.76
C CYS A 10 -2.68 -5.47 2.23
N THR A 11 -2.74 -4.25 1.76
CA THR A 11 -4.06 -3.75 1.30
C THR A 11 -4.01 -3.19 -0.11
N VAL A 12 -5.12 -3.30 -0.78
CA VAL A 12 -5.21 -2.74 -2.15
C VAL A 12 -5.79 -1.34 -2.01
N LEU A 13 -4.99 -0.35 -2.21
CA LEU A 13 -5.50 1.04 -2.06
C LEU A 13 -6.83 1.16 -2.79
N SER A 14 -7.67 2.04 -2.35
CA SER A 14 -8.98 2.22 -3.02
C SER A 14 -8.85 3.35 -4.02
N VAL A 15 -9.68 3.38 -5.02
CA VAL A 15 -9.57 4.47 -6.02
C VAL A 15 -10.53 5.60 -5.64
N GLN A 16 -10.00 6.75 -5.31
CA GLN A 16 -10.88 7.89 -4.93
C GLN A 16 -10.26 9.20 -5.44
N GLN A 17 -11.08 10.21 -5.62
CA GLN A 17 -10.55 11.51 -6.11
C GLN A 17 -9.69 12.16 -5.01
N ILE A 18 -8.82 13.06 -5.39
CA ILE A 18 -7.95 13.73 -4.39
C ILE A 18 -8.81 14.23 -3.21
N GLY A 19 -8.19 14.89 -2.26
CA GLY A 19 -8.96 15.40 -1.08
C GLY A 19 -8.85 14.39 0.06
N GLU A 20 -8.11 13.34 -0.14
CA GLU A 20 -7.93 12.31 0.93
C GLU A 20 -6.46 12.23 1.31
N VAL A 21 -6.17 12.01 2.57
CA VAL A 21 -4.76 11.91 3.01
C VAL A 21 -4.41 10.46 3.35
N PHE A 22 -3.24 10.02 3.00
CA PHE A 22 -2.84 8.62 3.29
C PHE A 22 -1.56 8.60 4.12
N GLU A 23 -1.32 7.52 4.82
CA GLU A 23 -0.10 7.44 5.67
C GLU A 23 0.88 6.42 5.06
N CYS A 24 2.14 6.74 5.05
CA CYS A 24 3.16 5.81 4.51
C CYS A 24 3.94 5.24 5.69
N THR A 25 4.61 4.12 5.52
CA THR A 25 5.35 3.53 6.66
C THR A 25 6.83 3.33 6.30
N PHE A 26 7.69 3.40 7.28
CA PHE A 26 9.14 3.19 7.03
C PHE A 26 9.80 2.67 8.30
N THR A 27 10.95 2.07 8.18
CA THR A 27 11.65 1.54 9.37
C THR A 27 13.12 1.99 9.36
N CYS A 28 13.66 2.31 10.49
CA CYS A 28 15.09 2.74 10.55
C CYS A 28 15.82 1.89 11.60
N GLY A 29 17.12 1.94 11.63
CA GLY A 29 17.88 1.11 12.62
C GLY A 29 17.96 1.82 13.97
N ALA A 30 18.55 1.18 14.95
CA ALA A 30 18.67 1.82 16.29
C ALA A 30 17.29 1.88 16.95
N ASP A 31 16.48 0.88 16.75
CA ASP A 31 15.12 0.89 17.35
C ASP A 31 14.38 2.14 16.88
N CYS A 32 14.52 2.47 15.62
CA CYS A 32 13.85 3.68 15.09
C CYS A 32 12.73 3.26 14.12
N ARG A 33 11.51 3.52 14.48
CA ARG A 33 10.38 3.16 13.59
C ARG A 33 9.41 4.34 13.52
N GLY A 34 8.80 4.58 12.39
CA GLY A 34 7.85 5.72 12.30
C GLY A 34 7.09 5.70 10.98
N THR A 35 6.15 6.60 10.81
CA THR A 35 5.36 6.64 9.55
C THR A 35 5.37 8.08 9.00
N SER A 36 5.07 8.22 7.74
CA SER A 36 5.06 9.59 7.13
C SER A 36 3.68 9.84 6.49
N GLN A 37 3.33 11.08 6.28
CA GLN A 37 2.00 11.39 5.67
C GLN A 37 2.20 12.00 4.28
N TYR A 38 1.40 11.62 3.34
CA TYR A 38 1.54 12.18 1.96
C TYR A 38 0.14 12.34 1.33
N PRO A 39 -0.01 13.26 0.41
CA PRO A 39 -1.31 13.51 -0.26
C PRO A 39 -1.90 12.24 -0.87
N CYS A 40 -2.78 12.36 -1.82
CA CYS A 40 -3.39 11.15 -2.45
C CYS A 40 -2.44 10.59 -3.52
N VAL A 41 -2.45 9.29 -3.68
CA VAL A 41 -1.57 8.65 -4.70
C VAL A 41 -2.40 7.75 -5.60
N GLN A 42 -1.85 7.29 -6.68
CA GLN A 42 -2.61 6.41 -7.59
C GLN A 42 -3.12 5.18 -6.82
N VAL A 43 -3.40 4.11 -7.52
CA VAL A 43 -3.93 2.89 -6.83
C VAL A 43 -3.01 1.70 -7.09
N TYR A 44 -2.89 0.83 -6.12
CA TYR A 44 -2.02 -0.37 -6.28
C TYR A 44 -2.14 -1.24 -5.02
N VAL A 45 -1.02 -1.62 -4.45
CA VAL A 45 -1.06 -2.45 -3.23
C VAL A 45 -0.04 -1.94 -2.21
N ASN A 46 -0.44 -1.83 -0.97
CA ASN A 46 0.51 -1.35 0.06
C ASN A 46 1.20 -2.56 0.69
N ASN A 47 2.47 -2.73 0.42
CA ASN A 47 3.18 -3.89 1.02
C ASN A 47 3.71 -3.46 2.39
N SER A 48 2.90 -3.56 3.40
CA SER A 48 3.36 -3.15 4.75
C SER A 48 3.98 -4.36 5.46
N GLU A 49 4.28 -5.40 4.74
CA GLU A 49 4.91 -6.58 5.39
C GLU A 49 6.41 -6.27 5.48
N SER A 50 6.83 -5.25 4.79
CA SER A 50 8.26 -4.84 4.81
C SER A 50 8.32 -3.32 5.02
N ASN A 51 7.24 -2.74 5.48
CA ASN A 51 7.20 -1.26 5.71
C ASN A 51 7.40 -0.51 4.39
N SER A 52 6.72 -0.92 3.35
CA SER A 52 6.86 -0.21 2.04
C SER A 52 5.52 -0.20 1.31
N ARG A 53 5.17 0.91 0.71
CA ARG A 53 3.88 0.97 -0.05
C ARG A 53 4.17 1.15 -1.54
N ALA A 54 3.67 0.27 -2.36
CA ALA A 54 3.91 0.38 -3.82
C ALA A 54 2.72 1.09 -4.48
N LEU A 55 3.00 2.07 -5.31
CA LEU A 55 1.90 2.82 -5.99
C LEU A 55 2.01 2.62 -7.51
N LEU A 56 0.89 2.36 -8.16
CA LEU A 56 0.91 2.14 -9.63
C LEU A 56 -0.07 3.12 -10.29
N HIS A 57 0.22 3.56 -11.49
CA HIS A 57 -0.71 4.51 -12.16
C HIS A 57 -1.74 3.73 -12.96
N SER A 58 -2.99 3.87 -12.63
CA SER A 58 -4.05 3.15 -13.38
C SER A 58 -4.16 3.75 -14.79
N ASP A 59 -3.93 5.02 -14.91
CA ASP A 59 -4.02 5.67 -16.25
C ASP A 59 -3.57 7.13 -16.15
N GLU A 60 -3.18 7.71 -17.24
CA GLU A 60 -2.74 9.13 -17.22
C GLU A 60 -3.93 10.03 -16.85
N HIS A 61 -5.12 9.63 -17.21
CA HIS A 61 -6.31 10.47 -16.89
C HIS A 61 -6.40 10.67 -15.38
N GLN A 62 -6.11 9.66 -14.61
CA GLN A 62 -6.17 9.82 -13.13
C GLN A 62 -5.16 10.88 -12.71
N LEU A 63 -4.00 10.85 -13.30
CA LEU A 63 -2.96 11.87 -12.96
C LEU A 63 -3.45 13.25 -13.39
N LEU A 64 -4.04 13.34 -14.55
CA LEU A 64 -4.56 14.64 -15.04
C LEU A 64 -5.66 15.11 -14.10
N THR A 65 -6.41 14.19 -13.56
CA THR A 65 -7.50 14.55 -12.62
C THR A 65 -6.91 15.02 -11.29
N ASN A 66 -5.85 14.41 -10.85
CA ASN A 66 -5.23 14.82 -9.56
C ASN A 66 -3.71 14.97 -9.74
N PRO A 67 -3.27 15.93 -10.50
CA PRO A 67 -1.83 16.17 -10.76
C PRO A 67 -1.02 16.34 -9.46
N LYS A 68 -1.67 16.67 -8.37
CA LYS A 68 -0.94 16.86 -7.10
C LYS A 68 -0.81 15.52 -6.36
N CYS A 69 -1.20 14.44 -6.98
CA CYS A 69 -1.12 13.12 -6.31
C CYS A 69 0.13 12.36 -6.79
N SER A 70 1.29 12.90 -6.59
CA SER A 70 2.53 12.18 -7.02
C SER A 70 3.72 13.15 -7.07
N TYR A 71 3.48 14.40 -7.31
CA TYR A 71 4.60 15.37 -7.38
C TYR A 71 5.28 15.49 -6.01
N ILE A 72 4.54 15.44 -4.95
CA ILE A 72 5.15 15.54 -3.60
C ILE A 72 5.87 14.22 -3.28
N PRO A 73 7.02 14.26 -2.64
CA PRO A 73 7.78 13.04 -2.30
C PRO A 73 6.88 11.83 -2.03
N PRO A 74 6.66 11.02 -3.04
CA PRO A 74 5.80 9.80 -2.92
C PRO A 74 6.58 8.58 -2.44
N CYS A 75 5.96 7.70 -1.73
CA CYS A 75 6.68 6.48 -1.23
C CYS A 75 6.32 5.29 -2.11
N LYS A 76 7.26 4.80 -2.88
CA LYS A 76 6.98 3.63 -3.77
C LYS A 76 8.05 2.56 -3.56
N ARG A 77 7.65 1.31 -3.54
CA ARG A 77 8.65 0.23 -3.33
C ARG A 77 9.65 0.22 -4.49
N GLU A 78 9.15 0.37 -5.69
CA GLU A 78 10.04 0.38 -6.88
C GLU A 78 9.31 1.01 -8.06
N ASN A 79 10.04 1.64 -8.95
CA ASN A 79 9.39 2.30 -10.12
C ASN A 79 8.53 1.27 -10.88
N GLN A 80 8.97 0.05 -10.93
CA GLN A 80 8.19 -0.99 -11.66
C GLN A 80 7.74 -0.44 -13.01
N LYS A 81 6.87 -1.14 -13.68
CA LYS A 81 6.37 -0.67 -15.00
C LYS A 81 4.92 -0.23 -14.87
N ASN A 82 4.51 0.76 -15.63
CA ASN A 82 3.10 1.23 -15.55
C ASN A 82 2.32 0.77 -16.78
N LEU A 83 2.89 -0.09 -17.58
CA LEU A 83 2.18 -0.56 -18.81
C LEU A 83 1.39 -1.84 -18.51
N GLU A 84 1.95 -2.98 -18.81
CA GLU A 84 1.23 -4.26 -18.56
C GLU A 84 0.94 -4.44 -17.08
N SER A 85 1.74 -3.87 -16.23
CA SER A 85 1.50 -4.03 -14.76
C SER A 85 0.10 -3.54 -14.39
N VAL A 86 -0.38 -2.53 -15.04
CA VAL A 86 -1.75 -2.02 -14.71
C VAL A 86 -2.79 -3.11 -14.97
N MET A 87 -2.67 -3.82 -16.06
CA MET A 87 -3.66 -4.89 -16.34
C MET A 87 -3.67 -5.87 -15.17
N ASN A 88 -2.52 -6.17 -14.64
CA ASN A 88 -2.46 -7.12 -13.51
C ASN A 88 -3.22 -6.54 -12.30
N TRP A 89 -3.03 -5.28 -12.03
CA TRP A 89 -3.73 -4.67 -10.85
C TRP A 89 -5.24 -4.59 -11.10
N GLN A 90 -5.66 -4.06 -12.20
CA GLN A 90 -7.11 -3.94 -12.47
C GLN A 90 -7.74 -5.30 -12.76
N GLN A 91 -7.14 -6.08 -13.61
CA GLN A 91 -7.72 -7.41 -13.95
C GLN A 91 -7.75 -8.32 -12.71
N TYR A 92 -6.69 -8.36 -11.97
CA TYR A 92 -6.66 -9.25 -10.76
C TYR A 92 -7.57 -8.74 -9.65
N TRP A 93 -7.43 -7.51 -9.26
CA TRP A 93 -8.27 -6.99 -8.14
C TRP A 93 -9.71 -6.72 -8.58
N LYS A 94 -9.91 -6.22 -9.76
CA LYS A 94 -11.31 -5.94 -10.20
C LYS A 94 -12.13 -7.22 -10.15
N ASP A 95 -11.59 -8.30 -10.63
CA ASP A 95 -12.36 -9.58 -10.62
C ASP A 95 -12.61 -10.02 -9.17
N GLU A 96 -11.61 -9.94 -8.34
CA GLU A 96 -11.80 -10.38 -6.92
C GLU A 96 -12.45 -9.25 -6.12
N ILE A 97 -11.87 -8.09 -6.13
CA ILE A 97 -12.47 -6.97 -5.37
C ILE A 97 -12.35 -5.67 -6.15
N GLY A 98 -13.47 -5.08 -6.48
CA GLY A 98 -13.45 -3.79 -7.24
C GLY A 98 -12.56 -2.79 -6.51
N SER A 99 -12.62 -2.78 -5.20
CA SER A 99 -11.79 -1.83 -4.41
C SER A 99 -11.97 -2.10 -2.92
N GLN A 100 -11.36 -3.15 -2.42
CA GLN A 100 -11.52 -3.49 -0.98
C GLN A 100 -10.16 -3.74 -0.33
N PRO A 101 -9.52 -2.70 0.16
CA PRO A 101 -8.19 -2.84 0.82
C PRO A 101 -8.25 -3.84 1.99
N PHE A 102 -7.15 -4.48 2.31
CA PHE A 102 -7.18 -5.47 3.42
C PHE A 102 -5.90 -5.37 4.25
N THR A 103 -5.98 -5.75 5.50
CA THR A 103 -4.78 -5.68 6.38
C THR A 103 -4.43 -7.08 6.86
N CYS A 104 -3.21 -7.28 7.22
CA CYS A 104 -2.79 -8.61 7.69
C CYS A 104 -1.87 -8.47 8.91
N TYR A 105 -1.77 -9.49 9.70
CA TYR A 105 -0.88 -9.41 10.89
C TYR A 105 -0.32 -10.79 11.17
N PHE A 106 0.94 -10.88 11.52
CA PHE A 106 1.51 -12.21 11.79
C PHE A 106 2.54 -12.13 12.92
N ASN A 107 2.65 -13.16 13.70
CA ASN A 107 3.62 -13.12 14.83
C ASN A 107 4.22 -14.51 15.06
N GLN A 108 5.53 -14.59 15.07
CA GLN A 108 6.22 -15.89 15.29
C GLN A 108 6.46 -16.09 16.78
N HIS A 109 6.10 -15.13 17.59
CA HIS A 109 6.33 -15.26 19.05
C HIS A 109 5.85 -16.63 19.53
N GLN A 110 4.80 -17.15 18.95
CA GLN A 110 4.31 -18.48 19.39
C GLN A 110 5.33 -19.53 18.96
N ARG A 111 5.45 -19.76 17.68
CA ARG A 111 6.44 -20.75 17.20
C ARG A 111 6.60 -20.61 15.66
N PRO A 112 5.53 -20.65 14.91
CA PRO A 112 5.57 -20.54 13.44
C PRO A 112 5.28 -19.12 12.95
N ASP A 113 4.08 -18.87 12.52
CA ASP A 113 3.72 -17.52 12.02
C ASP A 113 2.21 -17.39 11.87
N ASP A 114 1.50 -17.16 12.94
CA ASP A 114 0.02 -17.00 12.82
C ASP A 114 -0.24 -15.86 11.85
N VAL A 115 -1.36 -15.85 11.17
CA VAL A 115 -1.61 -14.75 10.19
C VAL A 115 -3.02 -14.17 10.34
N LEU A 116 -3.18 -12.91 10.00
CA LEU A 116 -4.52 -12.26 10.08
C LEU A 116 -4.91 -11.77 8.69
N LEU A 117 -6.18 -11.73 8.37
CA LEU A 117 -6.58 -11.26 7.01
C LEU A 117 -7.85 -10.39 7.09
N HIS A 118 -7.78 -9.27 7.74
CA HIS A 118 -8.97 -8.39 7.84
C HIS A 118 -9.22 -7.69 6.49
N ARG A 119 -10.42 -7.22 6.27
CA ARG A 119 -10.74 -6.55 4.97
C ARG A 119 -11.14 -5.09 5.23
N THR A 120 -11.02 -4.25 4.23
CA THR A 120 -11.38 -2.81 4.41
C THR A 120 -12.68 -2.51 3.63
N HIS A 121 -13.55 -1.72 4.20
CA HIS A 121 -14.82 -1.37 3.51
C HIS A 121 -14.90 0.14 3.32
N ASP A 122 -15.37 0.59 2.18
CA ASP A 122 -15.46 2.05 1.95
C ASP A 122 -16.66 2.61 2.72
N GLN A 1 6.96 -3.57 11.55
CA GLN A 1 7.69 -2.64 12.46
C GLN A 1 8.90 -3.37 13.07
N ASP A 2 8.71 -4.00 14.20
CA ASP A 2 9.84 -4.73 14.84
C ASP A 2 10.27 -5.90 13.95
N LEU A 3 11.54 -6.18 13.92
CA LEU A 3 12.02 -7.30 13.07
C LEU A 3 11.37 -8.62 13.50
N GLN A 4 11.11 -8.78 14.77
CA GLN A 4 10.47 -10.05 15.24
C GLN A 4 9.08 -10.19 14.63
N ALA A 5 8.61 -11.40 14.50
CA ALA A 5 7.25 -11.61 13.92
C ALA A 5 6.19 -11.03 14.86
N THR A 6 5.23 -10.33 14.32
CA THR A 6 4.16 -9.73 15.17
C THR A 6 3.07 -9.11 14.30
N GLU A 7 3.33 -7.95 13.75
CA GLU A 7 2.29 -7.27 12.92
C GLU A 7 2.71 -7.21 11.45
N ALA A 8 1.78 -7.43 10.57
CA ALA A 8 2.07 -7.37 9.11
C ALA A 8 0.79 -6.95 8.41
N ASN A 9 0.73 -5.76 7.89
CA ASN A 9 -0.54 -5.34 7.22
C ASN A 9 -0.40 -5.46 5.71
N CYS A 10 -1.40 -6.02 5.08
CA CYS A 10 -1.35 -6.20 3.62
C CYS A 10 -2.66 -5.66 3.06
N THR A 11 -2.66 -4.46 2.55
CA THR A 11 -3.93 -3.89 2.04
C THR A 11 -3.81 -3.40 0.61
N VAL A 12 -4.90 -3.46 -0.10
CA VAL A 12 -4.92 -2.95 -1.50
C VAL A 12 -5.61 -1.60 -1.46
N LEU A 13 -4.88 -0.56 -1.70
CA LEU A 13 -5.49 0.79 -1.65
C LEU A 13 -6.79 0.81 -2.45
N SER A 14 -7.68 1.69 -2.14
CA SER A 14 -8.95 1.76 -2.88
C SER A 14 -8.78 2.82 -3.97
N VAL A 15 -9.49 2.69 -5.07
CA VAL A 15 -9.31 3.69 -6.15
C VAL A 15 -10.41 4.76 -6.06
N GLN A 16 -10.02 5.97 -5.79
CA GLN A 16 -11.00 7.09 -5.71
C GLN A 16 -10.33 8.35 -6.25
N GLN A 17 -11.08 9.31 -6.71
CA GLN A 17 -10.45 10.54 -7.25
C GLN A 17 -10.22 11.55 -6.13
N ILE A 18 -9.01 11.63 -5.63
CA ILE A 18 -8.70 12.60 -4.54
C ILE A 18 -9.73 12.46 -3.41
N GLY A 19 -9.51 13.13 -2.31
CA GLY A 19 -10.47 13.05 -1.18
C GLY A 19 -9.98 12.01 -0.16
N GLU A 20 -8.87 11.38 -0.42
CA GLU A 20 -8.36 10.36 0.54
C GLU A 20 -6.89 10.64 0.86
N VAL A 21 -6.50 10.42 2.09
CA VAL A 21 -5.08 10.66 2.48
C VAL A 21 -4.46 9.33 2.92
N PHE A 22 -3.28 9.04 2.47
CA PHE A 22 -2.63 7.74 2.85
C PHE A 22 -1.33 8.02 3.58
N GLU A 23 -0.92 7.11 4.42
CA GLU A 23 0.35 7.30 5.17
C GLU A 23 1.40 6.29 4.72
N CYS A 24 2.65 6.65 4.80
CA CYS A 24 3.73 5.71 4.39
C CYS A 24 4.44 5.23 5.66
N THR A 25 5.12 4.12 5.60
CA THR A 25 5.80 3.60 6.82
C THR A 25 7.31 3.55 6.59
N PHE A 26 8.07 3.73 7.63
CA PHE A 26 9.55 3.66 7.49
C PHE A 26 10.15 3.24 8.83
N THR A 27 11.34 2.69 8.80
CA THR A 27 11.98 2.25 10.07
C THR A 27 13.42 2.76 10.12
N CYS A 28 13.85 3.21 11.27
CA CYS A 28 15.25 3.72 11.40
C CYS A 28 15.91 3.01 12.59
N GLY A 29 17.22 3.07 12.68
CA GLY A 29 17.91 2.37 13.80
C GLY A 29 17.92 3.25 15.05
N ALA A 30 18.45 2.75 16.13
CA ALA A 30 18.50 3.55 17.39
C ALA A 30 17.09 3.64 17.98
N ASP A 31 16.32 2.59 17.88
CA ASP A 31 14.93 2.63 18.42
C ASP A 31 14.16 3.77 17.76
N CYS A 32 14.41 3.99 16.50
CA CYS A 32 13.71 5.08 15.78
C CYS A 32 12.69 4.45 14.83
N ARG A 33 11.42 4.60 15.11
CA ARG A 33 10.38 4.01 14.23
C ARG A 33 9.29 5.06 14.00
N GLY A 34 8.74 5.14 12.81
CA GLY A 34 7.66 6.15 12.60
C GLY A 34 7.05 6.01 11.20
N THR A 35 6.04 6.80 10.91
CA THR A 35 5.38 6.74 9.58
C THR A 35 5.30 8.15 8.99
N SER A 36 5.11 8.26 7.70
CA SER A 36 5.02 9.61 7.06
C SER A 36 3.61 9.80 6.49
N GLN A 37 3.17 11.04 6.37
CA GLN A 37 1.81 11.30 5.83
C GLN A 37 1.91 12.01 4.48
N TYR A 38 1.23 11.52 3.48
CA TYR A 38 1.28 12.17 2.14
C TYR A 38 -0.14 12.18 1.53
N PRO A 39 -0.43 13.14 0.68
CA PRO A 39 -1.78 13.23 0.02
C PRO A 39 -2.23 11.91 -0.60
N CYS A 40 -3.15 11.95 -1.52
CA CYS A 40 -3.64 10.69 -2.16
C CYS A 40 -2.54 10.10 -3.04
N VAL A 41 -2.48 8.79 -3.14
CA VAL A 41 -1.44 8.15 -3.99
C VAL A 41 -2.10 7.16 -4.96
N GLN A 42 -1.38 6.71 -5.94
CA GLN A 42 -1.97 5.75 -6.91
C GLN A 42 -2.52 4.54 -6.18
N VAL A 43 -2.73 3.45 -6.88
CA VAL A 43 -3.30 2.23 -6.21
C VAL A 43 -2.36 1.02 -6.37
N TYR A 44 -2.30 0.19 -5.36
CA TYR A 44 -1.46 -1.04 -5.41
C TYR A 44 -1.63 -1.82 -4.11
N VAL A 45 -0.55 -2.21 -3.48
CA VAL A 45 -0.68 -2.96 -2.21
C VAL A 45 0.36 -2.48 -1.19
N ASN A 46 -0.05 -2.29 0.03
CA ASN A 46 0.91 -1.84 1.07
C ASN A 46 1.47 -3.07 1.77
N ASN A 47 2.77 -3.23 1.78
CA ASN A 47 3.37 -4.41 2.45
C ASN A 47 3.98 -3.97 3.78
N SER A 48 3.19 -3.93 4.82
CA SER A 48 3.72 -3.52 6.14
C SER A 48 4.26 -4.73 6.88
N GLU A 49 4.91 -5.62 6.19
CA GLU A 49 5.47 -6.82 6.86
C GLU A 49 6.54 -6.36 7.83
N SER A 50 6.94 -5.12 7.70
CA SER A 50 7.97 -4.54 8.60
C SER A 50 7.90 -3.02 8.50
N ASN A 51 7.67 -2.51 7.32
CA ASN A 51 7.58 -1.03 7.14
C ASN A 51 7.75 -0.69 5.66
N SER A 52 7.18 -1.47 4.77
CA SER A 52 7.32 -1.17 3.31
C SER A 52 5.96 -0.93 2.66
N ARG A 53 5.91 -0.04 1.70
CA ARG A 53 4.63 0.26 1.00
C ARG A 53 4.88 0.24 -0.51
N ALA A 54 4.17 -0.59 -1.23
CA ALA A 54 4.38 -0.64 -2.71
C ALA A 54 3.27 0.14 -3.42
N LEU A 55 3.65 1.04 -4.29
CA LEU A 55 2.65 1.87 -5.03
C LEU A 55 2.77 1.65 -6.54
N LEU A 56 1.65 1.51 -7.22
CA LEU A 56 1.70 1.30 -8.69
C LEU A 56 0.83 2.36 -9.37
N HIS A 57 1.19 2.79 -10.55
CA HIS A 57 0.37 3.82 -11.25
C HIS A 57 -0.68 3.13 -12.11
N SER A 58 -1.94 3.37 -11.84
CA SER A 58 -3.01 2.74 -12.65
C SER A 58 -2.98 3.33 -14.06
N ASP A 59 -2.66 4.59 -14.17
CA ASP A 59 -2.59 5.23 -15.52
C ASP A 59 -2.06 6.65 -15.38
N GLU A 60 -1.44 7.15 -16.41
CA GLU A 60 -0.90 8.54 -16.35
C GLU A 60 -2.06 9.53 -16.36
N HIS A 61 -3.14 9.20 -17.01
CA HIS A 61 -4.30 10.14 -17.06
C HIS A 61 -4.77 10.44 -15.64
N GLN A 62 -4.79 9.45 -14.78
CA GLN A 62 -5.22 9.70 -13.38
C GLN A 62 -4.29 10.73 -12.75
N LEU A 63 -3.02 10.63 -13.03
CA LEU A 63 -2.04 11.60 -12.45
C LEU A 63 -2.40 13.00 -12.92
N LEU A 64 -2.73 13.15 -14.19
CA LEU A 64 -3.12 14.49 -14.70
C LEU A 64 -4.40 14.92 -14.00
N THR A 65 -5.23 13.97 -13.66
CA THR A 65 -6.51 14.27 -12.98
C THR A 65 -6.24 14.65 -11.52
N ASN A 66 -5.20 14.11 -10.93
CA ASN A 66 -4.88 14.41 -9.51
C ASN A 66 -3.40 14.78 -9.40
N PRO A 67 -3.02 15.90 -9.96
CA PRO A 67 -1.61 16.35 -9.95
C PRO A 67 -1.12 16.70 -8.54
N LYS A 68 -2.01 16.81 -7.60
CA LYS A 68 -1.61 17.15 -6.21
C LYS A 68 -1.60 15.87 -5.37
N CYS A 69 -1.54 14.72 -6.00
CA CYS A 69 -1.56 13.44 -5.24
C CYS A 69 -0.14 12.92 -5.00
N SER A 70 0.45 12.29 -5.98
CA SER A 70 1.81 11.72 -5.78
C SER A 70 2.90 12.76 -6.06
N TYR A 71 2.53 13.96 -6.40
CA TYR A 71 3.56 14.99 -6.67
C TYR A 71 4.44 15.15 -5.43
N ILE A 72 3.88 15.02 -4.27
CA ILE A 72 4.67 15.15 -3.02
C ILE A 72 5.51 13.88 -2.85
N PRO A 73 6.72 14.00 -2.33
CA PRO A 73 7.62 12.84 -2.13
C PRO A 73 6.86 11.54 -1.83
N PRO A 74 6.57 10.77 -2.85
CA PRO A 74 5.84 9.48 -2.72
C PRO A 74 6.77 8.28 -2.55
N CYS A 75 6.36 7.27 -1.83
CA CYS A 75 7.23 6.09 -1.64
C CYS A 75 6.73 4.96 -2.56
N LYS A 76 7.47 4.66 -3.60
CA LYS A 76 7.04 3.58 -4.53
C LYS A 76 8.24 2.70 -4.90
N ARG A 77 8.01 1.43 -5.12
CA ARG A 77 9.12 0.52 -5.50
C ARG A 77 9.69 0.96 -6.85
N GLU A 78 8.89 1.58 -7.66
CA GLU A 78 9.35 2.03 -9.02
C GLU A 78 9.65 0.82 -9.88
N ASN A 79 8.78 -0.16 -9.88
CA ASN A 79 9.01 -1.37 -10.70
C ASN A 79 9.19 -0.96 -12.17
N GLN A 80 8.51 0.08 -12.58
CA GLN A 80 8.63 0.54 -14.00
C GLN A 80 8.10 -0.53 -14.94
N LYS A 81 6.86 -0.90 -14.79
CA LYS A 81 6.27 -1.94 -15.69
C LYS A 81 5.77 -1.28 -16.97
N ASN A 82 5.66 -2.03 -18.03
CA ASN A 82 5.17 -1.44 -19.32
C ASN A 82 3.71 -1.00 -19.15
N LEU A 83 3.25 -0.12 -19.98
CA LEU A 83 1.85 0.36 -19.87
C LEU A 83 0.89 -0.82 -20.09
N GLU A 84 1.21 -1.70 -20.99
CA GLU A 84 0.31 -2.85 -21.26
C GLU A 84 0.16 -3.68 -19.98
N SER A 85 1.22 -3.85 -19.25
CA SER A 85 1.14 -4.65 -17.99
C SER A 85 0.16 -4.00 -17.03
N VAL A 86 0.13 -2.69 -17.00
CA VAL A 86 -0.81 -1.99 -16.08
C VAL A 86 -2.26 -2.29 -16.48
N MET A 87 -2.53 -2.34 -17.76
CA MET A 87 -3.94 -2.63 -18.19
C MET A 87 -4.38 -3.94 -17.56
N ASN A 88 -3.54 -4.93 -17.57
CA ASN A 88 -3.93 -6.23 -16.95
C ASN A 88 -4.17 -6.02 -15.46
N TRP A 89 -3.38 -5.18 -14.84
CA TRP A 89 -3.55 -4.92 -13.38
C TRP A 89 -4.87 -4.20 -13.10
N GLN A 90 -5.16 -3.14 -13.81
CA GLN A 90 -6.42 -2.42 -13.54
C GLN A 90 -7.63 -3.32 -13.82
N GLN A 91 -7.60 -4.06 -14.88
CA GLN A 91 -8.75 -4.97 -15.19
C GLN A 91 -8.76 -6.12 -14.17
N TYR A 92 -7.61 -6.68 -13.91
CA TYR A 92 -7.53 -7.81 -12.94
C TYR A 92 -7.77 -7.31 -11.51
N TRP A 93 -7.06 -6.29 -11.10
CA TRP A 93 -7.22 -5.77 -9.72
C TRP A 93 -8.62 -5.17 -9.53
N LYS A 94 -9.11 -4.43 -10.49
CA LYS A 94 -10.46 -3.80 -10.34
C LYS A 94 -11.55 -4.89 -10.29
N ASP A 95 -11.48 -5.85 -11.17
CA ASP A 95 -12.53 -6.91 -11.17
C ASP A 95 -12.46 -7.75 -9.90
N GLU A 96 -11.27 -8.12 -9.49
CA GLU A 96 -11.15 -8.95 -8.26
C GLU A 96 -11.33 -8.06 -7.03
N ILE A 97 -10.85 -6.85 -7.10
CA ILE A 97 -10.99 -5.94 -5.93
C ILE A 97 -11.78 -4.69 -6.32
N GLY A 98 -12.97 -4.55 -5.81
CA GLY A 98 -13.77 -3.34 -6.11
C GLY A 98 -13.15 -2.15 -5.37
N SER A 99 -12.70 -2.38 -4.16
CA SER A 99 -12.06 -1.28 -3.36
C SER A 99 -12.18 -1.64 -1.87
N GLN A 100 -11.48 -2.64 -1.42
CA GLN A 100 -11.58 -3.03 0.02
C GLN A 100 -10.22 -3.48 0.57
N PRO A 101 -9.39 -2.55 0.98
CA PRO A 101 -8.05 -2.86 1.57
C PRO A 101 -8.17 -3.86 2.74
N PHE A 102 -7.11 -4.52 3.11
CA PHE A 102 -7.20 -5.49 4.24
C PHE A 102 -5.95 -5.42 5.12
N THR A 103 -6.12 -5.69 6.39
CA THR A 103 -4.97 -5.66 7.32
C THR A 103 -4.65 -7.08 7.76
N CYS A 104 -3.45 -7.33 8.17
CA CYS A 104 -3.08 -8.68 8.60
C CYS A 104 -2.14 -8.60 9.81
N TYR A 105 -2.03 -9.66 10.57
CA TYR A 105 -1.12 -9.63 11.75
C TYR A 105 -0.59 -11.04 11.95
N PHE A 106 0.69 -11.19 12.15
CA PHE A 106 1.23 -12.56 12.36
C PHE A 106 2.33 -12.52 13.41
N ASN A 107 2.42 -13.54 14.21
CA ASN A 107 3.46 -13.53 15.28
C ASN A 107 4.08 -14.92 15.48
N GLN A 108 5.38 -14.96 15.56
CA GLN A 108 6.10 -16.24 15.80
C GLN A 108 6.26 -16.43 17.30
N HIS A 109 5.81 -15.46 18.06
CA HIS A 109 5.94 -15.54 19.53
C HIS A 109 5.49 -16.92 20.02
N GLN A 110 4.51 -17.51 19.40
CA GLN A 110 4.07 -18.86 19.83
C GLN A 110 5.11 -19.88 19.38
N ARG A 111 5.20 -20.11 18.09
CA ARG A 111 6.20 -21.08 17.57
C ARG A 111 6.31 -20.93 16.04
N PRO A 112 5.19 -20.96 15.35
CA PRO A 112 5.17 -20.84 13.87
C PRO A 112 4.84 -19.42 13.39
N ASP A 113 3.59 -19.15 13.13
CA ASP A 113 3.22 -17.80 12.64
C ASP A 113 1.70 -17.68 12.55
N ASP A 114 1.03 -17.39 13.64
CA ASP A 114 -0.45 -17.23 13.55
C ASP A 114 -0.72 -16.14 12.51
N VAL A 115 -1.87 -16.16 11.86
CA VAL A 115 -2.11 -15.12 10.82
C VAL A 115 -3.51 -14.51 10.96
N LEU A 116 -3.65 -13.25 10.61
CA LEU A 116 -4.97 -12.56 10.69
C LEU A 116 -5.23 -11.89 9.33
N LEU A 117 -6.46 -11.77 8.92
CA LEU A 117 -6.73 -11.15 7.60
C LEU A 117 -8.02 -10.32 7.64
N HIS A 118 -8.04 -9.26 8.41
CA HIS A 118 -9.27 -8.42 8.47
C HIS A 118 -9.42 -7.70 7.12
N ARG A 119 -10.63 -7.44 6.69
CA ARG A 119 -10.82 -6.76 5.36
C ARG A 119 -11.50 -5.40 5.55
N THR A 120 -11.30 -4.51 4.60
CA THR A 120 -11.92 -3.17 4.69
C THR A 120 -13.41 -3.28 4.33
N HIS A 121 -14.27 -2.60 5.05
CA HIS A 121 -15.72 -2.66 4.75
C HIS A 121 -16.21 -1.28 4.32
N ASP A 122 -17.00 -1.21 3.29
CA ASP A 122 -17.51 0.11 2.82
C ASP A 122 -16.37 1.13 2.83
N GLN A 1 11.67 -6.16 14.04
CA GLN A 1 10.98 -7.08 14.99
C GLN A 1 11.27 -6.65 16.43
N ASP A 2 11.26 -5.37 16.69
CA ASP A 2 11.55 -4.89 18.08
C ASP A 2 10.59 -5.58 19.06
N LEU A 3 9.34 -5.70 18.68
CA LEU A 3 8.36 -6.37 19.56
C LEU A 3 8.29 -7.84 19.15
N GLN A 4 8.20 -8.74 20.09
CA GLN A 4 8.14 -10.18 19.70
C GLN A 4 6.97 -10.40 18.73
N ALA A 5 5.86 -9.78 18.99
CA ALA A 5 4.69 -9.94 18.07
C ALA A 5 5.03 -9.21 16.76
N THR A 6 4.63 -9.75 15.64
CA THR A 6 4.96 -9.06 14.35
C THR A 6 3.68 -8.56 13.67
N GLU A 7 3.80 -7.47 12.97
CA GLU A 7 2.62 -6.90 12.27
C GLU A 7 2.89 -6.88 10.77
N ALA A 8 1.91 -7.19 9.97
CA ALA A 8 2.11 -7.16 8.50
C ALA A 8 0.78 -6.81 7.86
N ASN A 9 0.64 -5.64 7.32
CA ASN A 9 -0.67 -5.29 6.70
C ASN A 9 -0.57 -5.42 5.18
N CYS A 10 -1.56 -6.02 4.58
CA CYS A 10 -1.54 -6.19 3.11
C CYS A 10 -2.87 -5.70 2.57
N THR A 11 -2.91 -4.51 2.05
CA THR A 11 -4.21 -4.00 1.57
C THR A 11 -4.13 -3.51 0.13
N VAL A 12 -5.24 -3.61 -0.56
CA VAL A 12 -5.31 -3.14 -1.96
C VAL A 12 -5.79 -1.70 -1.93
N LEU A 13 -4.93 -0.78 -2.22
CA LEU A 13 -5.32 0.65 -2.21
C LEU A 13 -6.75 0.81 -2.75
N SER A 14 -7.48 1.76 -2.25
CA SER A 14 -8.86 1.98 -2.73
C SER A 14 -8.81 3.09 -3.78
N VAL A 15 -9.68 3.05 -4.75
CA VAL A 15 -9.64 4.11 -5.80
C VAL A 15 -10.60 5.24 -5.41
N GLN A 16 -10.06 6.40 -5.15
CA GLN A 16 -10.91 7.55 -4.76
C GLN A 16 -10.35 8.83 -5.39
N GLN A 17 -11.19 9.82 -5.57
CA GLN A 17 -10.71 11.09 -6.17
C GLN A 17 -9.92 11.89 -5.14
N ILE A 18 -9.33 12.99 -5.53
CA ILE A 18 -8.52 13.81 -4.58
C ILE A 18 -9.27 13.94 -3.26
N GLY A 19 -8.64 14.51 -2.26
CA GLY A 19 -9.30 14.65 -0.93
C GLY A 19 -8.86 13.51 -0.03
N GLU A 20 -8.04 12.63 -0.55
CA GLU A 20 -7.54 11.48 0.26
C GLU A 20 -6.02 11.57 0.35
N VAL A 21 -5.44 11.24 1.47
CA VAL A 21 -3.96 11.31 1.61
C VAL A 21 -3.42 9.95 2.06
N PHE A 22 -2.24 9.61 1.61
CA PHE A 22 -1.63 8.30 2.01
C PHE A 22 -0.24 8.53 2.60
N GLU A 23 0.23 7.60 3.39
CA GLU A 23 1.57 7.76 4.01
C GLU A 23 2.40 6.49 3.76
N CYS A 24 3.69 6.63 3.65
CA CYS A 24 4.55 5.44 3.43
C CYS A 24 5.31 5.16 4.73
N THR A 25 5.75 3.94 4.94
CA THR A 25 6.45 3.61 6.22
C THR A 25 7.84 3.02 5.94
N PHE A 26 8.75 3.22 6.86
CA PHE A 26 10.12 2.66 6.69
C PHE A 26 10.66 2.29 8.07
N THR A 27 11.73 1.52 8.11
CA THR A 27 12.31 1.12 9.41
C THR A 27 13.81 1.36 9.41
N CYS A 28 14.38 1.70 10.53
CA CYS A 28 15.85 1.95 10.59
C CYS A 28 16.46 1.12 11.72
N GLY A 29 17.75 0.98 11.75
CA GLY A 29 18.41 0.16 12.81
C GLY A 29 18.62 0.99 14.07
N ALA A 30 18.32 0.40 15.21
CA ALA A 30 18.49 1.09 16.54
C ALA A 30 17.12 1.55 17.03
N ASP A 31 16.11 0.75 16.82
CA ASP A 31 14.74 1.13 17.26
C ASP A 31 14.35 2.47 16.65
N CYS A 32 14.61 2.64 15.38
CA CYS A 32 14.26 3.93 14.71
C CYS A 32 13.26 3.66 13.58
N ARG A 33 12.05 4.13 13.72
CA ARG A 33 11.05 3.91 12.65
C ARG A 33 10.31 5.22 12.37
N GLY A 34 9.89 5.44 11.16
CA GLY A 34 9.17 6.72 10.85
C GLY A 34 8.36 6.55 9.56
N THR A 35 7.43 7.45 9.34
CA THR A 35 6.60 7.37 8.09
C THR A 35 6.51 8.76 7.44
N SER A 36 6.17 8.80 6.18
CA SER A 36 6.04 10.12 5.48
C SER A 36 4.61 10.27 5.00
N GLN A 37 4.12 11.49 4.91
CA GLN A 37 2.72 11.69 4.46
C GLN A 37 2.69 12.39 3.10
N TYR A 38 1.92 11.88 2.18
CA TYR A 38 1.85 12.51 0.83
C TYR A 38 0.38 12.56 0.37
N PRO A 39 0.04 13.46 -0.52
CA PRO A 39 -1.35 13.60 -1.06
C PRO A 39 -1.96 12.27 -1.51
N CYS A 40 -2.81 12.31 -2.51
CA CYS A 40 -3.46 11.06 -3.00
C CYS A 40 -2.42 10.18 -3.69
N VAL A 41 -2.61 8.88 -3.65
CA VAL A 41 -1.64 7.96 -4.31
C VAL A 41 -2.38 7.09 -5.32
N GLN A 42 -1.72 6.69 -6.37
CA GLN A 42 -2.38 5.85 -7.41
C GLN A 42 -2.97 4.58 -6.76
N VAL A 43 -3.13 3.54 -7.53
CA VAL A 43 -3.73 2.29 -6.97
C VAL A 43 -2.75 1.13 -7.03
N TYR A 44 -2.72 0.32 -5.99
CA TYR A 44 -1.83 -0.87 -5.98
C TYR A 44 -2.06 -1.65 -4.68
N VAL A 45 -0.99 -1.99 -4.01
CA VAL A 45 -1.12 -2.74 -2.74
C VAL A 45 -0.11 -2.21 -1.72
N ASN A 46 -0.52 -2.08 -0.49
CA ASN A 46 0.42 -1.60 0.54
C ASN A 46 1.12 -2.80 1.17
N ASN A 47 2.42 -2.88 1.06
CA ASN A 47 3.13 -4.04 1.64
C ASN A 47 3.65 -3.66 3.02
N SER A 48 2.85 -3.81 4.03
CA SER A 48 3.28 -3.46 5.40
C SER A 48 3.90 -4.70 6.05
N GLU A 49 4.24 -5.69 5.26
CA GLU A 49 4.86 -6.92 5.84
C GLU A 49 6.30 -6.58 6.19
N SER A 50 6.77 -5.45 5.73
CA SER A 50 8.16 -5.02 6.02
C SER A 50 8.20 -3.49 6.02
N ASN A 51 7.12 -2.87 6.40
CA ASN A 51 7.07 -1.38 6.43
C ASN A 51 7.35 -0.82 5.03
N SER A 52 6.69 -1.36 4.03
CA SER A 52 6.92 -0.86 2.64
C SER A 52 5.58 -0.54 1.97
N ARG A 53 5.58 0.41 1.07
CA ARG A 53 4.32 0.78 0.36
C ARG A 53 4.56 0.72 -1.15
N ALA A 54 3.80 -0.08 -1.85
CA ALA A 54 3.99 -0.18 -3.33
C ALA A 54 2.85 0.56 -4.05
N LEU A 55 3.18 1.45 -4.94
CA LEU A 55 2.13 2.20 -5.69
C LEU A 55 2.28 1.99 -7.20
N LEU A 56 1.20 1.72 -7.89
CA LEU A 56 1.25 1.50 -9.36
C LEU A 56 0.26 2.44 -10.03
N HIS A 57 0.47 2.75 -11.29
CA HIS A 57 -0.49 3.66 -11.98
C HIS A 57 -1.44 2.83 -12.85
N SER A 58 -2.71 2.91 -12.56
CA SER A 58 -3.69 2.12 -13.37
C SER A 58 -3.74 2.68 -14.79
N ASP A 59 -3.61 3.97 -14.93
CA ASP A 59 -3.65 4.58 -16.29
C ASP A 59 -3.31 6.07 -16.18
N GLU A 60 -2.89 6.67 -17.25
CA GLU A 60 -2.56 8.12 -17.22
C GLU A 60 -3.82 8.93 -16.95
N HIS A 61 -4.96 8.43 -17.37
CA HIS A 61 -6.23 9.18 -17.13
C HIS A 61 -6.40 9.44 -15.64
N GLN A 62 -6.08 8.48 -14.82
CA GLN A 62 -6.23 8.68 -13.35
C GLN A 62 -5.33 9.84 -12.93
N LEU A 63 -4.15 9.90 -13.47
CA LEU A 63 -3.22 11.01 -13.12
C LEU A 63 -3.84 12.33 -13.55
N LEU A 64 -4.39 12.37 -14.74
CA LEU A 64 -5.03 13.62 -15.23
C LEU A 64 -6.23 13.93 -14.33
N THR A 65 -6.86 12.90 -13.82
CA THR A 65 -8.05 13.10 -12.95
C THR A 65 -7.59 13.65 -11.60
N ASN A 66 -6.50 13.16 -11.07
CA ASN A 66 -6.00 13.66 -9.77
C ASN A 66 -4.49 13.93 -9.84
N PRO A 67 -4.08 14.91 -10.62
CA PRO A 67 -2.64 15.26 -10.78
C PRO A 67 -1.97 15.62 -9.45
N LYS A 68 -2.74 15.96 -8.46
CA LYS A 68 -2.13 16.35 -7.14
C LYS A 68 -1.77 15.09 -6.35
N CYS A 69 -2.03 13.93 -6.89
CA CYS A 69 -1.70 12.67 -6.16
C CYS A 69 -0.18 12.57 -5.94
N SER A 70 0.60 13.10 -6.84
CA SER A 70 2.08 13.01 -6.65
C SER A 70 2.77 14.27 -7.21
N TYR A 71 2.24 15.42 -6.94
CA TYR A 71 2.88 16.67 -7.46
C TYR A 71 4.10 17.00 -6.59
N ILE A 72 4.28 16.30 -5.51
CA ILE A 72 5.43 16.56 -4.60
C ILE A 72 6.23 15.27 -4.41
N PRO A 73 7.47 15.38 -4.03
CA PRO A 73 8.37 14.22 -3.80
C PRO A 73 7.64 12.99 -3.25
N PRO A 74 7.28 12.07 -4.12
CA PRO A 74 6.55 10.82 -3.73
C PRO A 74 7.52 9.76 -3.20
N CYS A 75 7.07 8.92 -2.30
CA CYS A 75 7.97 7.88 -1.76
C CYS A 75 7.69 6.55 -2.46
N LYS A 76 8.61 6.11 -3.29
CA LYS A 76 8.41 4.82 -4.02
C LYS A 76 9.71 4.01 -3.99
N ARG A 77 9.62 2.73 -3.77
CA ARG A 77 10.84 1.88 -3.74
C ARG A 77 11.39 1.71 -5.16
N GLU A 78 10.52 1.62 -6.12
CA GLU A 78 10.97 1.44 -7.53
C GLU A 78 10.38 2.54 -8.41
N ASN A 79 11.01 2.86 -9.50
CA ASN A 79 10.49 3.93 -10.39
C ASN A 79 9.04 3.60 -10.76
N GLN A 80 8.73 2.35 -10.95
CA GLN A 80 7.33 1.96 -11.30
C GLN A 80 6.90 2.71 -12.56
N LYS A 81 7.70 2.69 -13.59
CA LYS A 81 7.32 3.41 -14.85
C LYS A 81 5.93 2.95 -15.30
N ASN A 82 5.55 3.29 -16.50
CA ASN A 82 4.20 2.89 -17.00
C ASN A 82 4.33 1.58 -17.78
N LEU A 83 3.48 0.62 -17.49
CA LEU A 83 3.56 -0.66 -18.24
C LEU A 83 2.15 -1.25 -18.39
N GLU A 84 1.88 -1.86 -19.51
CA GLU A 84 0.53 -2.46 -19.73
C GLU A 84 0.26 -3.51 -18.65
N SER A 85 1.30 -4.11 -18.13
CA SER A 85 1.09 -5.15 -17.07
C SER A 85 0.35 -4.52 -15.89
N VAL A 86 0.60 -3.28 -15.62
CA VAL A 86 -0.12 -2.62 -14.48
C VAL A 86 -1.62 -2.60 -14.77
N MET A 87 -1.99 -2.37 -16.00
CA MET A 87 -3.45 -2.36 -16.33
C MET A 87 -4.06 -3.68 -15.90
N ASN A 88 -3.35 -4.76 -16.10
CA ASN A 88 -3.88 -6.09 -15.70
C ASN A 88 -4.13 -6.12 -14.19
N TRP A 89 -3.29 -5.49 -13.43
CA TRP A 89 -3.48 -5.49 -11.95
C TRP A 89 -4.86 -4.92 -11.61
N GLN A 90 -5.23 -3.84 -12.24
CA GLN A 90 -6.56 -3.24 -11.95
C GLN A 90 -7.65 -4.20 -12.42
N GLN A 91 -7.47 -4.77 -13.59
CA GLN A 91 -8.50 -5.71 -14.12
C GLN A 91 -8.66 -6.89 -13.16
N TYR A 92 -7.58 -7.37 -12.61
CA TYR A 92 -7.67 -8.52 -11.67
C TYR A 92 -8.47 -8.14 -10.42
N TRP A 93 -8.09 -7.07 -9.77
CA TRP A 93 -8.82 -6.67 -8.55
C TRP A 93 -10.19 -6.09 -8.91
N LYS A 94 -10.31 -5.49 -10.05
CA LYS A 94 -11.64 -4.91 -10.42
C LYS A 94 -12.68 -6.02 -10.47
N ASP A 95 -12.35 -7.14 -11.06
CA ASP A 95 -13.32 -8.26 -11.12
C ASP A 95 -13.57 -8.84 -9.72
N GLU A 96 -12.53 -9.03 -8.96
CA GLU A 96 -12.71 -9.60 -7.60
C GLU A 96 -13.22 -8.52 -6.64
N ILE A 97 -12.65 -7.35 -6.70
CA ILE A 97 -13.10 -6.26 -5.80
C ILE A 97 -12.96 -4.91 -6.50
N GLY A 98 -11.74 -4.44 -6.69
CA GLY A 98 -11.55 -3.14 -7.35
C GLY A 98 -11.26 -2.05 -6.31
N SER A 99 -11.42 -2.36 -5.06
CA SER A 99 -11.15 -1.34 -4.00
C SER A 99 -11.57 -1.87 -2.64
N GLN A 100 -10.98 -2.95 -2.20
CA GLN A 100 -11.34 -3.52 -0.87
C GLN A 100 -10.07 -3.81 -0.08
N PRO A 101 -9.43 -2.79 0.42
CA PRO A 101 -8.19 -2.93 1.23
C PRO A 101 -8.34 -3.95 2.37
N PHE A 102 -7.30 -4.68 2.68
CA PHE A 102 -7.39 -5.67 3.78
C PHE A 102 -6.13 -5.58 4.65
N THR A 103 -6.25 -5.91 5.90
CA THR A 103 -5.07 -5.84 6.80
C THR A 103 -4.71 -7.24 7.27
N CYS A 104 -3.48 -7.44 7.64
CA CYS A 104 -3.05 -8.77 8.10
C CYS A 104 -2.13 -8.61 9.31
N TYR A 105 -2.01 -9.63 10.11
CA TYR A 105 -1.12 -9.55 11.30
C TYR A 105 -0.64 -10.95 11.64
N PHE A 106 0.61 -11.10 11.95
CA PHE A 106 1.11 -12.46 12.28
C PHE A 106 2.14 -12.38 13.41
N ASN A 107 2.21 -13.38 14.22
CA ASN A 107 3.20 -13.35 15.35
C ASN A 107 3.74 -14.74 15.62
N GLN A 108 5.04 -14.88 15.63
CA GLN A 108 5.68 -16.20 15.89
C GLN A 108 5.91 -16.36 17.39
N HIS A 109 5.60 -15.36 18.17
CA HIS A 109 5.82 -15.44 19.63
C HIS A 109 5.26 -16.77 20.17
N GLN A 110 4.19 -17.26 19.60
CA GLN A 110 3.64 -18.55 20.08
C GLN A 110 4.61 -19.67 19.71
N ARG A 111 4.76 -19.94 18.44
CA ARG A 111 5.72 -20.99 18.01
C ARG A 111 5.92 -20.91 16.49
N PRO A 112 4.85 -20.92 15.73
CA PRO A 112 4.92 -20.86 14.24
C PRO A 112 4.67 -19.45 13.69
N ASP A 113 3.47 -19.19 13.27
CA ASP A 113 3.15 -17.86 12.72
C ASP A 113 1.63 -17.70 12.54
N ASP A 114 0.93 -17.41 13.61
CA ASP A 114 -0.54 -17.22 13.47
C ASP A 114 -0.77 -16.08 12.47
N VAL A 115 -1.85 -16.08 11.74
CA VAL A 115 -2.05 -14.98 10.73
C VAL A 115 -3.46 -14.40 10.82
N LEU A 116 -3.59 -13.12 10.51
CA LEU A 116 -4.92 -12.46 10.54
C LEU A 116 -5.22 -11.93 9.13
N LEU A 117 -6.47 -11.88 8.74
CA LEU A 117 -6.81 -11.38 7.38
C LEU A 117 -8.09 -10.55 7.41
N HIS A 118 -8.08 -9.43 8.10
CA HIS A 118 -9.29 -8.58 8.16
C HIS A 118 -9.50 -7.88 6.81
N ARG A 119 -10.70 -7.46 6.52
CA ARG A 119 -10.96 -6.77 5.21
C ARG A 119 -11.44 -5.34 5.47
N THR A 120 -11.30 -4.48 4.49
CA THR A 120 -11.73 -3.06 4.66
C THR A 120 -12.99 -2.82 3.83
N HIS A 121 -13.92 -2.06 4.35
CA HIS A 121 -15.17 -1.78 3.57
C HIS A 121 -15.26 -0.28 3.28
N ASP A 122 -15.66 0.07 2.09
CA ASP A 122 -15.77 1.52 1.74
C ASP A 122 -17.02 2.12 2.39
N GLN A 1 15.95 -8.14 11.93
CA GLN A 1 14.71 -7.34 11.86
C GLN A 1 14.60 -6.44 13.10
N ASP A 2 13.54 -5.70 13.23
CA ASP A 2 13.37 -4.82 14.41
C ASP A 2 12.58 -5.57 15.48
N LEU A 3 11.29 -5.64 15.32
CA LEU A 3 10.45 -6.38 16.31
C LEU A 3 10.40 -7.85 15.89
N GLN A 4 10.37 -8.74 16.84
CA GLN A 4 10.33 -10.18 16.48
C GLN A 4 9.17 -10.44 15.51
N ALA A 5 8.09 -11.00 15.97
CA ALA A 5 6.94 -11.25 15.08
C ALA A 5 5.65 -10.86 15.81
N THR A 6 4.73 -10.23 15.13
CA THR A 6 3.45 -9.81 15.80
C THR A 6 2.48 -9.24 14.78
N GLU A 7 2.76 -8.07 14.29
CA GLU A 7 1.83 -7.40 13.33
C GLU A 7 2.41 -7.35 11.92
N ALA A 8 1.57 -7.59 10.95
CA ALA A 8 1.98 -7.54 9.52
C ALA A 8 0.75 -7.13 8.73
N ASN A 9 0.71 -5.94 8.18
CA ASN A 9 -0.51 -5.51 7.45
C ASN A 9 -0.31 -5.64 5.94
N CYS A 10 -1.34 -6.07 5.26
CA CYS A 10 -1.26 -6.24 3.79
C CYS A 10 -2.50 -5.57 3.21
N THR A 11 -2.40 -4.36 2.73
CA THR A 11 -3.61 -3.70 2.22
C THR A 11 -3.47 -3.25 0.78
N VAL A 12 -4.58 -3.16 0.11
CA VAL A 12 -4.60 -2.68 -1.28
C VAL A 12 -5.29 -1.33 -1.28
N LEU A 13 -4.57 -0.29 -1.58
CA LEU A 13 -5.19 1.06 -1.55
C LEU A 13 -6.48 1.04 -2.37
N SER A 14 -7.41 1.87 -2.02
CA SER A 14 -8.69 1.91 -2.78
C SER A 14 -8.57 3.02 -3.83
N VAL A 15 -9.27 2.91 -4.92
CA VAL A 15 -9.15 3.96 -5.96
C VAL A 15 -10.25 5.00 -5.76
N GLN A 16 -9.87 6.23 -5.51
CA GLN A 16 -10.89 7.29 -5.29
C GLN A 16 -10.39 8.61 -5.90
N GLN A 17 -11.28 9.50 -6.22
CA GLN A 17 -10.87 10.79 -6.82
C GLN A 17 -10.20 11.67 -5.75
N ILE A 18 -9.60 12.76 -6.16
CA ILE A 18 -8.92 13.67 -5.19
C ILE A 18 -9.81 13.87 -3.97
N GLY A 19 -9.29 14.51 -2.94
CA GLY A 19 -10.11 14.75 -1.72
C GLY A 19 -9.81 13.66 -0.69
N GLU A 20 -8.87 12.80 -0.98
CA GLU A 20 -8.51 11.72 -0.01
C GLU A 20 -7.07 11.91 0.46
N VAL A 21 -6.81 11.61 1.71
CA VAL A 21 -5.43 11.76 2.24
C VAL A 21 -4.90 10.40 2.70
N PHE A 22 -3.68 10.09 2.35
CA PHE A 22 -3.09 8.78 2.75
C PHE A 22 -1.78 9.01 3.50
N GLU A 23 -1.34 8.04 4.26
CA GLU A 23 -0.07 8.20 5.02
C GLU A 23 0.98 7.23 4.51
N CYS A 24 2.24 7.60 4.61
CA CYS A 24 3.33 6.68 4.15
C CYS A 24 4.03 6.15 5.39
N THR A 25 4.69 5.03 5.29
CA THR A 25 5.37 4.45 6.49
C THR A 25 6.88 4.40 6.30
N PHE A 26 7.61 4.58 7.37
CA PHE A 26 9.09 4.52 7.31
C PHE A 26 9.59 3.71 8.50
N THR A 27 10.76 3.13 8.39
CA THR A 27 11.28 2.32 9.53
C THR A 27 12.72 2.71 9.82
N CYS A 28 13.04 2.89 11.08
CA CYS A 28 14.43 3.27 11.46
C CYS A 28 14.82 2.51 12.73
N GLY A 29 16.07 2.54 13.10
CA GLY A 29 16.50 1.80 14.32
C GLY A 29 16.25 2.67 15.56
N ALA A 30 16.52 2.14 16.72
CA ALA A 30 16.30 2.94 17.96
C ALA A 30 14.80 3.03 18.25
N ASP A 31 14.04 2.13 17.73
CA ASP A 31 12.56 2.15 17.97
C ASP A 31 11.99 3.49 17.52
N CYS A 32 12.40 3.96 16.37
CA CYS A 32 11.89 5.26 15.85
C CYS A 32 11.22 5.02 14.50
N ARG A 33 10.00 5.47 14.35
CA ARG A 33 9.29 5.26 13.05
C ARG A 33 8.93 6.63 12.46
N GLY A 34 8.73 6.70 11.16
CA GLY A 34 8.38 8.01 10.55
C GLY A 34 7.21 7.86 9.58
N THR A 35 6.30 8.80 9.59
CA THR A 35 5.14 8.74 8.67
C THR A 35 4.96 10.09 7.99
N SER A 36 4.33 10.13 6.85
CA SER A 36 4.12 11.42 6.14
C SER A 36 2.69 11.51 5.63
N GLN A 37 2.15 12.70 5.53
CA GLN A 37 0.75 12.86 5.03
C GLN A 37 0.77 13.61 3.70
N TYR A 38 -0.05 13.20 2.76
CA TYR A 38 -0.06 13.88 1.44
C TYR A 38 -1.43 13.69 0.78
N PRO A 39 -1.77 14.51 -0.19
CA PRO A 39 -3.08 14.40 -0.93
C PRO A 39 -3.35 12.97 -1.41
N CYS A 40 -4.03 12.84 -2.52
CA CYS A 40 -4.34 11.47 -3.04
C CYS A 40 -3.05 10.81 -3.51
N VAL A 41 -2.97 9.50 -3.42
CA VAL A 41 -1.74 8.78 -3.85
C VAL A 41 -2.12 7.66 -4.82
N GLN A 42 -1.25 7.32 -5.73
CA GLN A 42 -1.55 6.23 -6.69
C GLN A 42 -2.10 5.01 -5.94
N VAL A 43 -2.42 3.94 -6.64
CA VAL A 43 -2.98 2.73 -5.96
C VAL A 43 -2.12 1.50 -6.22
N TYR A 44 -2.04 0.62 -5.25
CA TYR A 44 -1.25 -0.63 -5.40
C TYR A 44 -1.39 -1.47 -4.13
N VAL A 45 -0.30 -1.93 -3.58
CA VAL A 45 -0.40 -2.77 -2.34
C VAL A 45 0.63 -2.33 -1.31
N ASN A 46 0.20 -2.20 -0.08
CA ASN A 46 1.14 -1.82 1.00
C ASN A 46 1.71 -3.07 1.65
N ASN A 47 3.01 -3.22 1.64
CA ASN A 47 3.60 -4.43 2.26
C ASN A 47 4.07 -4.08 3.68
N SER A 48 3.19 -4.17 4.64
CA SER A 48 3.58 -3.84 6.03
C SER A 48 4.02 -5.12 6.75
N GLU A 49 4.27 -6.16 6.02
CA GLU A 49 4.71 -7.43 6.68
C GLU A 49 6.12 -7.20 7.23
N SER A 50 6.73 -6.12 6.83
CA SER A 50 8.10 -5.80 7.32
C SER A 50 8.25 -4.28 7.41
N ASN A 51 8.16 -3.59 6.30
CA ASN A 51 8.29 -2.11 6.31
C ASN A 51 8.49 -1.60 4.88
N SER A 52 7.69 -2.05 3.95
CA SER A 52 7.84 -1.59 2.54
C SER A 52 6.50 -1.08 1.98
N ARG A 53 6.56 -0.11 1.12
CA ARG A 53 5.31 0.43 0.51
C ARG A 53 5.43 0.34 -1.02
N ALA A 54 4.55 -0.39 -1.64
CA ALA A 54 4.62 -0.52 -3.13
C ALA A 54 3.55 0.38 -3.76
N LEU A 55 3.96 1.25 -4.65
CA LEU A 55 2.99 2.17 -5.32
C LEU A 55 2.97 1.92 -6.83
N LEU A 56 1.81 1.76 -7.39
CA LEU A 56 1.70 1.51 -8.86
C LEU A 56 0.74 2.53 -9.47
N HIS A 57 1.03 3.00 -10.65
CA HIS A 57 0.13 4.01 -11.28
C HIS A 57 -0.92 3.28 -12.11
N SER A 58 -2.17 3.45 -11.79
CA SER A 58 -3.24 2.77 -12.58
C SER A 58 -3.13 3.23 -14.03
N ASP A 59 -2.85 4.49 -14.24
CA ASP A 59 -2.72 5.00 -15.63
C ASP A 59 -2.16 6.42 -15.58
N GLU A 60 -1.52 6.85 -16.62
CA GLU A 60 -0.95 8.23 -16.64
C GLU A 60 -2.10 9.24 -16.62
N HIS A 61 -3.20 8.92 -17.24
CA HIS A 61 -4.35 9.87 -17.25
C HIS A 61 -4.72 10.24 -15.81
N GLN A 62 -4.69 9.28 -14.93
CA GLN A 62 -5.04 9.59 -13.51
C GLN A 62 -4.03 10.60 -12.95
N LEU A 63 -2.79 10.44 -13.28
CA LEU A 63 -1.75 11.39 -12.79
C LEU A 63 -2.03 12.76 -13.39
N LEU A 64 -2.34 12.82 -14.65
CA LEU A 64 -2.64 14.12 -15.29
C LEU A 64 -3.94 14.67 -14.71
N THR A 65 -4.81 13.78 -14.28
CA THR A 65 -6.10 14.22 -13.70
C THR A 65 -5.86 14.86 -12.34
N ASN A 66 -5.00 14.29 -11.54
CA ASN A 66 -4.71 14.86 -10.19
C ASN A 66 -3.20 14.92 -9.96
N PRO A 67 -2.50 15.74 -10.69
CA PRO A 67 -1.02 15.89 -10.55
C PRO A 67 -0.60 16.20 -9.11
N LYS A 68 -1.52 16.66 -8.30
CA LYS A 68 -1.17 16.98 -6.89
C LYS A 68 -1.20 15.73 -6.02
N CYS A 69 -1.53 14.60 -6.60
CA CYS A 69 -1.59 13.35 -5.79
C CYS A 69 -0.19 12.99 -5.26
N SER A 70 0.85 13.29 -6.00
CA SER A 70 2.22 12.94 -5.52
C SER A 70 3.20 14.07 -5.85
N TYR A 71 2.81 15.30 -5.66
CA TYR A 71 3.74 16.42 -5.95
C TYR A 71 4.89 16.42 -4.93
N ILE A 72 4.67 15.79 -3.80
CA ILE A 72 5.74 15.73 -2.76
C ILE A 72 6.45 14.37 -2.83
N PRO A 73 7.67 14.31 -2.35
CA PRO A 73 8.47 13.05 -2.35
C PRO A 73 7.61 11.81 -2.04
N PRO A 74 7.22 11.07 -3.05
CA PRO A 74 6.38 9.85 -2.88
C PRO A 74 7.22 8.60 -2.54
N CYS A 75 6.67 7.69 -1.79
CA CYS A 75 7.44 6.46 -1.45
C CYS A 75 6.94 5.32 -2.35
N LYS A 76 7.76 4.89 -3.27
CA LYS A 76 7.34 3.79 -4.19
C LYS A 76 8.48 2.79 -4.35
N ARG A 77 8.17 1.52 -4.35
CA ARG A 77 9.24 0.49 -4.52
C ARG A 77 9.88 0.65 -5.88
N GLU A 78 9.09 0.86 -6.89
CA GLU A 78 9.63 1.03 -8.26
C GLU A 78 8.86 2.12 -9.00
N ASN A 79 9.49 2.82 -9.90
CA ASN A 79 8.78 3.90 -10.63
C ASN A 79 7.60 3.30 -11.39
N GLN A 80 7.80 2.19 -12.04
CA GLN A 80 6.70 1.55 -12.80
C GLN A 80 7.19 0.21 -13.37
N LYS A 81 6.30 -0.75 -13.51
CA LYS A 81 6.73 -2.06 -14.06
C LYS A 81 6.66 -2.00 -15.59
N ASN A 82 5.48 -2.08 -16.14
CA ASN A 82 5.35 -2.02 -17.63
C ASN A 82 3.92 -1.61 -17.99
N LEU A 83 3.68 -1.26 -19.22
CA LEU A 83 2.31 -0.83 -19.63
C LEU A 83 1.34 -2.02 -19.53
N GLU A 84 1.80 -3.21 -19.84
CA GLU A 84 0.89 -4.39 -19.77
C GLU A 84 0.36 -4.55 -18.35
N SER A 85 1.16 -4.24 -17.36
CA SER A 85 0.69 -4.39 -15.94
C SER A 85 -0.52 -3.49 -15.71
N VAL A 86 -0.58 -2.35 -16.34
CA VAL A 86 -1.74 -1.44 -16.12
C VAL A 86 -3.03 -2.13 -16.52
N MET A 87 -3.05 -2.81 -17.64
CA MET A 87 -4.31 -3.51 -18.05
C MET A 87 -4.56 -4.65 -17.07
N ASN A 88 -3.55 -5.41 -16.77
CA ASN A 88 -3.72 -6.54 -15.82
C ASN A 88 -4.12 -6.00 -14.45
N TRP A 89 -3.58 -4.87 -14.07
CA TRP A 89 -3.93 -4.29 -12.74
C TRP A 89 -5.42 -3.99 -12.67
N GLN A 90 -5.96 -3.35 -13.67
CA GLN A 90 -7.42 -3.03 -13.63
C GLN A 90 -8.23 -4.32 -13.55
N GLN A 91 -7.90 -5.29 -14.37
CA GLN A 91 -8.66 -6.58 -14.32
C GLN A 91 -8.32 -7.32 -13.03
N TYR A 92 -7.07 -7.35 -12.67
CA TYR A 92 -6.64 -8.07 -11.44
C TYR A 92 -7.13 -7.35 -10.18
N TRP A 93 -6.84 -6.08 -10.07
CA TRP A 93 -7.25 -5.32 -8.86
C TRP A 93 -8.77 -5.20 -8.77
N LYS A 94 -9.43 -4.91 -9.85
CA LYS A 94 -10.91 -4.75 -9.81
C LYS A 94 -11.59 -6.10 -9.57
N ASP A 95 -11.19 -7.12 -10.27
CA ASP A 95 -11.85 -8.44 -10.10
C ASP A 95 -11.58 -9.01 -8.71
N GLU A 96 -10.37 -8.93 -8.23
CA GLU A 96 -10.06 -9.49 -6.89
C GLU A 96 -10.58 -8.55 -5.81
N ILE A 97 -10.40 -7.26 -6.00
CA ILE A 97 -10.87 -6.30 -4.97
C ILE A 97 -11.74 -5.21 -5.62
N GLY A 98 -12.99 -5.17 -5.30
CA GLY A 98 -13.86 -4.10 -5.86
C GLY A 98 -13.36 -2.76 -5.33
N SER A 99 -12.88 -2.74 -4.12
CA SER A 99 -12.37 -1.48 -3.51
C SER A 99 -12.36 -1.62 -1.98
N GLN A 100 -11.43 -2.36 -1.44
CA GLN A 100 -11.41 -2.52 0.05
C GLN A 100 -10.04 -3.08 0.51
N PRO A 101 -9.15 -2.24 0.99
CA PRO A 101 -7.82 -2.68 1.50
C PRO A 101 -7.97 -3.76 2.58
N PHE A 102 -6.88 -4.38 2.99
CA PHE A 102 -7.00 -5.42 4.04
C PHE A 102 -5.80 -5.38 5.00
N THR A 103 -5.98 -5.86 6.19
CA THR A 103 -4.88 -5.84 7.19
C THR A 103 -4.62 -7.28 7.66
N CYS A 104 -3.44 -7.52 8.13
CA CYS A 104 -3.10 -8.88 8.61
C CYS A 104 -2.27 -8.78 9.89
N TYR A 105 -2.18 -9.84 10.62
CA TYR A 105 -1.36 -9.83 11.87
C TYR A 105 -0.72 -11.21 12.02
N PHE A 106 0.51 -11.27 12.43
CA PHE A 106 1.14 -12.62 12.55
C PHE A 106 2.16 -12.64 13.70
N ASN A 107 2.29 -13.77 14.34
CA ASN A 107 3.23 -13.90 15.48
C ASN A 107 3.88 -15.29 15.49
N GLN A 108 5.19 -15.32 15.43
CA GLN A 108 5.92 -16.63 15.46
C GLN A 108 6.22 -16.98 16.92
N HIS A 109 5.94 -16.09 17.83
CA HIS A 109 6.22 -16.36 19.26
C HIS A 109 5.67 -17.73 19.64
N GLN A 110 4.59 -18.15 19.04
CA GLN A 110 4.04 -19.49 19.37
C GLN A 110 5.01 -20.56 18.86
N ARG A 111 5.14 -20.68 17.57
CA ARG A 111 6.08 -21.68 17.01
C ARG A 111 6.26 -21.43 15.51
N PRO A 112 5.19 -21.37 14.75
CA PRO A 112 5.24 -21.16 13.29
C PRO A 112 4.97 -19.71 12.88
N ASP A 113 3.75 -19.42 12.53
CA ASP A 113 3.42 -18.03 12.10
C ASP A 113 1.90 -17.88 11.98
N ASP A 114 1.21 -17.72 13.08
CA ASP A 114 -0.27 -17.55 12.99
C ASP A 114 -0.52 -16.34 12.11
N VAL A 115 -1.58 -16.30 11.35
CA VAL A 115 -1.82 -15.13 10.46
C VAL A 115 -3.28 -14.68 10.49
N LEU A 116 -3.51 -13.39 10.36
CA LEU A 116 -4.89 -12.85 10.34
C LEU A 116 -5.12 -12.17 8.99
N LEU A 117 -6.33 -12.18 8.49
CA LEU A 117 -6.59 -11.53 7.17
C LEU A 117 -7.87 -10.69 7.22
N HIS A 118 -7.89 -9.66 8.02
CA HIS A 118 -9.11 -8.79 8.09
C HIS A 118 -9.22 -7.98 6.80
N ARG A 119 -10.41 -7.60 6.40
CA ARG A 119 -10.57 -6.82 5.14
C ARG A 119 -11.16 -5.43 5.43
N THR A 120 -10.95 -4.50 4.56
CA THR A 120 -11.50 -3.12 4.76
C THR A 120 -13.01 -3.13 4.50
N HIS A 121 -13.76 -2.43 5.30
CA HIS A 121 -15.24 -2.40 5.10
C HIS A 121 -15.66 -1.00 4.64
N ASP A 122 -16.52 -0.93 3.67
CA ASP A 122 -16.97 0.40 3.17
C ASP A 122 -17.64 1.17 4.30
N GLN A 1 11.10 -5.89 14.18
CA GLN A 1 11.82 -7.00 14.86
C GLN A 1 12.08 -6.61 16.32
N ASP A 2 12.02 -5.35 16.63
CA ASP A 2 12.27 -4.92 18.04
C ASP A 2 11.27 -5.63 18.95
N LEU A 3 10.04 -5.72 18.54
CA LEU A 3 9.02 -6.41 19.36
C LEU A 3 8.89 -7.85 18.85
N GLN A 4 8.80 -8.81 19.73
CA GLN A 4 8.70 -10.21 19.24
C GLN A 4 7.45 -10.35 18.36
N ALA A 5 6.39 -9.68 18.73
CA ALA A 5 5.16 -9.76 17.89
C ALA A 5 5.46 -9.03 16.58
N THR A 6 4.98 -9.54 15.47
CA THR A 6 5.27 -8.87 14.17
C THR A 6 3.98 -8.39 13.51
N GLU A 7 4.07 -7.32 12.79
CA GLU A 7 2.87 -6.78 12.10
C GLU A 7 3.12 -6.77 10.60
N ALA A 8 2.12 -7.11 9.82
CA ALA A 8 2.30 -7.10 8.36
C ALA A 8 0.97 -6.75 7.72
N ASN A 9 0.84 -5.57 7.19
CA ASN A 9 -0.47 -5.19 6.58
C ASN A 9 -0.40 -5.31 5.08
N CYS A 10 -1.42 -5.87 4.50
CA CYS A 10 -1.44 -6.05 3.02
C CYS A 10 -2.77 -5.53 2.53
N THR A 11 -2.82 -4.32 2.03
CA THR A 11 -4.13 -3.78 1.59
C THR A 11 -4.08 -3.24 0.18
N VAL A 12 -5.17 -3.34 -0.52
CA VAL A 12 -5.25 -2.81 -1.90
C VAL A 12 -5.80 -1.39 -1.79
N LEU A 13 -4.99 -0.41 -2.00
CA LEU A 13 -5.47 0.99 -1.88
C LEU A 13 -6.83 1.13 -2.57
N SER A 14 -7.63 2.05 -2.12
CA SER A 14 -8.96 2.25 -2.75
C SER A 14 -8.83 3.35 -3.79
N VAL A 15 -9.69 3.39 -4.76
CA VAL A 15 -9.58 4.44 -5.80
C VAL A 15 -10.58 5.56 -5.50
N GLN A 16 -10.09 6.75 -5.25
CA GLN A 16 -10.99 7.88 -4.94
C GLN A 16 -10.42 9.17 -5.53
N GLN A 17 -11.25 10.15 -5.77
CA GLN A 17 -10.76 11.43 -6.34
C GLN A 17 -10.01 12.22 -5.26
N ILE A 18 -9.37 13.29 -5.64
CA ILE A 18 -8.62 14.13 -4.65
C ILE A 18 -9.47 14.30 -3.38
N GLY A 19 -8.88 14.87 -2.35
CA GLY A 19 -9.64 15.07 -1.08
C GLY A 19 -9.33 13.93 -0.11
N GLU A 20 -8.51 13.00 -0.51
CA GLU A 20 -8.15 11.86 0.39
C GLU A 20 -6.64 11.82 0.57
N VAL A 21 -6.18 11.48 1.74
CA VAL A 21 -4.70 11.41 1.98
C VAL A 21 -4.33 9.99 2.39
N PHE A 22 -3.15 9.55 2.04
CA PHE A 22 -2.71 8.17 2.39
C PHE A 22 -1.42 8.25 3.19
N GLU A 23 -1.12 7.21 3.94
CA GLU A 23 0.13 7.22 4.76
C GLU A 23 1.15 6.22 4.19
N CYS A 24 2.41 6.49 4.38
CA CYS A 24 3.46 5.58 3.87
C CYS A 24 4.08 4.85 5.08
N THR A 25 4.73 3.73 4.86
CA THR A 25 5.32 2.98 6.01
C THR A 25 6.83 2.81 5.80
N PHE A 26 7.59 2.91 6.87
CA PHE A 26 9.06 2.73 6.76
C PHE A 26 9.62 2.25 8.10
N THR A 27 10.80 1.69 8.10
CA THR A 27 11.41 1.22 9.36
C THR A 27 12.85 1.72 9.43
N CYS A 28 13.36 1.95 10.62
CA CYS A 28 14.76 2.44 10.75
C CYS A 28 15.53 1.54 11.72
N GLY A 29 16.83 1.61 11.70
CA GLY A 29 17.65 0.74 12.59
C GLY A 29 17.79 1.37 13.98
N ALA A 30 17.66 0.55 15.01
CA ALA A 30 17.77 1.03 16.44
C ALA A 30 16.37 1.15 17.02
N ASP A 31 15.51 0.22 16.70
CA ASP A 31 14.12 0.25 17.23
C ASP A 31 13.45 1.57 16.84
N CYS A 32 13.61 1.99 15.60
CA CYS A 32 12.99 3.26 15.17
C CYS A 32 12.04 2.99 13.99
N ARG A 33 10.76 3.17 14.20
CA ARG A 33 9.79 2.94 13.10
C ARG A 33 8.79 4.10 13.06
N GLY A 34 8.25 4.41 11.91
CA GLY A 34 7.29 5.54 11.84
C GLY A 34 6.60 5.56 10.47
N THR A 35 5.61 6.41 10.31
CA THR A 35 4.89 6.50 9.02
C THR A 35 4.83 7.97 8.57
N SER A 36 4.59 8.20 7.31
CA SER A 36 4.50 9.60 6.80
C SER A 36 3.11 9.82 6.19
N GLN A 37 2.64 11.04 6.19
CA GLN A 37 1.28 11.31 5.61
C GLN A 37 1.42 12.18 4.36
N TYR A 38 0.73 11.80 3.30
CA TYR A 38 0.81 12.60 2.05
C TYR A 38 -0.61 12.71 1.43
N PRO A 39 -0.86 13.75 0.66
CA PRO A 39 -2.20 13.93 0.00
C PRO A 39 -2.70 12.69 -0.74
N CYS A 40 -3.47 12.86 -1.77
CA CYS A 40 -4.00 11.69 -2.53
C CYS A 40 -2.86 11.03 -3.31
N VAL A 41 -2.88 9.72 -3.42
CA VAL A 41 -1.80 9.00 -4.15
C VAL A 41 -2.44 8.05 -5.18
N GLN A 42 -1.66 7.59 -6.14
CA GLN A 42 -2.19 6.67 -7.17
C GLN A 42 -2.88 5.46 -6.52
N VAL A 43 -3.07 4.39 -7.26
CA VAL A 43 -3.74 3.18 -6.68
C VAL A 43 -2.80 1.97 -6.73
N TYR A 44 -2.80 1.17 -5.69
CA TYR A 44 -1.91 -0.03 -5.68
C TYR A 44 -2.11 -0.82 -4.38
N VAL A 45 -1.06 -1.37 -3.81
CA VAL A 45 -1.22 -2.14 -2.55
C VAL A 45 -0.05 -1.81 -1.62
N ASN A 46 -0.33 -1.58 -0.37
CA ASN A 46 0.76 -1.26 0.59
C ASN A 46 1.25 -2.55 1.24
N ASN A 47 2.51 -2.88 1.09
CA ASN A 47 3.02 -4.13 1.72
C ASN A 47 3.74 -3.75 3.01
N SER A 48 3.01 -3.64 4.09
CA SER A 48 3.65 -3.27 5.37
C SER A 48 4.20 -4.53 6.04
N GLU A 49 4.63 -5.49 5.26
CA GLU A 49 5.18 -6.74 5.85
C GLU A 49 6.42 -6.38 6.65
N SER A 50 6.91 -5.19 6.46
CA SER A 50 8.12 -4.74 7.19
C SER A 50 8.33 -3.25 6.89
N ASN A 51 8.13 -2.86 5.66
CA ASN A 51 8.30 -1.43 5.27
C ASN A 51 8.36 -1.32 3.75
N SER A 52 7.52 -2.04 3.05
CA SER A 52 7.53 -1.98 1.56
C SER A 52 6.17 -1.51 1.03
N ARG A 53 6.18 -0.70 0.01
CA ARG A 53 4.89 -0.22 -0.56
C ARG A 53 4.91 -0.39 -2.08
N ALA A 54 3.86 -0.95 -2.63
CA ALA A 54 3.81 -1.14 -4.11
C ALA A 54 3.05 0.03 -4.72
N LEU A 55 3.61 0.66 -5.72
CA LEU A 55 2.94 1.85 -6.34
C LEU A 55 2.57 1.57 -7.80
N LEU A 56 1.31 1.65 -8.14
CA LEU A 56 0.87 1.39 -9.52
C LEU A 56 0.03 2.59 -10.01
N HIS A 57 0.08 2.89 -11.27
CA HIS A 57 -0.73 4.03 -11.80
C HIS A 57 -2.00 3.46 -12.45
N SER A 58 -3.15 3.83 -11.96
CA SER A 58 -4.41 3.30 -12.57
C SER A 58 -4.45 3.69 -14.06
N ASP A 59 -4.12 4.91 -14.36
CA ASP A 59 -4.11 5.35 -15.79
C ASP A 59 -3.55 6.75 -15.89
N GLU A 60 -3.06 7.12 -17.04
CA GLU A 60 -2.49 8.49 -17.20
C GLU A 60 -3.61 9.52 -17.03
N HIS A 61 -4.80 9.18 -17.40
CA HIS A 61 -5.93 10.14 -17.26
C HIS A 61 -6.08 10.55 -15.79
N GLN A 62 -5.93 9.62 -14.89
CA GLN A 62 -6.06 9.99 -13.45
C GLN A 62 -4.97 11.00 -13.09
N LEU A 63 -3.78 10.81 -13.60
CA LEU A 63 -2.68 11.75 -13.30
C LEU A 63 -3.10 13.16 -13.74
N LEU A 64 -3.67 13.26 -14.91
CA LEU A 64 -4.11 14.60 -15.40
C LEU A 64 -5.24 15.08 -14.48
N THR A 65 -6.02 14.15 -13.99
CA THR A 65 -7.14 14.52 -13.08
C THR A 65 -6.58 14.95 -11.73
N ASN A 66 -5.59 14.26 -11.24
CA ASN A 66 -5.00 14.63 -9.93
C ASN A 66 -3.47 14.66 -10.03
N PRO A 67 -2.93 15.59 -10.78
CA PRO A 67 -1.46 15.72 -10.96
C PRO A 67 -0.73 15.79 -9.61
N LYS A 68 -1.37 16.34 -8.62
CA LYS A 68 -0.73 16.45 -7.27
C LYS A 68 -0.44 15.04 -6.75
N CYS A 69 -1.26 14.09 -7.09
CA CYS A 69 -1.04 12.70 -6.60
C CYS A 69 0.10 12.05 -7.40
N SER A 70 1.31 12.16 -6.91
CA SER A 70 2.48 11.54 -7.61
C SER A 70 3.75 12.30 -7.22
N TYR A 71 3.71 13.60 -7.35
CA TYR A 71 4.91 14.41 -7.01
C TYR A 71 5.15 14.35 -5.50
N ILE A 72 4.11 14.22 -4.73
CA ILE A 72 4.29 14.17 -3.25
C ILE A 72 5.17 12.95 -2.91
N PRO A 73 6.03 13.07 -1.93
CA PRO A 73 6.94 11.96 -1.51
C PRO A 73 6.30 10.58 -1.69
N PRO A 74 6.52 9.95 -2.82
CA PRO A 74 5.95 8.63 -3.12
C PRO A 74 6.90 7.48 -2.73
N CYS A 75 6.38 6.44 -2.14
CA CYS A 75 7.26 5.29 -1.76
C CYS A 75 7.06 4.16 -2.78
N LYS A 76 8.04 3.90 -3.59
CA LYS A 76 7.89 2.81 -4.61
C LYS A 76 9.16 1.95 -4.66
N ARG A 77 9.00 0.66 -4.74
CA ARG A 77 10.19 -0.23 -4.81
C ARG A 77 10.87 -0.07 -6.17
N GLU A 78 10.10 0.13 -7.20
CA GLU A 78 10.68 0.29 -8.57
C GLU A 78 10.56 1.75 -9.02
N ASN A 79 11.58 2.28 -9.64
CA ASN A 79 11.53 3.69 -10.10
C ASN A 79 10.37 3.89 -11.07
N GLN A 80 10.15 2.94 -11.95
CA GLN A 80 9.04 3.09 -12.93
C GLN A 80 8.42 1.73 -13.23
N LYS A 81 7.20 1.71 -13.69
CA LYS A 81 6.53 0.42 -14.00
C LYS A 81 5.88 0.49 -15.38
N ASN A 82 5.70 -0.62 -16.04
CA ASN A 82 5.07 -0.61 -17.37
C ASN A 82 3.57 -0.38 -17.21
N LEU A 83 2.98 0.46 -18.02
CA LEU A 83 1.52 0.72 -17.89
C LEU A 83 0.75 -0.58 -18.09
N GLU A 84 1.22 -1.43 -18.96
CA GLU A 84 0.51 -2.71 -19.21
C GLU A 84 0.54 -3.57 -17.95
N SER A 85 1.62 -3.55 -17.22
CA SER A 85 1.69 -4.38 -15.99
C SER A 85 0.67 -3.87 -14.97
N VAL A 86 0.45 -2.59 -14.93
CA VAL A 86 -0.54 -2.03 -13.96
C VAL A 86 -1.96 -2.45 -14.35
N MET A 87 -2.26 -2.44 -15.61
CA MET A 87 -3.64 -2.83 -16.04
C MET A 87 -3.96 -4.20 -15.46
N ASN A 88 -3.04 -5.11 -15.51
CA ASN A 88 -3.29 -6.47 -14.96
C ASN A 88 -3.60 -6.34 -13.46
N TRP A 89 -2.88 -5.49 -12.78
CA TRP A 89 -3.13 -5.31 -11.33
C TRP A 89 -4.57 -4.86 -11.10
N GLN A 90 -5.00 -3.86 -11.83
CA GLN A 90 -6.39 -3.37 -11.68
C GLN A 90 -7.35 -4.45 -12.21
N GLN A 91 -7.01 -5.05 -13.32
CA GLN A 91 -7.90 -6.10 -13.90
C GLN A 91 -8.06 -7.25 -12.91
N TYR A 92 -7.02 -7.62 -12.24
CA TYR A 92 -7.13 -8.76 -11.27
C TYR A 92 -8.05 -8.37 -10.11
N TRP A 93 -7.80 -7.25 -9.47
CA TRP A 93 -8.64 -6.86 -8.33
C TRP A 93 -10.03 -6.43 -8.83
N LYS A 94 -10.08 -5.73 -9.93
CA LYS A 94 -11.40 -5.30 -10.46
C LYS A 94 -12.27 -6.53 -10.72
N ASP A 95 -11.67 -7.57 -11.24
CA ASP A 95 -12.45 -8.81 -11.51
C ASP A 95 -13.07 -9.30 -10.20
N GLU A 96 -12.36 -9.17 -9.12
CA GLU A 96 -12.89 -9.63 -7.81
C GLU A 96 -13.36 -8.43 -6.99
N ILE A 97 -12.45 -7.68 -6.43
CA ILE A 97 -12.84 -6.51 -5.61
C ILE A 97 -12.76 -5.21 -6.43
N GLY A 98 -11.58 -4.74 -6.70
CA GLY A 98 -11.43 -3.48 -7.47
C GLY A 98 -11.15 -2.32 -6.51
N SER A 99 -11.18 -2.58 -5.23
CA SER A 99 -10.91 -1.50 -4.25
C SER A 99 -11.35 -1.96 -2.85
N GLN A 100 -10.77 -3.01 -2.36
CA GLN A 100 -11.15 -3.52 -1.01
C GLN A 100 -9.89 -3.74 -0.16
N PRO A 101 -9.35 -2.69 0.39
CA PRO A 101 -8.13 -2.75 1.24
C PRO A 101 -8.25 -3.79 2.36
N PHE A 102 -7.18 -4.45 2.70
CA PHE A 102 -7.24 -5.45 3.79
C PHE A 102 -5.95 -5.37 4.63
N THR A 103 -6.04 -5.74 5.88
CA THR A 103 -4.84 -5.69 6.74
C THR A 103 -4.50 -7.08 7.22
N CYS A 104 -3.27 -7.30 7.57
CA CYS A 104 -2.85 -8.64 8.04
C CYS A 104 -1.90 -8.48 9.23
N TYR A 105 -1.79 -9.50 10.04
CA TYR A 105 -0.87 -9.40 11.21
C TYR A 105 -0.36 -10.80 11.53
N PHE A 106 0.90 -10.94 11.84
CA PHE A 106 1.40 -12.29 12.16
C PHE A 106 2.46 -12.21 13.26
N ASN A 107 2.57 -13.22 14.06
CA ASN A 107 3.59 -13.18 15.16
C ASN A 107 4.16 -14.57 15.41
N GLN A 108 5.47 -14.69 15.36
CA GLN A 108 6.12 -16.00 15.60
C GLN A 108 6.45 -16.13 17.09
N HIS A 109 6.26 -15.07 17.84
CA HIS A 109 6.58 -15.13 19.29
C HIS A 109 5.93 -16.37 19.91
N GLN A 110 4.83 -16.81 19.37
CA GLN A 110 4.18 -18.04 19.92
C GLN A 110 5.08 -19.23 19.60
N ARG A 111 5.19 -19.57 18.34
CA ARG A 111 6.07 -20.70 17.95
C ARG A 111 6.22 -20.71 16.42
N PRO A 112 5.13 -20.70 15.68
CA PRO A 112 5.17 -20.71 14.20
C PRO A 112 4.92 -19.33 13.59
N ASP A 113 3.71 -19.06 13.20
CA ASP A 113 3.41 -17.73 12.59
C ASP A 113 1.90 -17.55 12.46
N ASP A 114 1.24 -17.21 13.55
CA ASP A 114 -0.23 -16.99 13.46
C ASP A 114 -0.48 -15.90 12.43
N VAL A 115 -1.59 -15.92 11.72
CA VAL A 115 -1.82 -14.86 10.69
C VAL A 115 -3.23 -14.26 10.79
N LEU A 116 -3.35 -12.99 10.47
CA LEU A 116 -4.68 -12.31 10.51
C LEU A 116 -4.99 -11.79 9.11
N LEU A 117 -6.25 -11.72 8.74
CA LEU A 117 -6.60 -11.24 7.38
C LEU A 117 -7.88 -10.38 7.42
N HIS A 118 -7.83 -9.26 8.10
CA HIS A 118 -9.04 -8.39 8.16
C HIS A 118 -9.24 -7.71 6.80
N ARG A 119 -10.47 -7.42 6.44
CA ARG A 119 -10.73 -6.77 5.12
C ARG A 119 -11.35 -5.39 5.31
N THR A 120 -11.23 -4.53 4.34
CA THR A 120 -11.81 -3.16 4.45
C THR A 120 -13.09 -3.09 3.62
N HIS A 121 -14.10 -2.40 4.12
CA HIS A 121 -15.38 -2.29 3.36
C HIS A 121 -15.65 -0.82 3.03
N ASP A 122 -15.99 -0.54 1.81
CA ASP A 122 -16.27 0.88 1.42
C ASP A 122 -17.30 1.48 2.39
N GLN A 1 12.80 -2.74 18.97
CA GLN A 1 12.13 -2.61 17.64
C GLN A 1 10.63 -2.38 17.83
N ASP A 2 9.82 -3.06 17.08
CA ASP A 2 8.35 -2.88 17.22
C ASP A 2 7.83 -3.77 18.35
N LEU A 3 6.55 -4.03 18.38
CA LEU A 3 5.99 -4.90 19.45
C LEU A 3 6.51 -6.31 19.26
N GLN A 4 6.52 -7.10 20.31
CA GLN A 4 7.04 -8.50 20.18
C GLN A 4 6.38 -9.17 18.98
N ALA A 5 5.10 -9.00 18.81
CA ALA A 5 4.42 -9.62 17.64
C ALA A 5 4.87 -8.91 16.36
N THR A 6 4.94 -9.61 15.25
CA THR A 6 5.37 -8.93 14.01
C THR A 6 4.13 -8.42 13.28
N GLU A 7 4.27 -7.33 12.58
CA GLU A 7 3.12 -6.75 11.85
C GLU A 7 3.37 -6.75 10.36
N ALA A 8 2.36 -7.05 9.57
CA ALA A 8 2.54 -7.05 8.10
C ALA A 8 1.20 -6.66 7.48
N ASN A 9 1.10 -5.49 6.93
CA ASN A 9 -0.21 -5.08 6.35
C ASN A 9 -0.17 -5.19 4.82
N CYS A 10 -1.25 -5.67 4.25
CA CYS A 10 -1.29 -5.84 2.77
C CYS A 10 -2.60 -5.25 2.28
N THR A 11 -2.59 -4.05 1.77
CA THR A 11 -3.88 -3.47 1.32
C THR A 11 -3.80 -2.86 -0.08
N VAL A 12 -4.88 -2.96 -0.81
CA VAL A 12 -4.92 -2.36 -2.15
C VAL A 12 -5.57 -1.00 -2.00
N LEU A 13 -4.83 0.04 -2.21
CA LEU A 13 -5.39 1.40 -2.03
C LEU A 13 -6.73 1.50 -2.75
N SER A 14 -7.55 2.41 -2.34
CA SER A 14 -8.88 2.59 -3.00
C SER A 14 -8.74 3.67 -4.05
N VAL A 15 -9.61 3.71 -5.01
CA VAL A 15 -9.49 4.77 -6.06
C VAL A 15 -10.44 5.93 -5.72
N GLN A 16 -9.91 7.11 -5.55
CA GLN A 16 -10.78 8.28 -5.21
C GLN A 16 -10.25 9.52 -5.93
N GLN A 17 -11.10 10.49 -6.15
CA GLN A 17 -10.64 11.73 -6.84
C GLN A 17 -10.06 12.72 -5.82
N ILE A 18 -8.84 12.51 -5.41
CA ILE A 18 -8.21 13.44 -4.42
C ILE A 18 -9.13 13.64 -3.22
N GLY A 19 -8.65 14.28 -2.19
CA GLY A 19 -9.50 14.51 -0.98
C GLY A 19 -9.22 13.42 0.06
N GLU A 20 -8.27 12.57 -0.21
CA GLU A 20 -7.95 11.48 0.76
C GLU A 20 -6.44 11.50 1.06
N VAL A 21 -6.07 11.23 2.28
CA VAL A 21 -4.63 11.23 2.65
C VAL A 21 -4.24 9.83 3.11
N PHE A 22 -3.00 9.44 2.91
CA PHE A 22 -2.57 8.08 3.32
C PHE A 22 -1.33 8.15 4.21
N GLU A 23 -1.07 7.11 4.96
CA GLU A 23 0.11 7.10 5.86
C GLU A 23 1.15 6.09 5.33
N CYS A 24 2.41 6.43 5.43
CA CYS A 24 3.47 5.50 4.95
C CYS A 24 4.22 4.95 6.17
N THR A 25 4.86 3.82 6.02
CA THR A 25 5.60 3.25 7.19
C THR A 25 7.06 3.00 6.82
N PHE A 26 7.95 3.12 7.77
CA PHE A 26 9.38 2.87 7.49
C PHE A 26 10.07 2.40 8.76
N THR A 27 11.23 1.82 8.65
CA THR A 27 11.95 1.34 9.84
C THR A 27 13.41 1.79 9.78
N CYS A 28 14.01 2.09 10.90
CA CYS A 28 15.42 2.54 10.90
C CYS A 28 16.21 1.67 11.89
N GLY A 29 17.51 1.70 11.82
CA GLY A 29 18.32 0.84 12.73
C GLY A 29 18.55 1.55 14.06
N ALA A 30 18.39 0.82 15.15
CA ALA A 30 18.58 1.36 16.54
C ALA A 30 17.21 1.62 17.18
N ASP A 31 16.28 0.73 16.96
CA ASP A 31 14.93 0.91 17.54
C ASP A 31 14.35 2.25 17.11
N CYS A 32 14.58 2.63 15.88
CA CYS A 32 14.01 3.90 15.37
C CYS A 32 12.96 3.57 14.33
N ARG A 33 11.71 3.78 14.63
CA ARG A 33 10.64 3.46 13.65
C ARG A 33 9.65 4.61 13.60
N GLY A 34 9.07 4.88 12.46
CA GLY A 34 8.08 6.00 12.38
C GLY A 34 7.25 5.90 11.11
N THR A 35 6.33 6.82 10.92
CA THR A 35 5.46 6.79 9.71
C THR A 35 5.51 8.15 9.03
N SER A 36 5.15 8.21 7.77
CA SER A 36 5.17 9.51 7.02
C SER A 36 3.77 9.81 6.47
N GLN A 37 3.43 11.07 6.36
CA GLN A 37 2.09 11.43 5.82
C GLN A 37 2.25 12.17 4.49
N TYR A 38 1.41 11.88 3.53
CA TYR A 38 1.50 12.56 2.21
C TYR A 38 0.10 12.72 1.62
N PRO A 39 -0.10 13.67 0.72
CA PRO A 39 -1.43 13.89 0.09
C PRO A 39 -2.00 12.61 -0.53
N CYS A 40 -2.76 12.73 -1.57
CA CYS A 40 -3.35 11.51 -2.22
C CYS A 40 -2.30 10.85 -3.11
N VAL A 41 -2.37 9.55 -3.25
CA VAL A 41 -1.40 8.82 -4.11
C VAL A 41 -2.17 7.93 -5.08
N GLN A 42 -1.58 7.60 -6.20
CA GLN A 42 -2.29 6.74 -7.19
C GLN A 42 -2.78 5.45 -6.50
N VAL A 43 -3.15 4.45 -7.27
CA VAL A 43 -3.68 3.19 -6.64
C VAL A 43 -2.83 1.96 -7.02
N TYR A 44 -2.69 1.05 -6.09
CA TYR A 44 -1.91 -0.20 -6.35
C TYR A 44 -1.95 -1.10 -5.12
N VAL A 45 -0.83 -1.58 -4.67
CA VAL A 45 -0.83 -2.47 -3.48
C VAL A 45 0.17 -1.99 -2.44
N ASN A 46 -0.23 -1.98 -1.20
CA ASN A 46 0.69 -1.54 -0.13
C ASN A 46 1.41 -2.76 0.43
N ASN A 47 2.69 -2.89 0.17
CA ASN A 47 3.42 -4.06 0.71
C ASN A 47 4.11 -3.65 1.99
N SER A 48 3.41 -3.74 3.09
CA SER A 48 4.00 -3.37 4.40
C SER A 48 4.38 -4.64 5.16
N GLU A 49 4.60 -5.71 4.47
CA GLU A 49 4.99 -6.97 5.15
C GLU A 49 6.39 -6.80 5.72
N SER A 50 7.06 -5.75 5.31
CA SER A 50 8.44 -5.49 5.79
C SER A 50 9.15 -4.61 4.76
N ASN A 51 8.61 -4.53 3.57
CA ASN A 51 9.24 -3.71 2.50
C ASN A 51 8.69 -2.29 2.51
N SER A 52 7.84 -1.96 1.58
CA SER A 52 7.27 -0.57 1.53
C SER A 52 5.96 -0.59 0.76
N ARG A 53 5.31 0.53 0.67
CA ARG A 53 4.02 0.58 -0.08
C ARG A 53 4.31 0.83 -1.57
N ALA A 54 3.76 0.02 -2.43
CA ALA A 54 4.00 0.20 -3.88
C ALA A 54 2.83 0.99 -4.49
N LEU A 55 3.14 1.98 -5.30
CA LEU A 55 2.07 2.81 -5.93
C LEU A 55 2.13 2.67 -7.45
N LEU A 56 1.02 2.49 -8.09
CA LEU A 56 0.98 2.34 -9.57
C LEU A 56 -0.01 3.34 -10.15
N HIS A 57 0.28 3.88 -11.30
CA HIS A 57 -0.67 4.86 -11.91
C HIS A 57 -1.66 4.11 -12.81
N SER A 58 -2.93 4.19 -12.52
CA SER A 58 -3.93 3.49 -13.36
C SER A 58 -3.84 4.00 -14.79
N ASP A 59 -3.65 5.28 -14.95
CA ASP A 59 -3.55 5.85 -16.32
C ASP A 59 -3.15 7.31 -16.23
N GLU A 60 -2.60 7.86 -17.29
CA GLU A 60 -2.20 9.28 -17.25
C GLU A 60 -3.43 10.17 -17.04
N HIS A 61 -4.57 9.73 -17.51
CA HIS A 61 -5.80 10.54 -17.34
C HIS A 61 -6.00 10.85 -15.85
N GLN A 62 -5.74 9.89 -15.01
CA GLN A 62 -5.90 10.13 -13.54
C GLN A 62 -4.96 11.26 -13.13
N LEU A 63 -3.76 11.25 -13.65
CA LEU A 63 -2.79 12.33 -13.30
C LEU A 63 -3.35 13.67 -13.74
N LEU A 64 -3.91 13.73 -14.92
CA LEU A 64 -4.50 15.01 -15.40
C LEU A 64 -5.64 15.38 -14.45
N THR A 65 -6.32 14.39 -13.95
CA THR A 65 -7.44 14.63 -13.00
C THR A 65 -6.87 15.07 -11.65
N ASN A 66 -5.71 14.59 -11.29
CA ASN A 66 -5.10 14.96 -9.99
C ASN A 66 -3.64 15.38 -10.19
N PRO A 67 -3.43 16.50 -10.85
CA PRO A 67 -2.05 17.01 -11.12
C PRO A 67 -1.20 17.06 -9.85
N LYS A 68 -1.83 16.96 -8.71
CA LYS A 68 -1.08 17.00 -7.43
C LYS A 68 -1.51 15.81 -6.57
N CYS A 69 -0.58 15.01 -6.12
CA CYS A 69 -0.95 13.84 -5.29
C CYS A 69 0.33 13.07 -4.93
N SER A 70 0.87 12.32 -5.86
CA SER A 70 2.11 11.55 -5.56
C SER A 70 3.32 12.46 -5.77
N TYR A 71 3.11 13.68 -6.20
CA TYR A 71 4.27 14.60 -6.42
C TYR A 71 5.03 14.79 -5.11
N ILE A 72 4.34 14.88 -4.01
CA ILE A 72 5.05 15.05 -2.71
C ILE A 72 5.82 13.75 -2.43
N PRO A 73 7.01 13.84 -1.90
CA PRO A 73 7.86 12.66 -1.60
C PRO A 73 7.03 11.39 -1.36
N PRO A 74 6.76 10.64 -2.40
CA PRO A 74 5.97 9.38 -2.31
C PRO A 74 6.82 8.18 -1.94
N CYS A 75 6.26 7.22 -1.25
CA CYS A 75 7.05 6.01 -0.88
C CYS A 75 6.69 4.87 -1.83
N LYS A 76 7.61 4.49 -2.67
CA LYS A 76 7.33 3.39 -3.64
C LYS A 76 8.52 2.42 -3.69
N ARG A 77 8.24 1.15 -3.85
CA ARG A 77 9.34 0.15 -3.92
C ARG A 77 10.20 0.42 -5.16
N GLU A 78 9.60 0.95 -6.20
CA GLU A 78 10.35 1.26 -7.47
C GLU A 78 10.28 0.04 -8.38
N ASN A 79 9.18 -0.66 -8.38
CA ASN A 79 9.04 -1.87 -9.25
C ASN A 79 9.23 -1.47 -10.71
N GLN A 80 8.75 -0.31 -11.08
CA GLN A 80 8.89 0.15 -12.50
C GLN A 80 8.25 -0.89 -13.43
N LYS A 81 7.04 -1.26 -13.16
CA LYS A 81 6.36 -2.27 -14.03
C LYS A 81 5.91 -1.60 -15.33
N ASN A 82 5.78 -2.36 -16.39
CA ASN A 82 5.36 -1.77 -17.69
C ASN A 82 3.88 -1.36 -17.63
N LEU A 83 3.42 -0.63 -18.60
CA LEU A 83 2.01 -0.18 -18.60
C LEU A 83 1.08 -1.38 -18.62
N GLU A 84 1.45 -2.42 -19.32
CA GLU A 84 0.57 -3.62 -19.38
C GLU A 84 0.30 -4.12 -17.95
N SER A 85 1.25 -3.98 -17.08
CA SER A 85 1.05 -4.43 -15.68
C SER A 85 -0.13 -3.67 -15.06
N VAL A 86 -0.33 -2.45 -15.45
CA VAL A 86 -1.45 -1.66 -14.89
C VAL A 86 -2.78 -2.35 -15.19
N MET A 87 -2.95 -2.84 -16.38
CA MET A 87 -4.23 -3.54 -16.70
C MET A 87 -4.39 -4.70 -15.72
N ASN A 88 -3.31 -5.37 -15.41
CA ASN A 88 -3.39 -6.51 -14.45
C ASN A 88 -3.87 -6.00 -13.09
N TRP A 89 -3.44 -4.84 -12.69
CA TRP A 89 -3.88 -4.31 -11.36
C TRP A 89 -5.40 -4.15 -11.36
N GLN A 90 -5.94 -3.50 -12.35
CA GLN A 90 -7.41 -3.33 -12.41
C GLN A 90 -8.06 -4.67 -12.76
N GLN A 91 -7.54 -5.33 -13.75
CA GLN A 91 -8.12 -6.64 -14.16
C GLN A 91 -7.98 -7.64 -13.03
N TYR A 92 -6.88 -7.64 -12.33
CA TYR A 92 -6.69 -8.62 -11.23
C TYR A 92 -7.66 -8.32 -10.07
N TRP A 93 -7.65 -7.12 -9.56
CA TRP A 93 -8.54 -6.80 -8.42
C TRP A 93 -9.99 -6.69 -8.89
N LYS A 94 -10.22 -6.11 -10.04
CA LYS A 94 -11.62 -5.98 -10.53
C LYS A 94 -12.24 -7.37 -10.67
N ASP A 95 -11.49 -8.32 -11.15
CA ASP A 95 -12.04 -9.69 -11.31
C ASP A 95 -12.53 -10.18 -9.95
N GLU A 96 -11.82 -9.86 -8.90
CA GLU A 96 -12.24 -10.30 -7.55
C GLU A 96 -12.87 -9.14 -6.80
N ILE A 97 -12.07 -8.22 -6.33
CA ILE A 97 -12.62 -7.05 -5.59
C ILE A 97 -12.71 -5.81 -6.49
N GLY A 98 -11.59 -5.23 -6.84
CA GLY A 98 -11.61 -4.02 -7.71
C GLY A 98 -11.31 -2.78 -6.86
N SER A 99 -11.28 -2.94 -5.56
CA SER A 99 -10.99 -1.76 -4.68
C SER A 99 -11.37 -2.11 -3.24
N GLN A 100 -10.63 -2.97 -2.60
CA GLN A 100 -10.96 -3.35 -1.21
C GLN A 100 -9.68 -3.53 -0.38
N PRO A 101 -9.14 -2.46 0.15
CA PRO A 101 -7.90 -2.51 0.98
C PRO A 101 -8.01 -3.54 2.11
N PHE A 102 -6.95 -4.22 2.41
CA PHE A 102 -7.00 -5.24 3.51
C PHE A 102 -5.73 -5.14 4.37
N THR A 103 -5.80 -5.61 5.59
CA THR A 103 -4.62 -5.55 6.49
C THR A 103 -4.26 -6.95 6.93
N CYS A 104 -3.03 -7.16 7.30
CA CYS A 104 -2.60 -8.50 7.76
C CYS A 104 -1.69 -8.36 8.98
N TYR A 105 -1.59 -9.39 9.77
CA TYR A 105 -0.71 -9.33 10.97
C TYR A 105 -0.21 -10.73 11.27
N PHE A 106 1.04 -10.87 11.59
CA PHE A 106 1.54 -12.24 11.87
C PHE A 106 2.62 -12.21 12.94
N ASN A 107 2.76 -13.28 13.69
CA ASN A 107 3.80 -13.30 14.76
C ASN A 107 4.36 -14.72 14.93
N GLN A 108 5.63 -14.91 14.65
CA GLN A 108 6.25 -16.25 14.83
C GLN A 108 6.81 -16.37 16.24
N HIS A 109 6.86 -15.28 16.95
CA HIS A 109 7.40 -15.31 18.33
C HIS A 109 6.76 -16.45 19.13
N GLN A 110 5.54 -16.79 18.83
CA GLN A 110 4.91 -17.92 19.57
C GLN A 110 5.63 -19.22 19.18
N ARG A 111 5.60 -19.56 17.92
CA ARG A 111 6.32 -20.78 17.48
C ARG A 111 6.35 -20.82 15.94
N PRO A 112 5.22 -20.71 15.28
CA PRO A 112 5.14 -20.74 13.81
C PRO A 112 4.95 -19.37 13.17
N ASP A 113 3.73 -19.02 12.87
CA ASP A 113 3.47 -17.70 12.23
C ASP A 113 1.96 -17.48 12.12
N ASP A 114 1.30 -17.16 13.20
CA ASP A 114 -0.17 -16.91 13.10
C ASP A 114 -0.38 -15.80 12.08
N VAL A 115 -1.50 -15.74 11.41
CA VAL A 115 -1.68 -14.67 10.39
C VAL A 115 -3.06 -14.01 10.50
N LEU A 116 -3.16 -12.75 10.15
CA LEU A 116 -4.45 -12.04 10.20
C LEU A 116 -4.81 -11.59 8.77
N LEU A 117 -6.07 -11.52 8.44
CA LEU A 117 -6.44 -11.10 7.05
C LEU A 117 -7.73 -10.30 7.07
N HIS A 118 -7.73 -9.15 7.70
CA HIS A 118 -8.97 -8.32 7.72
C HIS A 118 -9.12 -7.60 6.38
N ARG A 119 -10.33 -7.37 5.95
CA ARG A 119 -10.55 -6.69 4.64
C ARG A 119 -11.28 -5.36 4.85
N THR A 120 -11.06 -4.41 3.99
CA THR A 120 -11.75 -3.09 4.13
C THR A 120 -13.13 -3.16 3.46
N HIS A 121 -14.12 -2.56 4.06
CA HIS A 121 -15.49 -2.59 3.47
C HIS A 121 -15.89 -1.18 3.03
N ASP A 122 -16.46 -1.05 1.87
CA ASP A 122 -16.87 0.30 1.39
C ASP A 122 -15.75 1.31 1.66
N GLN A 1 6.37 -6.43 15.09
CA GLN A 1 7.05 -5.17 14.67
C GLN A 1 8.39 -5.51 13.99
N ASP A 2 9.14 -4.53 13.62
CA ASP A 2 10.45 -4.81 12.96
C ASP A 2 11.34 -5.60 13.92
N LEU A 3 11.35 -5.23 15.16
CA LEU A 3 12.19 -5.97 16.15
C LEU A 3 11.71 -7.41 16.29
N GLN A 4 10.42 -7.62 16.28
CA GLN A 4 9.89 -9.01 16.41
C GLN A 4 8.60 -9.15 15.60
N ALA A 5 8.27 -10.36 15.22
CA ALA A 5 7.03 -10.59 14.42
C ALA A 5 5.80 -10.35 15.29
N THR A 6 4.74 -9.84 14.71
CA THR A 6 3.49 -9.58 15.48
C THR A 6 2.41 -9.08 14.52
N GLU A 7 2.63 -7.92 13.95
CA GLU A 7 1.61 -7.34 13.04
C GLU A 7 2.15 -7.23 11.62
N ALA A 8 1.32 -7.53 10.65
CA ALA A 8 1.73 -7.42 9.23
C ALA A 8 0.47 -7.12 8.43
N ASN A 9 0.31 -5.92 7.92
CA ASN A 9 -0.94 -5.64 7.17
C ASN A 9 -0.70 -5.68 5.66
N CYS A 10 -1.64 -6.22 4.95
CA CYS A 10 -1.51 -6.33 3.48
C CYS A 10 -2.80 -5.82 2.87
N THR A 11 -2.80 -4.61 2.36
CA THR A 11 -4.08 -4.07 1.81
C THR A 11 -3.93 -3.55 0.40
N VAL A 12 -5.00 -3.63 -0.35
CA VAL A 12 -5.01 -3.09 -1.72
C VAL A 12 -5.60 -1.69 -1.65
N LEU A 13 -4.81 -0.69 -1.86
CA LEU A 13 -5.34 0.69 -1.77
C LEU A 13 -6.70 0.77 -2.44
N SER A 14 -7.55 1.64 -1.98
CA SER A 14 -8.89 1.77 -2.59
C SER A 14 -8.82 2.90 -3.61
N VAL A 15 -9.60 2.85 -4.63
CA VAL A 15 -9.54 3.92 -5.66
C VAL A 15 -10.67 4.92 -5.41
N GLN A 16 -10.33 6.12 -5.09
CA GLN A 16 -11.38 7.15 -4.83
C GLN A 16 -10.88 8.52 -5.34
N GLN A 17 -11.79 9.41 -5.64
CA GLN A 17 -11.36 10.75 -6.15
C GLN A 17 -10.50 11.44 -5.09
N ILE A 18 -9.67 12.36 -5.50
CA ILE A 18 -8.79 13.07 -4.54
C ILE A 18 -9.62 13.58 -3.35
N GLY A 19 -9.01 14.32 -2.46
CA GLY A 19 -9.75 14.84 -1.29
C GLY A 19 -9.54 13.91 -0.10
N GLU A 20 -8.76 12.87 -0.30
CA GLU A 20 -8.48 11.91 0.80
C GLU A 20 -6.98 11.82 1.02
N VAL A 21 -6.55 11.69 2.26
CA VAL A 21 -5.10 11.61 2.55
C VAL A 21 -4.72 10.19 2.96
N PHE A 22 -3.63 9.69 2.43
CA PHE A 22 -3.18 8.31 2.79
C PHE A 22 -1.81 8.39 3.46
N GLU A 23 -1.44 7.37 4.20
CA GLU A 23 -0.11 7.39 4.87
C GLU A 23 0.85 6.43 4.17
N CYS A 24 2.12 6.75 4.17
CA CYS A 24 3.12 5.87 3.51
C CYS A 24 3.94 5.19 4.62
N THR A 25 4.56 4.07 4.33
CA THR A 25 5.36 3.39 5.37
C THR A 25 6.84 3.36 4.96
N PHE A 26 7.72 3.41 5.92
CA PHE A 26 9.17 3.37 5.63
C PHE A 26 9.93 2.85 6.85
N THR A 27 11.13 2.39 6.67
CA THR A 27 11.91 1.89 7.83
C THR A 27 13.32 2.48 7.80
N CYS A 28 13.90 2.68 8.95
CA CYS A 28 15.28 3.25 9.01
C CYS A 28 16.14 2.34 9.89
N GLY A 29 17.43 2.53 9.89
CA GLY A 29 18.31 1.65 10.72
C GLY A 29 18.38 2.17 12.15
N ALA A 30 19.07 1.47 13.02
CA ALA A 30 19.16 1.92 14.43
C ALA A 30 17.81 1.74 15.11
N ASP A 31 17.11 0.69 14.78
CA ASP A 31 15.77 0.46 15.39
C ASP A 31 14.89 1.70 15.16
N CYS A 32 14.91 2.22 13.97
CA CYS A 32 14.10 3.43 13.65
C CYS A 32 13.00 3.07 12.66
N ARG A 33 11.76 3.21 13.06
CA ARG A 33 10.64 2.89 12.14
C ARG A 33 9.60 4.03 12.20
N GLY A 34 8.93 4.30 11.12
CA GLY A 34 7.91 5.40 11.17
C GLY A 34 7.13 5.47 9.85
N THR A 35 6.14 6.32 9.80
CA THR A 35 5.32 6.45 8.56
C THR A 35 5.23 7.92 8.16
N SER A 36 4.90 8.20 6.92
CA SER A 36 4.79 9.61 6.46
C SER A 36 3.38 9.86 5.95
N GLN A 37 2.99 11.10 5.82
CA GLN A 37 1.62 11.42 5.32
C GLN A 37 1.72 12.09 3.95
N TYR A 38 1.01 11.58 2.97
CA TYR A 38 1.07 12.20 1.61
C TYR A 38 -0.34 12.18 0.99
N PRO A 39 -0.62 13.11 0.09
CA PRO A 39 -1.95 13.20 -0.58
C PRO A 39 -2.38 11.87 -1.20
N CYS A 40 -3.23 11.92 -2.20
CA CYS A 40 -3.71 10.67 -2.84
C CYS A 40 -2.59 10.03 -3.66
N VAL A 41 -2.58 8.72 -3.73
CA VAL A 41 -1.53 8.01 -4.51
C VAL A 41 -2.20 7.02 -5.47
N GLN A 42 -1.47 6.53 -6.44
CA GLN A 42 -2.07 5.56 -7.40
C GLN A 42 -2.64 4.36 -6.64
N VAL A 43 -2.82 3.24 -7.30
CA VAL A 43 -3.39 2.05 -6.62
C VAL A 43 -2.43 0.86 -6.70
N TYR A 44 -2.39 0.06 -5.66
CA TYR A 44 -1.52 -1.14 -5.65
C TYR A 44 -1.72 -1.90 -4.34
N VAL A 45 -0.65 -2.23 -3.67
CA VAL A 45 -0.78 -2.97 -2.38
C VAL A 45 0.18 -2.39 -1.35
N ASN A 46 -0.28 -2.20 -0.14
CA ASN A 46 0.59 -1.66 0.91
C ASN A 46 1.26 -2.83 1.63
N ASN A 47 2.56 -2.93 1.59
CA ASN A 47 3.23 -4.06 2.27
C ASN A 47 3.59 -3.64 3.70
N SER A 48 2.67 -3.79 4.62
CA SER A 48 2.95 -3.40 6.02
C SER A 48 3.55 -4.59 6.75
N GLU A 49 4.00 -5.58 6.02
CA GLU A 49 4.62 -6.77 6.67
C GLU A 49 6.07 -6.44 7.03
N SER A 50 6.56 -5.34 6.50
CA SER A 50 7.97 -4.94 6.79
C SER A 50 8.10 -3.43 6.62
N ASN A 51 7.05 -2.69 6.89
CA ASN A 51 7.11 -1.21 6.75
C ASN A 51 7.44 -0.85 5.29
N SER A 52 6.81 -1.50 4.35
CA SER A 52 7.09 -1.19 2.91
C SER A 52 5.77 -0.87 2.20
N ARG A 53 5.80 0.02 1.24
CA ARG A 53 4.56 0.37 0.50
C ARG A 53 4.83 0.31 -1.00
N ALA A 54 4.14 -0.55 -1.71
CA ALA A 54 4.34 -0.65 -3.18
C ALA A 54 3.24 0.13 -3.89
N LEU A 55 3.61 1.00 -4.80
CA LEU A 55 2.59 1.81 -5.54
C LEU A 55 2.70 1.56 -7.06
N LEU A 56 1.59 1.31 -7.71
CA LEU A 56 1.61 1.08 -9.18
C LEU A 56 0.71 2.10 -9.85
N HIS A 57 1.05 2.51 -11.04
CA HIS A 57 0.20 3.52 -11.74
C HIS A 57 -0.85 2.79 -12.58
N SER A 58 -2.11 2.98 -12.28
CA SER A 58 -3.17 2.31 -13.08
C SER A 58 -3.34 3.03 -14.41
N ASP A 59 -3.08 4.31 -14.43
CA ASP A 59 -3.21 5.08 -15.71
C ASP A 59 -2.62 6.47 -15.52
N GLU A 60 -1.70 6.86 -16.37
CA GLU A 60 -1.10 8.21 -16.25
C GLU A 60 -2.20 9.27 -16.32
N HIS A 61 -3.24 9.01 -17.06
CA HIS A 61 -4.34 9.99 -17.17
C HIS A 61 -4.83 10.37 -15.77
N GLN A 62 -4.91 9.40 -14.89
CA GLN A 62 -5.37 9.69 -13.50
C GLN A 62 -4.40 10.68 -12.87
N LEU A 63 -3.12 10.50 -13.11
CA LEU A 63 -2.12 11.43 -12.54
C LEU A 63 -2.38 12.83 -13.08
N LEU A 64 -2.66 12.93 -14.35
CA LEU A 64 -2.96 14.27 -14.95
C LEU A 64 -4.27 14.78 -14.35
N THR A 65 -5.14 13.87 -13.98
CA THR A 65 -6.44 14.27 -13.38
C THR A 65 -6.22 14.82 -11.98
N ASN A 66 -5.35 14.20 -11.23
CA ASN A 66 -5.08 14.68 -9.84
C ASN A 66 -3.57 14.76 -9.60
N PRO A 67 -2.89 15.64 -10.27
CA PRO A 67 -1.42 15.81 -10.12
C PRO A 67 -1.03 15.97 -8.65
N LYS A 68 -1.91 16.51 -7.85
CA LYS A 68 -1.62 16.69 -6.41
C LYS A 68 -1.38 15.33 -5.76
N CYS A 69 -1.86 14.28 -6.38
CA CYS A 69 -1.70 12.93 -5.80
C CYS A 69 -0.21 12.59 -5.65
N SER A 70 0.64 13.04 -6.54
CA SER A 70 2.09 12.71 -6.41
C SER A 70 2.96 13.93 -6.73
N TYR A 71 2.44 15.13 -6.65
CA TYR A 71 3.29 16.31 -6.95
C TYR A 71 4.38 16.42 -5.89
N ILE A 72 4.17 15.82 -4.74
CA ILE A 72 5.20 15.88 -3.66
C ILE A 72 6.03 14.59 -3.68
N PRO A 73 7.22 14.63 -3.16
CA PRO A 73 8.12 13.45 -3.12
C PRO A 73 7.35 12.16 -2.80
N PRO A 74 7.05 11.36 -3.79
CA PRO A 74 6.30 10.09 -3.60
C PRO A 74 7.19 8.94 -3.11
N CYS A 75 6.64 8.04 -2.33
CA CYS A 75 7.46 6.90 -1.84
C CYS A 75 7.14 5.67 -2.68
N LYS A 76 8.08 5.23 -3.48
CA LYS A 76 7.83 4.04 -4.33
C LYS A 76 8.81 2.92 -3.96
N ARG A 77 8.32 1.72 -3.88
CA ARG A 77 9.23 0.58 -3.53
C ARG A 77 10.23 0.38 -4.67
N GLU A 78 9.76 0.46 -5.88
CA GLU A 78 10.65 0.28 -7.05
C GLU A 78 10.47 1.46 -8.00
N ASN A 79 11.17 1.47 -9.11
CA ASN A 79 11.02 2.59 -10.07
C ASN A 79 9.55 2.68 -10.47
N GLN A 80 8.92 1.54 -10.61
CA GLN A 80 7.48 1.50 -10.98
C GLN A 80 7.23 2.32 -12.26
N LYS A 81 8.00 2.07 -13.28
CA LYS A 81 7.81 2.82 -14.56
C LYS A 81 6.38 2.60 -15.06
N ASN A 82 6.10 3.02 -16.27
CA ASN A 82 4.73 2.83 -16.82
C ASN A 82 4.69 1.59 -17.70
N LEU A 83 3.73 0.72 -17.48
CA LEU A 83 3.65 -0.51 -18.32
C LEU A 83 2.19 -0.95 -18.44
N GLU A 84 1.81 -1.42 -19.60
CA GLU A 84 0.39 -1.88 -19.78
C GLU A 84 0.10 -3.03 -18.81
N SER A 85 1.11 -3.77 -18.43
CA SER A 85 0.88 -4.90 -17.50
C SER A 85 0.25 -4.36 -16.21
N VAL A 86 0.61 -3.18 -15.81
CA VAL A 86 0.03 -2.59 -14.57
C VAL A 86 -1.48 -2.46 -14.76
N MET A 87 -1.93 -2.09 -15.93
CA MET A 87 -3.39 -1.95 -16.15
C MET A 87 -4.07 -3.28 -15.81
N ASN A 88 -3.46 -4.37 -16.18
CA ASN A 88 -4.05 -5.69 -15.89
C ASN A 88 -4.24 -5.85 -14.37
N TRP A 89 -3.29 -5.37 -13.62
CA TRP A 89 -3.40 -5.49 -12.13
C TRP A 89 -4.68 -4.80 -11.65
N GLN A 90 -5.00 -3.66 -12.19
CA GLN A 90 -6.24 -2.95 -11.75
C GLN A 90 -7.44 -3.87 -12.01
N GLN A 91 -7.40 -4.58 -13.10
CA GLN A 91 -8.52 -5.51 -13.43
C GLN A 91 -8.52 -6.71 -12.47
N TYR A 92 -7.36 -7.14 -12.05
CA TYR A 92 -7.27 -8.33 -11.15
C TYR A 92 -8.04 -8.12 -9.85
N TRP A 93 -7.79 -7.05 -9.12
CA TRP A 93 -8.51 -6.88 -7.83
C TRP A 93 -9.88 -6.25 -8.08
N LYS A 94 -10.02 -5.44 -9.09
CA LYS A 94 -11.36 -4.83 -9.35
C LYS A 94 -12.39 -5.94 -9.59
N ASP A 95 -12.04 -6.92 -10.36
CA ASP A 95 -13.00 -8.04 -10.62
C ASP A 95 -13.17 -8.89 -9.36
N GLU A 96 -12.10 -9.20 -8.68
CA GLU A 96 -12.21 -10.03 -7.45
C GLU A 96 -12.73 -9.18 -6.30
N ILE A 97 -12.13 -8.05 -6.07
CA ILE A 97 -12.60 -7.18 -4.96
C ILE A 97 -12.61 -5.72 -5.41
N GLY A 98 -13.77 -5.12 -5.47
CA GLY A 98 -13.85 -3.70 -5.89
C GLY A 98 -13.16 -2.81 -4.86
N SER A 99 -11.93 -2.44 -5.11
CA SER A 99 -11.19 -1.57 -4.14
C SER A 99 -11.53 -1.97 -2.71
N GLN A 100 -11.08 -3.12 -2.27
CA GLN A 100 -11.38 -3.57 -0.88
C GLN A 100 -10.08 -3.89 -0.14
N PRO A 101 -9.44 -2.90 0.40
CA PRO A 101 -8.16 -3.07 1.16
C PRO A 101 -8.32 -4.10 2.29
N PHE A 102 -7.26 -4.75 2.68
CA PHE A 102 -7.38 -5.76 3.78
C PHE A 102 -6.17 -5.70 4.70
N THR A 103 -6.34 -6.10 5.92
CA THR A 103 -5.22 -6.06 6.90
C THR A 103 -4.93 -7.48 7.35
N CYS A 104 -3.75 -7.71 7.81
CA CYS A 104 -3.37 -9.07 8.26
C CYS A 104 -2.56 -8.94 9.55
N TYR A 105 -2.54 -9.98 10.34
CA TYR A 105 -1.74 -9.94 11.60
C TYR A 105 -0.98 -11.26 11.70
N PHE A 106 0.27 -11.22 12.01
CA PHE A 106 1.02 -12.50 12.08
C PHE A 106 2.11 -12.43 13.16
N ASN A 107 2.40 -13.54 13.78
CA ASN A 107 3.44 -13.54 14.85
C ASN A 107 4.28 -14.83 14.83
N GLN A 108 5.55 -14.69 14.56
CA GLN A 108 6.46 -15.87 14.55
C GLN A 108 7.06 -16.05 15.95
N HIS A 109 7.06 -15.01 16.74
CA HIS A 109 7.65 -15.11 18.11
C HIS A 109 7.03 -16.28 18.87
N GLN A 110 5.84 -16.70 18.51
CA GLN A 110 5.24 -17.85 19.23
C GLN A 110 6.05 -19.11 18.87
N ARG A 111 6.02 -19.49 17.62
CA ARG A 111 6.80 -20.68 17.19
C ARG A 111 6.81 -20.75 15.66
N PRO A 112 5.67 -20.70 15.02
CA PRO A 112 5.54 -20.78 13.55
C PRO A 112 5.25 -19.43 12.90
N ASP A 113 4.02 -19.17 12.60
CA ASP A 113 3.67 -17.88 11.94
C ASP A 113 2.14 -17.77 11.84
N ASP A 114 1.48 -17.48 12.93
CA ASP A 114 0.00 -17.34 12.88
C ASP A 114 -0.34 -16.26 11.87
N VAL A 115 -1.48 -16.32 11.24
CA VAL A 115 -1.83 -15.27 10.23
C VAL A 115 -3.29 -14.83 10.37
N LEU A 116 -3.56 -13.59 10.07
CA LEU A 116 -4.97 -13.07 10.15
C LEU A 116 -5.32 -12.42 8.81
N LEU A 117 -6.56 -12.46 8.40
CA LEU A 117 -6.93 -11.85 7.09
C LEU A 117 -8.16 -10.96 7.22
N HIS A 118 -8.09 -9.90 7.98
CA HIS A 118 -9.27 -9.00 8.12
C HIS A 118 -9.45 -8.23 6.80
N ARG A 119 -10.65 -7.81 6.49
CA ARG A 119 -10.89 -7.07 5.20
C ARG A 119 -11.37 -5.65 5.49
N THR A 120 -11.14 -4.74 4.58
CA THR A 120 -11.59 -3.33 4.78
C THR A 120 -12.98 -3.15 4.19
N HIS A 121 -13.83 -2.39 4.85
CA HIS A 121 -15.21 -2.18 4.33
C HIS A 121 -15.35 -0.72 3.85
N ASP A 122 -15.97 -0.52 2.72
CA ASP A 122 -16.14 0.87 2.21
C ASP A 122 -17.24 1.57 2.99
N GLN A 1 7.93 -2.43 11.57
CA GLN A 1 8.03 -1.37 12.60
C GLN A 1 8.23 -2.01 13.97
N ASP A 2 7.60 -3.12 14.22
CA ASP A 2 7.76 -3.80 15.54
C ASP A 2 9.16 -4.41 15.64
N LEU A 3 9.76 -4.34 16.79
CA LEU A 3 11.12 -4.91 16.97
C LEU A 3 11.08 -6.41 16.65
N GLN A 4 9.96 -7.04 16.88
CA GLN A 4 9.84 -8.50 16.60
C GLN A 4 8.56 -8.77 15.80
N ALA A 5 8.44 -9.95 15.25
CA ALA A 5 7.22 -10.27 14.45
C ALA A 5 5.97 -10.15 15.31
N THR A 6 4.89 -9.68 14.73
CA THR A 6 3.62 -9.51 15.49
C THR A 6 2.53 -9.04 14.53
N GLU A 7 2.75 -7.90 13.93
CA GLU A 7 1.74 -7.34 13.00
C GLU A 7 2.29 -7.21 11.59
N ALA A 8 1.49 -7.53 10.62
CA ALA A 8 1.90 -7.40 9.20
C ALA A 8 0.64 -7.13 8.39
N ASN A 9 0.47 -5.94 7.88
CA ASN A 9 -0.79 -5.67 7.13
C ASN A 9 -0.54 -5.70 5.62
N CYS A 10 -1.48 -6.27 4.90
CA CYS A 10 -1.34 -6.38 3.44
C CYS A 10 -2.64 -5.88 2.84
N THR A 11 -2.68 -4.66 2.37
CA THR A 11 -3.97 -4.15 1.84
C THR A 11 -3.83 -3.56 0.46
N VAL A 12 -4.90 -3.62 -0.28
CA VAL A 12 -4.91 -3.01 -1.64
C VAL A 12 -5.59 -1.66 -1.50
N LEU A 13 -4.87 -0.61 -1.77
CA LEU A 13 -5.46 0.74 -1.61
C LEU A 13 -6.79 0.81 -2.35
N SER A 14 -7.64 1.71 -1.95
CA SER A 14 -8.95 1.85 -2.63
C SER A 14 -8.80 2.94 -3.70
N VAL A 15 -9.55 2.88 -4.76
CA VAL A 15 -9.40 3.91 -5.81
C VAL A 15 -10.42 5.02 -5.57
N GLN A 16 -9.96 6.21 -5.34
CA GLN A 16 -10.89 7.35 -5.09
C GLN A 16 -10.32 8.63 -5.72
N GLN A 17 -11.16 9.57 -6.02
CA GLN A 17 -10.67 10.85 -6.62
C GLN A 17 -9.85 11.62 -5.59
N ILE A 18 -9.10 12.60 -6.03
CA ILE A 18 -8.26 13.39 -5.09
C ILE A 18 -9.08 13.80 -3.86
N GLY A 19 -8.47 14.47 -2.93
CA GLY A 19 -9.22 14.90 -1.71
C GLY A 19 -8.98 13.88 -0.59
N GLU A 20 -8.26 12.83 -0.88
CA GLU A 20 -7.97 11.80 0.15
C GLU A 20 -6.49 11.85 0.51
N VAL A 21 -6.15 11.66 1.76
CA VAL A 21 -4.73 11.70 2.16
C VAL A 21 -4.29 10.31 2.62
N PHE A 22 -3.10 9.90 2.25
CA PHE A 22 -2.60 8.56 2.65
C PHE A 22 -1.27 8.71 3.39
N GLU A 23 -0.92 7.74 4.19
CA GLU A 23 0.36 7.84 4.94
C GLU A 23 1.32 6.74 4.47
N CYS A 24 2.61 6.98 4.59
CA CYS A 24 3.61 5.97 4.16
C CYS A 24 4.31 5.43 5.40
N THR A 25 4.93 4.29 5.32
CA THR A 25 5.63 3.72 6.50
C THR A 25 7.13 3.66 6.25
N PHE A 26 7.92 3.77 7.29
CA PHE A 26 9.40 3.71 7.12
C PHE A 26 10.03 3.25 8.44
N THR A 27 11.27 2.86 8.40
CA THR A 27 11.94 2.40 9.66
C THR A 27 13.30 3.07 9.78
N CYS A 28 13.78 3.24 10.99
CA CYS A 28 15.10 3.89 11.19
C CYS A 28 15.96 3.00 12.09
N GLY A 29 17.24 3.26 12.14
CA GLY A 29 18.14 2.41 12.98
C GLY A 29 18.15 2.93 14.43
N ALA A 30 18.09 2.01 15.36
CA ALA A 30 18.09 2.35 16.83
C ALA A 30 16.66 2.26 17.36
N ASP A 31 15.93 1.27 16.93
CA ASP A 31 14.53 1.10 17.40
C ASP A 31 13.73 2.37 17.12
N CYS A 32 13.87 2.92 15.95
CA CYS A 32 13.14 4.17 15.61
C CYS A 32 12.24 3.90 14.39
N ARG A 33 10.95 3.95 14.57
CA ARG A 33 10.03 3.70 13.42
C ARG A 33 8.95 4.78 13.41
N GLY A 34 8.40 5.08 12.26
CA GLY A 34 7.33 6.12 12.20
C GLY A 34 6.67 6.09 10.82
N THR A 35 5.71 6.95 10.59
CA THR A 35 5.01 6.99 9.28
C THR A 35 5.04 8.41 8.72
N SER A 36 4.83 8.56 7.44
CA SER A 36 4.84 9.91 6.82
C SER A 36 3.44 10.21 6.27
N GLN A 37 3.13 11.45 6.03
CA GLN A 37 1.78 11.81 5.50
C GLN A 37 1.93 12.34 4.07
N TYR A 38 1.27 11.71 3.14
CA TYR A 38 1.37 12.16 1.72
C TYR A 38 -0.03 12.44 1.17
N PRO A 39 -0.11 13.20 0.10
CA PRO A 39 -1.41 13.55 -0.54
C PRO A 39 -2.08 12.32 -1.18
N CYS A 40 -2.85 12.51 -2.22
CA CYS A 40 -3.53 11.35 -2.86
C CYS A 40 -2.49 10.47 -3.55
N VAL A 41 -2.68 9.19 -3.54
CA VAL A 41 -1.70 8.28 -4.20
C VAL A 41 -2.43 7.33 -5.15
N GLN A 42 -1.70 6.70 -6.03
CA GLN A 42 -2.35 5.77 -7.00
C GLN A 42 -2.84 4.52 -6.27
N VAL A 43 -3.02 3.44 -6.97
CA VAL A 43 -3.54 2.19 -6.32
C VAL A 43 -2.56 1.03 -6.49
N TYR A 44 -2.46 0.19 -5.49
CA TYR A 44 -1.56 -0.98 -5.57
C TYR A 44 -1.69 -1.79 -4.28
N VAL A 45 -0.59 -2.13 -3.66
CA VAL A 45 -0.67 -2.92 -2.39
C VAL A 45 0.29 -2.37 -1.35
N ASN A 46 -0.17 -2.25 -0.13
CA ASN A 46 0.70 -1.74 0.95
C ASN A 46 1.37 -2.93 1.63
N ASN A 47 2.67 -3.02 1.57
CA ASN A 47 3.36 -4.17 2.22
C ASN A 47 3.79 -3.77 3.62
N SER A 48 2.93 -3.91 4.58
CA SER A 48 3.28 -3.55 5.98
C SER A 48 3.97 -4.75 6.64
N GLU A 49 4.68 -5.53 5.88
CA GLU A 49 5.37 -6.71 6.46
C GLU A 49 6.43 -6.21 7.43
N SER A 50 6.72 -4.94 7.36
CA SER A 50 7.74 -4.34 8.27
C SER A 50 7.60 -2.83 8.22
N ASN A 51 7.47 -2.27 7.04
CA ASN A 51 7.32 -0.79 6.92
C ASN A 51 7.50 -0.38 5.45
N SER A 52 6.99 -1.14 4.52
CA SER A 52 7.14 -0.77 3.08
C SER A 52 5.78 -0.64 2.40
N ARG A 53 5.64 0.28 1.49
CA ARG A 53 4.35 0.44 0.77
C ARG A 53 4.63 0.54 -0.73
N ALA A 54 3.99 -0.30 -1.51
CA ALA A 54 4.22 -0.26 -2.98
C ALA A 54 3.07 0.50 -3.65
N LEU A 55 3.40 1.46 -4.50
CA LEU A 55 2.35 2.25 -5.20
C LEU A 55 2.46 2.03 -6.71
N LEU A 56 1.35 1.76 -7.36
CA LEU A 56 1.39 1.53 -8.84
C LEU A 56 0.51 2.57 -9.53
N HIS A 57 0.92 3.05 -10.67
CA HIS A 57 0.09 4.06 -11.38
C HIS A 57 -0.87 3.35 -12.33
N SER A 58 -2.14 3.50 -12.11
CA SER A 58 -3.13 2.86 -13.01
C SER A 58 -3.07 3.54 -14.37
N ASP A 59 -2.93 4.84 -14.39
CA ASP A 59 -2.85 5.57 -15.69
C ASP A 59 -2.55 7.04 -15.44
N GLU A 60 -1.97 7.71 -16.40
CA GLU A 60 -1.66 9.15 -16.24
C GLU A 60 -2.96 9.95 -16.19
N HIS A 61 -4.00 9.45 -16.83
CA HIS A 61 -5.29 10.19 -16.83
C HIS A 61 -5.75 10.42 -15.38
N GLN A 62 -5.58 9.46 -14.52
CA GLN A 62 -6.00 9.66 -13.11
C GLN A 62 -5.20 10.81 -12.52
N LEU A 63 -3.93 10.87 -12.83
CA LEU A 63 -3.09 11.98 -12.29
C LEU A 63 -3.69 13.30 -12.74
N LEU A 64 -4.07 13.41 -13.99
CA LEU A 64 -4.68 14.66 -14.48
C LEU A 64 -5.98 14.87 -13.72
N THR A 65 -6.66 13.79 -13.40
CA THR A 65 -7.93 13.88 -12.65
C THR A 65 -7.64 14.27 -11.20
N ASN A 66 -6.52 13.82 -10.68
CA ASN A 66 -6.18 14.16 -9.27
C ASN A 66 -4.74 14.66 -9.20
N PRO A 67 -4.49 15.82 -9.74
CA PRO A 67 -3.13 16.42 -9.74
C PRO A 67 -2.53 16.47 -8.32
N LYS A 68 -1.24 16.44 -8.25
CA LYS A 68 -0.53 16.49 -6.94
C LYS A 68 -0.86 15.26 -6.09
N CYS A 69 -0.67 14.09 -6.64
CA CYS A 69 -0.98 12.85 -5.86
C CYS A 69 0.34 12.21 -5.37
N SER A 70 1.26 11.95 -6.26
CA SER A 70 2.55 11.33 -5.84
C SER A 70 3.73 12.10 -6.46
N TYR A 71 3.55 13.36 -6.71
CA TYR A 71 4.67 14.15 -7.31
C TYR A 71 5.82 14.24 -6.31
N ILE A 72 5.55 14.25 -5.04
CA ILE A 72 6.65 14.32 -4.04
C ILE A 72 7.28 12.93 -3.87
N PRO A 73 8.50 12.88 -3.41
CA PRO A 73 9.23 11.61 -3.20
C PRO A 73 8.34 10.46 -2.70
N PRO A 74 7.90 9.59 -3.59
CA PRO A 74 7.03 8.45 -3.23
C PRO A 74 7.83 7.26 -2.68
N CYS A 75 7.27 6.49 -1.79
CA CYS A 75 8.03 5.34 -1.22
C CYS A 75 7.57 4.05 -1.90
N LYS A 76 8.40 3.46 -2.71
CA LYS A 76 8.02 2.19 -3.40
C LYS A 76 9.19 1.20 -3.34
N ARG A 77 8.92 -0.04 -3.10
CA ARG A 77 10.02 -1.04 -3.04
C ARG A 77 10.67 -1.14 -4.42
N GLU A 78 9.87 -1.12 -5.46
CA GLU A 78 10.43 -1.20 -6.84
C GLU A 78 9.52 -0.41 -7.79
N ASN A 79 10.08 0.19 -8.80
CA ASN A 79 9.24 0.96 -9.75
C ASN A 79 8.18 0.06 -10.38
N GLN A 80 8.58 -1.13 -10.78
CA GLN A 80 7.61 -2.06 -11.41
C GLN A 80 6.89 -1.38 -12.57
N LYS A 81 7.62 -0.72 -13.43
CA LYS A 81 6.95 -0.02 -14.57
C LYS A 81 6.50 -1.06 -15.60
N ASN A 82 5.22 -1.18 -15.81
CA ASN A 82 4.72 -2.17 -16.82
C ASN A 82 3.40 -1.67 -17.41
N LEU A 83 3.44 -1.19 -18.63
CA LEU A 83 2.19 -0.68 -19.27
C LEU A 83 1.16 -1.80 -19.40
N GLU A 84 1.62 -2.99 -19.70
CA GLU A 84 0.67 -4.13 -19.87
C GLU A 84 -0.05 -4.40 -18.54
N SER A 85 0.64 -4.25 -17.44
CA SER A 85 0.00 -4.52 -16.12
C SER A 85 -1.20 -3.58 -15.93
N VAL A 86 -1.13 -2.39 -16.45
CA VAL A 86 -2.26 -1.44 -16.28
C VAL A 86 -3.54 -2.03 -16.87
N MET A 87 -3.46 -2.61 -18.04
CA MET A 87 -4.68 -3.21 -18.64
C MET A 87 -5.16 -4.36 -17.76
N ASN A 88 -4.28 -5.23 -17.39
CA ASN A 88 -4.66 -6.39 -16.54
C ASN A 88 -5.09 -5.88 -15.16
N TRP A 89 -4.46 -4.85 -14.66
CA TRP A 89 -4.82 -4.32 -13.31
C TRP A 89 -6.29 -3.88 -13.28
N GLN A 90 -6.72 -3.11 -14.24
CA GLN A 90 -8.13 -2.64 -14.23
C GLN A 90 -9.08 -3.85 -14.25
N GLN A 91 -8.84 -4.79 -15.13
CA GLN A 91 -9.73 -5.98 -15.19
C GLN A 91 -9.50 -6.87 -13.96
N TYR A 92 -8.26 -7.08 -13.61
CA TYR A 92 -7.94 -7.95 -12.44
C TYR A 92 -8.34 -7.27 -11.13
N TRP A 93 -7.93 -6.05 -10.95
CA TRP A 93 -8.24 -5.32 -9.68
C TRP A 93 -9.74 -5.09 -9.55
N LYS A 94 -10.40 -4.69 -10.62
CA LYS A 94 -11.86 -4.44 -10.53
C LYS A 94 -12.64 -5.75 -10.41
N ASP A 95 -12.30 -6.73 -11.21
CA ASP A 95 -13.04 -8.03 -11.17
C ASP A 95 -12.83 -8.76 -9.84
N GLU A 96 -11.65 -8.75 -9.30
CA GLU A 96 -11.41 -9.49 -8.02
C GLU A 96 -11.58 -8.57 -6.81
N ILE A 97 -10.95 -7.44 -6.82
CA ILE A 97 -11.07 -6.54 -5.64
C ILE A 97 -12.22 -5.55 -5.83
N GLY A 98 -12.02 -4.53 -6.62
CA GLY A 98 -13.10 -3.53 -6.82
C GLY A 98 -13.18 -2.63 -5.58
N SER A 99 -12.05 -2.35 -4.98
CA SER A 99 -12.03 -1.49 -3.76
C SER A 99 -12.27 -2.36 -2.51
N GLN A 100 -11.24 -3.00 -2.03
CA GLN A 100 -11.42 -3.86 -0.83
C GLN A 100 -10.06 -4.16 -0.17
N PRO A 101 -9.45 -3.16 0.41
CA PRO A 101 -8.14 -3.31 1.10
C PRO A 101 -8.23 -4.36 2.21
N PHE A 102 -7.13 -4.96 2.61
CA PHE A 102 -7.22 -5.97 3.70
C PHE A 102 -6.01 -5.87 4.63
N THR A 103 -6.18 -6.28 5.85
CA THR A 103 -5.07 -6.21 6.82
C THR A 103 -4.74 -7.62 7.28
N CYS A 104 -3.55 -7.82 7.74
CA CYS A 104 -3.15 -9.16 8.19
C CYS A 104 -2.34 -9.03 9.49
N TYR A 105 -2.29 -10.07 10.27
CA TYR A 105 -1.51 -10.01 11.54
C TYR A 105 -0.71 -11.30 11.63
N PHE A 106 0.55 -11.22 11.95
CA PHE A 106 1.34 -12.47 12.02
C PHE A 106 2.41 -12.37 13.11
N ASN A 107 2.76 -13.49 13.70
CA ASN A 107 3.78 -13.46 14.78
C ASN A 107 4.66 -14.72 14.77
N GLN A 108 5.93 -14.53 14.53
CA GLN A 108 6.89 -15.67 14.53
C GLN A 108 7.49 -15.82 15.93
N HIS A 109 7.44 -14.78 16.72
CA HIS A 109 8.02 -14.85 18.09
C HIS A 109 7.47 -16.06 18.85
N GLN A 110 6.31 -16.54 18.51
CA GLN A 110 5.77 -17.72 19.23
C GLN A 110 6.64 -18.92 18.85
N ARG A 111 6.59 -19.32 17.61
CA ARG A 111 7.41 -20.46 17.15
C ARG A 111 7.40 -20.53 15.61
N PRO A 112 6.25 -20.54 14.99
CA PRO A 112 6.12 -20.61 13.52
C PRO A 112 5.81 -19.27 12.87
N ASP A 113 4.56 -19.05 12.54
CA ASP A 113 4.18 -17.78 11.89
C ASP A 113 2.65 -17.73 11.73
N ASP A 114 1.93 -17.45 12.78
CA ASP A 114 0.44 -17.40 12.65
C ASP A 114 0.09 -16.28 11.68
N VAL A 115 -1.03 -16.37 11.01
CA VAL A 115 -1.41 -15.30 10.03
C VAL A 115 -2.89 -14.92 10.16
N LEU A 116 -3.20 -13.67 9.95
CA LEU A 116 -4.62 -13.20 10.03
C LEU A 116 -5.00 -12.57 8.69
N LEU A 117 -6.24 -12.66 8.29
CA LEU A 117 -6.64 -12.05 6.98
C LEU A 117 -7.90 -11.19 7.12
N HIS A 118 -7.84 -10.13 7.87
CA HIS A 118 -9.03 -9.25 8.02
C HIS A 118 -9.24 -8.47 6.71
N ARG A 119 -10.44 -8.00 6.46
CA ARG A 119 -10.70 -7.26 5.19
C ARG A 119 -11.09 -5.80 5.49
N THR A 120 -10.89 -4.92 4.55
CA THR A 120 -11.26 -3.49 4.77
C THR A 120 -12.59 -3.19 4.09
N HIS A 121 -13.42 -2.41 4.73
CA HIS A 121 -14.75 -2.07 4.13
C HIS A 121 -14.80 -0.57 3.84
N ASP A 122 -15.35 -0.20 2.71
CA ASP A 122 -15.44 1.26 2.38
C ASP A 122 -14.07 1.91 2.54
N GLN A 1 8.68 -4.54 15.85
CA GLN A 1 7.79 -5.15 14.83
C GLN A 1 8.62 -5.58 13.62
N ASP A 2 9.72 -4.90 13.37
CA ASP A 2 10.57 -5.27 12.21
C ASP A 2 11.33 -6.54 12.55
N LEU A 3 12.31 -6.44 13.39
CA LEU A 3 13.10 -7.65 13.78
C LEU A 3 12.17 -8.65 14.46
N GLN A 4 11.17 -8.16 15.14
CA GLN A 4 10.23 -9.07 15.84
C GLN A 4 8.96 -9.24 15.00
N ALA A 5 8.31 -10.36 15.11
CA ALA A 5 7.07 -10.59 14.32
C ALA A 5 5.84 -10.36 15.20
N THR A 6 4.82 -9.77 14.64
CA THR A 6 3.58 -9.49 15.43
C THR A 6 2.52 -8.89 14.50
N GLU A 7 2.83 -7.78 13.91
CA GLU A 7 1.84 -7.11 13.03
C GLU A 7 2.35 -7.02 11.58
N ALA A 8 1.47 -7.27 10.65
CA ALA A 8 1.84 -7.17 9.21
C ALA A 8 0.56 -6.78 8.46
N ASN A 9 0.48 -5.58 7.96
CA ASN A 9 -0.78 -5.20 7.26
C ASN A 9 -0.60 -5.28 5.74
N CYS A 10 -1.58 -5.84 5.08
CA CYS A 10 -1.49 -5.98 3.61
C CYS A 10 -2.81 -5.47 3.04
N THR A 11 -2.84 -4.25 2.57
CA THR A 11 -4.12 -3.72 2.08
C THR A 11 -4.00 -3.07 0.71
N VAL A 12 -5.07 -3.10 -0.03
CA VAL A 12 -5.10 -2.44 -1.35
C VAL A 12 -5.83 -1.14 -1.17
N LEU A 13 -5.22 -0.05 -1.51
CA LEU A 13 -5.89 1.26 -1.34
C LEU A 13 -7.18 1.28 -2.14
N SER A 14 -8.06 2.17 -1.82
CA SER A 14 -9.33 2.26 -2.57
C SER A 14 -9.14 3.30 -3.66
N VAL A 15 -9.89 3.23 -4.72
CA VAL A 15 -9.70 4.23 -5.81
C VAL A 15 -10.70 5.38 -5.62
N GLN A 16 -10.20 6.54 -5.31
CA GLN A 16 -11.08 7.72 -5.11
C GLN A 16 -10.37 8.98 -5.64
N GLN A 17 -11.10 9.98 -6.00
CA GLN A 17 -10.46 11.23 -6.51
C GLN A 17 -9.72 11.93 -5.36
N ILE A 18 -9.41 13.19 -5.53
CA ILE A 18 -8.69 13.94 -4.46
C ILE A 18 -9.61 14.08 -3.23
N GLY A 19 -9.10 14.65 -2.16
CA GLY A 19 -9.94 14.82 -0.94
C GLY A 19 -9.64 13.68 0.04
N GLU A 20 -8.69 12.85 -0.27
CA GLU A 20 -8.34 11.72 0.65
C GLU A 20 -6.85 11.79 0.99
N VAL A 21 -6.50 11.48 2.22
CA VAL A 21 -5.07 11.54 2.61
C VAL A 21 -4.61 10.15 3.07
N PHE A 22 -3.46 9.72 2.61
CA PHE A 22 -2.95 8.38 3.01
C PHE A 22 -1.54 8.53 3.61
N GLU A 23 -1.13 7.59 4.42
CA GLU A 23 0.22 7.69 5.05
C GLU A 23 1.12 6.57 4.51
N CYS A 24 2.41 6.81 4.51
CA CYS A 24 3.37 5.77 4.02
C CYS A 24 4.18 5.27 5.21
N THR A 25 4.78 4.11 5.10
CA THR A 25 5.57 3.57 6.24
C THR A 25 7.06 3.61 5.89
N PHE A 26 7.91 3.75 6.88
CA PHE A 26 9.37 3.78 6.62
C PHE A 26 10.11 3.27 7.86
N THR A 27 11.37 2.98 7.72
CA THR A 27 12.16 2.48 8.89
C THR A 27 13.46 3.27 9.01
N CYS A 28 13.97 3.41 10.20
CA CYS A 28 15.23 4.17 10.41
C CYS A 28 16.21 3.32 11.21
N GLY A 29 17.47 3.67 11.19
CA GLY A 29 18.48 2.87 11.95
C GLY A 29 18.56 3.34 13.39
N ALA A 30 18.64 2.39 14.31
CA ALA A 30 18.72 2.71 15.78
C ALA A 30 17.36 2.47 16.43
N ASP A 31 16.67 1.46 15.99
CA ASP A 31 15.33 1.15 16.56
C ASP A 31 14.40 2.35 16.38
N CYS A 32 14.44 2.97 15.23
CA CYS A 32 13.57 4.15 14.98
C CYS A 32 12.61 3.82 13.83
N ARG A 33 11.34 3.80 14.10
CA ARG A 33 10.35 3.48 13.02
C ARG A 33 9.22 4.51 13.04
N GLY A 34 8.61 4.77 11.92
CA GLY A 34 7.50 5.77 11.90
C GLY A 34 6.83 5.78 10.53
N THR A 35 5.83 6.60 10.37
CA THR A 35 5.11 6.68 9.06
C THR A 35 5.05 8.14 8.60
N SER A 36 4.81 8.36 7.33
CA SER A 36 4.74 9.76 6.80
C SER A 36 3.32 10.03 6.32
N GLN A 37 2.90 11.27 6.37
CA GLN A 37 1.52 11.62 5.92
C GLN A 37 1.58 12.48 4.66
N TYR A 38 0.88 12.09 3.63
CA TYR A 38 0.90 12.89 2.37
C TYR A 38 -0.51 12.89 1.75
N PRO A 39 -0.85 13.88 0.95
CA PRO A 39 -2.19 13.98 0.29
C PRO A 39 -2.67 12.67 -0.35
N CYS A 40 -3.44 12.76 -1.40
CA CYS A 40 -3.97 11.54 -2.07
C CYS A 40 -2.83 10.78 -2.77
N VAL A 41 -2.91 9.48 -2.79
CA VAL A 41 -1.85 8.66 -3.46
C VAL A 41 -2.52 7.69 -4.44
N GLN A 42 -1.85 7.32 -5.49
CA GLN A 42 -2.46 6.38 -6.47
C GLN A 42 -2.95 5.12 -5.75
N VAL A 43 -3.29 4.09 -6.48
CA VAL A 43 -3.82 2.84 -5.84
C VAL A 43 -2.93 1.64 -6.14
N TYR A 44 -2.80 0.75 -5.19
CA TYR A 44 -1.98 -0.47 -5.40
C TYR A 44 -2.06 -1.34 -4.15
N VAL A 45 -0.93 -1.78 -3.64
CA VAL A 45 -0.94 -2.64 -2.43
C VAL A 45 0.05 -2.11 -1.39
N ASN A 46 -0.38 -1.99 -0.17
CA ASN A 46 0.53 -1.51 0.90
C ASN A 46 1.19 -2.72 1.56
N ASN A 47 2.48 -2.86 1.45
CA ASN A 47 3.15 -4.02 2.08
C ASN A 47 3.69 -3.60 3.45
N SER A 48 2.87 -3.68 4.45
CA SER A 48 3.31 -3.29 5.81
C SER A 48 3.92 -4.50 6.51
N GLU A 49 4.55 -5.37 5.77
CA GLU A 49 5.17 -6.56 6.39
C GLU A 49 6.26 -6.10 7.34
N SER A 50 6.62 -4.84 7.24
CA SER A 50 7.66 -4.27 8.12
C SER A 50 7.63 -2.74 7.99
N ASN A 51 7.53 -2.24 6.79
CA ASN A 51 7.47 -0.77 6.59
C ASN A 51 7.61 -0.43 5.11
N SER A 52 6.93 -1.16 4.25
CA SER A 52 7.03 -0.86 2.78
C SER A 52 5.64 -0.57 2.20
N ARG A 53 5.57 0.38 1.31
CA ARG A 53 4.25 0.72 0.69
C ARG A 53 4.43 0.77 -0.83
N ALA A 54 3.73 -0.06 -1.56
CA ALA A 54 3.85 -0.05 -3.04
C ALA A 54 2.73 0.79 -3.64
N LEU A 55 3.06 1.72 -4.50
CA LEU A 55 2.01 2.57 -5.15
C LEU A 55 2.03 2.35 -6.66
N LEU A 56 0.89 2.18 -7.27
CA LEU A 56 0.82 1.95 -8.74
C LEU A 56 -0.13 2.97 -9.36
N HIS A 57 0.17 3.43 -10.55
CA HIS A 57 -0.73 4.41 -11.20
C HIS A 57 -1.77 3.66 -12.03
N SER A 58 -3.02 3.83 -11.73
CA SER A 58 -4.08 3.12 -12.50
C SER A 58 -3.97 3.53 -13.97
N ASP A 59 -3.73 4.79 -14.22
CA ASP A 59 -3.61 5.25 -15.64
C ASP A 59 -3.18 6.72 -15.66
N GLU A 60 -2.58 7.15 -16.72
CA GLU A 60 -2.15 8.57 -16.80
C GLU A 60 -3.38 9.49 -16.82
N HIS A 61 -4.42 9.08 -17.48
CA HIS A 61 -5.64 9.93 -17.53
C HIS A 61 -6.14 10.20 -16.12
N GLN A 62 -6.09 9.22 -15.26
CA GLN A 62 -6.55 9.42 -13.87
C GLN A 62 -5.66 10.45 -13.18
N LEU A 63 -4.38 10.40 -13.43
CA LEU A 63 -3.47 11.38 -12.80
C LEU A 63 -4.00 12.79 -13.09
N LEU A 64 -4.44 13.03 -14.29
CA LEU A 64 -5.00 14.36 -14.62
C LEU A 64 -6.26 14.56 -13.77
N THR A 65 -6.96 13.48 -13.52
CA THR A 65 -8.19 13.56 -12.70
C THR A 65 -7.81 13.74 -11.23
N ASN A 66 -6.67 13.23 -10.85
CA ASN A 66 -6.22 13.35 -9.43
C ASN A 66 -4.81 13.93 -9.41
N PRO A 67 -4.68 15.17 -9.79
CA PRO A 67 -3.37 15.85 -9.83
C PRO A 67 -2.81 16.07 -8.42
N LYS A 68 -1.51 16.17 -8.32
CA LYS A 68 -0.85 16.36 -7.00
C LYS A 68 -1.14 15.14 -6.11
N CYS A 69 -1.09 13.97 -6.68
CA CYS A 69 -1.33 12.73 -5.89
C CYS A 69 -0.07 11.88 -5.87
N SER A 70 0.46 11.57 -7.02
CA SER A 70 1.69 10.72 -7.07
C SER A 70 2.93 11.62 -6.98
N TYR A 71 2.78 12.89 -7.23
CA TYR A 71 3.96 13.81 -7.16
C TYR A 71 4.48 13.87 -5.73
N ILE A 72 3.61 13.77 -4.76
CA ILE A 72 4.05 13.81 -3.35
C ILE A 72 5.00 12.63 -3.08
N PRO A 73 5.92 12.78 -2.17
CA PRO A 73 6.90 11.71 -1.83
C PRO A 73 6.28 10.32 -1.95
N PRO A 74 6.46 9.67 -3.07
CA PRO A 74 5.90 8.32 -3.32
C PRO A 74 6.83 7.19 -2.86
N CYS A 75 6.28 6.15 -2.30
CA CYS A 75 7.14 5.01 -1.85
C CYS A 75 7.03 3.87 -2.87
N LYS A 76 8.08 3.61 -3.59
CA LYS A 76 8.03 2.52 -4.60
C LYS A 76 8.73 1.27 -4.07
N ARG A 77 8.16 0.12 -4.31
CA ARG A 77 8.80 -1.14 -3.82
C ARG A 77 10.14 -1.31 -4.51
N GLU A 78 10.19 -1.04 -5.78
CA GLU A 78 11.45 -1.18 -6.54
C GLU A 78 11.72 0.13 -7.30
N ASN A 79 12.96 0.44 -7.53
CA ASN A 79 13.29 1.69 -8.27
C ASN A 79 12.60 1.67 -9.64
N GLN A 80 12.54 0.53 -10.25
CA GLN A 80 11.90 0.42 -11.59
C GLN A 80 10.62 -0.43 -11.50
N LYS A 81 9.68 -0.18 -12.37
CA LYS A 81 8.42 -0.97 -12.34
C LYS A 81 8.06 -1.39 -13.77
N ASN A 82 7.15 -2.32 -13.92
CA ASN A 82 6.76 -2.77 -15.28
C ASN A 82 5.43 -2.12 -15.67
N LEU A 83 5.42 -1.40 -16.76
CA LEU A 83 4.15 -0.73 -17.19
C LEU A 83 3.08 -1.78 -17.46
N GLU A 84 3.47 -2.91 -17.99
CA GLU A 84 2.47 -3.97 -18.28
C GLU A 84 1.75 -4.36 -16.98
N SER A 85 2.45 -4.31 -15.88
CA SER A 85 1.81 -4.67 -14.58
C SER A 85 0.61 -3.75 -14.32
N VAL A 86 0.69 -2.52 -14.75
CA VAL A 86 -0.43 -1.58 -14.51
C VAL A 86 -1.71 -2.11 -15.16
N MET A 87 -1.62 -2.62 -16.36
CA MET A 87 -2.85 -3.16 -17.02
C MET A 87 -3.41 -4.28 -16.16
N ASN A 88 -2.56 -5.11 -15.62
CA ASN A 88 -3.04 -6.21 -14.76
C ASN A 88 -3.78 -5.65 -13.55
N TRP A 89 -3.29 -4.58 -12.99
CA TRP A 89 -3.96 -3.99 -11.80
C TRP A 89 -5.40 -3.61 -12.15
N GLN A 90 -5.60 -2.98 -13.27
CA GLN A 90 -6.99 -2.57 -13.64
C GLN A 90 -7.87 -3.82 -13.79
N GLN A 91 -7.38 -4.82 -14.48
CA GLN A 91 -8.20 -6.05 -14.65
C GLN A 91 -8.30 -6.80 -13.32
N TYR A 92 -7.19 -6.97 -12.66
CA TYR A 92 -7.19 -7.70 -11.36
C TYR A 92 -7.92 -6.90 -10.27
N TRP A 93 -7.68 -5.62 -10.22
CA TRP A 93 -8.33 -4.79 -9.18
C TRP A 93 -9.85 -4.82 -9.36
N LYS A 94 -10.32 -4.72 -10.57
CA LYS A 94 -11.78 -4.78 -10.83
C LYS A 94 -12.27 -6.22 -10.66
N ASP A 95 -11.44 -7.17 -11.01
CA ASP A 95 -11.86 -8.61 -10.93
C ASP A 95 -12.26 -9.02 -9.52
N GLU A 96 -11.59 -8.55 -8.50
CA GLU A 96 -11.98 -8.99 -7.13
C GLU A 96 -11.88 -7.87 -6.10
N ILE A 97 -10.81 -7.12 -6.10
CA ILE A 97 -10.68 -6.04 -5.09
C ILE A 97 -11.91 -5.14 -5.09
N GLY A 98 -12.26 -4.60 -6.24
CA GLY A 98 -13.47 -3.72 -6.30
C GLY A 98 -13.35 -2.64 -5.22
N SER A 99 -12.15 -2.31 -4.82
CA SER A 99 -11.96 -1.26 -3.78
C SER A 99 -12.21 -1.87 -2.39
N GLN A 100 -11.33 -2.72 -1.94
CA GLN A 100 -11.52 -3.35 -0.60
C GLN A 100 -10.17 -3.63 0.06
N PRO A 101 -9.58 -2.64 0.68
CA PRO A 101 -8.27 -2.79 1.38
C PRO A 101 -8.37 -3.83 2.51
N PHE A 102 -7.28 -4.43 2.91
CA PHE A 102 -7.36 -5.42 4.01
C PHE A 102 -6.14 -5.34 4.92
N THR A 103 -6.30 -5.68 6.16
CA THR A 103 -5.17 -5.63 7.11
C THR A 103 -4.87 -7.04 7.57
N CYS A 104 -3.68 -7.28 8.00
CA CYS A 104 -3.31 -8.65 8.44
C CYS A 104 -2.45 -8.56 9.70
N TYR A 105 -2.42 -9.59 10.48
CA TYR A 105 -1.58 -9.57 11.71
C TYR A 105 -0.92 -10.92 11.84
N PHE A 106 0.36 -10.96 12.10
CA PHE A 106 1.02 -12.29 12.19
C PHE A 106 2.15 -12.25 13.23
N ASN A 107 2.42 -13.38 13.86
CA ASN A 107 3.49 -13.40 14.90
C ASN A 107 4.26 -14.72 14.87
N GLN A 108 5.53 -14.65 14.57
CA GLN A 108 6.39 -15.87 14.56
C GLN A 108 7.01 -16.06 15.95
N HIS A 109 7.08 -15.01 16.73
CA HIS A 109 7.69 -15.12 18.07
C HIS A 109 7.03 -16.24 18.86
N GLN A 110 5.80 -16.57 18.55
CA GLN A 110 5.14 -17.67 19.30
C GLN A 110 5.85 -18.97 18.94
N ARG A 111 5.78 -19.37 17.71
CA ARG A 111 6.48 -20.62 17.28
C ARG A 111 6.47 -20.72 15.75
N PRO A 112 5.32 -20.63 15.13
CA PRO A 112 5.18 -20.72 13.65
C PRO A 112 4.94 -19.38 12.99
N ASP A 113 3.71 -19.07 12.70
CA ASP A 113 3.40 -17.79 12.03
C ASP A 113 1.87 -17.60 11.98
N ASP A 114 1.27 -17.31 13.11
CA ASP A 114 -0.21 -17.11 13.09
C ASP A 114 -0.53 -16.01 12.09
N VAL A 115 -1.67 -16.04 11.45
CA VAL A 115 -1.97 -14.98 10.45
C VAL A 115 -3.44 -14.54 10.53
N LEU A 116 -3.70 -13.30 10.27
CA LEU A 116 -5.11 -12.78 10.30
C LEU A 116 -5.37 -12.04 8.98
N LEU A 117 -6.59 -12.05 8.50
CA LEU A 117 -6.90 -11.36 7.21
C LEU A 117 -8.15 -10.48 7.34
N HIS A 118 -8.11 -9.47 8.15
CA HIS A 118 -9.30 -8.58 8.28
C HIS A 118 -9.48 -7.81 6.97
N ARG A 119 -10.69 -7.37 6.67
CA ARG A 119 -10.92 -6.64 5.39
C ARG A 119 -11.38 -5.21 5.66
N THR A 120 -11.20 -4.33 4.69
CA THR A 120 -11.62 -2.91 4.87
C THR A 120 -12.76 -2.60 3.90
N HIS A 121 -13.73 -1.84 4.32
CA HIS A 121 -14.87 -1.48 3.43
C HIS A 121 -14.87 0.01 3.17
N ASP A 122 -15.15 0.43 1.96
CA ASP A 122 -15.17 1.88 1.65
C ASP A 122 -13.95 2.55 2.29
N GLN A 1 8.91 -4.50 14.76
CA GLN A 1 10.25 -4.76 14.16
C GLN A 1 10.25 -6.10 13.43
N ASP A 2 11.00 -6.22 12.38
CA ASP A 2 11.02 -7.51 11.63
C ASP A 2 11.41 -8.64 12.57
N LEU A 3 12.35 -8.41 13.44
CA LEU A 3 12.75 -9.47 14.41
C LEU A 3 11.54 -9.84 15.27
N GLN A 4 10.70 -8.88 15.56
CA GLN A 4 9.50 -9.14 16.39
C GLN A 4 8.28 -9.32 15.45
N ALA A 5 7.64 -10.45 15.51
CA ALA A 5 6.46 -10.69 14.62
C ALA A 5 5.16 -10.48 15.39
N THR A 6 4.22 -9.78 14.81
CA THR A 6 2.92 -9.54 15.50
C THR A 6 1.94 -8.84 14.56
N GLU A 7 2.27 -7.64 14.15
CA GLU A 7 1.33 -6.88 13.26
C GLU A 7 1.89 -6.74 11.84
N ALA A 8 1.06 -6.98 10.87
CA ALA A 8 1.48 -6.83 9.45
C ALA A 8 0.23 -6.47 8.64
N ASN A 9 0.11 -5.26 8.17
CA ASN A 9 -1.13 -4.92 7.41
C ASN A 9 -0.87 -4.92 5.91
N CYS A 10 -1.78 -5.46 5.16
CA CYS A 10 -1.62 -5.52 3.70
C CYS A 10 -2.91 -5.03 3.07
N THR A 11 -2.95 -3.80 2.63
CA THR A 11 -4.22 -3.29 2.06
C THR A 11 -4.04 -2.69 0.68
N VAL A 12 -5.05 -2.81 -0.13
CA VAL A 12 -5.02 -2.22 -1.49
C VAL A 12 -5.72 -0.88 -1.42
N LEU A 13 -5.02 0.18 -1.68
CA LEU A 13 -5.65 1.52 -1.59
C LEU A 13 -6.95 1.52 -2.39
N SER A 14 -7.86 2.40 -2.03
CA SER A 14 -9.14 2.48 -2.77
C SER A 14 -9.01 3.57 -3.82
N VAL A 15 -9.65 3.44 -4.94
CA VAL A 15 -9.52 4.48 -5.99
C VAL A 15 -10.65 5.50 -5.86
N GLN A 16 -10.33 6.73 -5.61
CA GLN A 16 -11.37 7.79 -5.47
C GLN A 16 -10.86 9.07 -6.12
N GLN A 17 -11.75 9.94 -6.53
CA GLN A 17 -11.32 11.21 -7.16
C GLN A 17 -11.00 12.24 -6.08
N ILE A 18 -9.81 12.19 -5.54
CA ILE A 18 -9.43 13.19 -4.47
C ILE A 18 -10.50 13.20 -3.38
N GLY A 19 -10.24 13.88 -2.29
CA GLY A 19 -11.23 13.94 -1.19
C GLY A 19 -10.89 12.88 -0.14
N GLU A 20 -9.84 12.16 -0.36
CA GLU A 20 -9.42 11.10 0.62
C GLU A 20 -7.96 11.28 0.98
N VAL A 21 -7.61 11.06 2.22
CA VAL A 21 -6.19 11.20 2.64
C VAL A 21 -5.65 9.84 3.10
N PHE A 22 -4.48 9.48 2.68
CA PHE A 22 -3.91 8.16 3.08
C PHE A 22 -2.52 8.35 3.68
N GLU A 23 -2.06 7.40 4.45
CA GLU A 23 -0.72 7.51 5.08
C GLU A 23 0.25 6.56 4.38
N CYS A 24 1.47 6.98 4.17
CA CYS A 24 2.47 6.10 3.50
C CYS A 24 3.47 5.60 4.54
N THR A 25 4.06 4.46 4.33
CA THR A 25 5.03 3.93 5.33
C THR A 25 6.37 3.63 4.68
N PHE A 26 7.43 3.72 5.43
CA PHE A 26 8.78 3.43 4.88
C PHE A 26 9.62 2.76 5.97
N THR A 27 10.68 2.09 5.59
CA THR A 27 11.52 1.41 6.60
C THR A 27 12.99 1.75 6.35
N CYS A 28 13.77 1.80 7.40
CA CYS A 28 15.21 2.14 7.26
C CYS A 28 16.05 1.07 7.97
N GLY A 29 17.33 1.03 7.73
CA GLY A 29 18.18 0.01 8.38
C GLY A 29 18.62 0.50 9.77
N ALA A 30 19.34 -0.32 10.49
CA ALA A 30 19.79 0.10 11.85
C ALA A 30 18.60 0.14 12.80
N ASP A 31 17.66 -0.74 12.63
CA ASP A 31 16.46 -0.75 13.51
C ASP A 31 15.78 0.61 13.46
N CYS A 32 15.68 1.17 12.28
CA CYS A 32 15.03 2.49 12.13
C CYS A 32 13.70 2.32 11.38
N ARG A 33 12.63 2.80 11.94
CA ARG A 33 11.31 2.65 11.27
C ARG A 33 10.59 4.00 11.31
N GLY A 34 9.82 4.33 10.31
CA GLY A 34 9.11 5.65 10.32
C GLY A 34 7.91 5.61 9.36
N THR A 35 6.96 6.50 9.57
CA THR A 35 5.77 6.55 8.69
C THR A 35 5.53 7.98 8.23
N SER A 36 5.04 8.18 7.04
CA SER A 36 4.79 9.56 6.54
C SER A 36 3.30 9.74 6.20
N GLN A 37 2.79 10.94 6.29
CA GLN A 37 1.36 11.19 5.98
C GLN A 37 1.26 12.11 4.75
N TYR A 38 0.42 11.76 3.80
CA TYR A 38 0.31 12.63 2.59
C TYR A 38 -1.14 12.58 2.04
N PRO A 39 -1.56 13.61 1.33
CA PRO A 39 -2.93 13.67 0.73
C PRO A 39 -3.27 12.40 -0.07
N CYS A 40 -4.07 12.54 -1.09
CA CYS A 40 -4.45 11.36 -1.91
C CYS A 40 -3.23 10.88 -2.70
N VAL A 41 -3.07 9.59 -2.84
CA VAL A 41 -1.92 9.04 -3.60
C VAL A 41 -2.41 8.03 -4.64
N GLN A 42 -1.58 7.66 -5.56
CA GLN A 42 -2.01 6.68 -6.59
C GLN A 42 -2.55 5.43 -5.91
N VAL A 43 -2.74 4.36 -6.65
CA VAL A 43 -3.30 3.12 -6.04
C VAL A 43 -2.34 1.93 -6.20
N TYR A 44 -2.30 1.08 -5.21
CA TYR A 44 -1.44 -0.13 -5.28
C TYR A 44 -1.66 -0.96 -4.01
N VAL A 45 -0.58 -1.36 -3.37
CA VAL A 45 -0.74 -2.17 -2.13
C VAL A 45 0.16 -1.64 -1.02
N ASN A 46 -0.36 -1.52 0.16
CA ASN A 46 0.45 -1.03 1.30
C ASN A 46 1.06 -2.23 2.01
N ASN A 47 2.36 -2.37 1.96
CA ASN A 47 3.00 -3.52 2.64
C ASN A 47 3.41 -3.11 4.05
N SER A 48 2.52 -3.21 4.99
CA SER A 48 2.86 -2.83 6.38
C SER A 48 3.41 -4.05 7.10
N GLU A 49 3.83 -5.03 6.36
CA GLU A 49 4.40 -6.26 6.99
C GLU A 49 5.74 -5.89 7.61
N SER A 50 6.22 -4.74 7.26
CA SER A 50 7.53 -4.26 7.80
C SER A 50 7.59 -2.75 7.59
N ASN A 51 6.46 -2.10 7.70
CA ASN A 51 6.41 -0.62 7.50
C ASN A 51 6.85 -0.26 6.09
N SER A 52 6.37 -0.99 5.10
CA SER A 52 6.77 -0.67 3.69
C SER A 52 5.52 -0.25 2.89
N ARG A 53 5.68 0.63 1.95
CA ARG A 53 4.51 1.08 1.14
C ARG A 53 4.84 1.03 -0.34
N ALA A 54 4.07 0.30 -1.11
CA ALA A 54 4.32 0.22 -2.57
C ALA A 54 3.25 1.06 -3.29
N LEU A 55 3.68 1.97 -4.14
CA LEU A 55 2.70 2.84 -4.86
C LEU A 55 2.80 2.60 -6.37
N LEU A 56 1.68 2.42 -7.02
CA LEU A 56 1.67 2.18 -8.49
C LEU A 56 0.76 3.21 -9.16
N HIS A 57 1.12 3.65 -10.33
CA HIS A 57 0.26 4.66 -11.02
C HIS A 57 -0.78 3.93 -11.88
N SER A 58 -2.03 4.13 -11.59
CA SER A 58 -3.08 3.45 -12.40
C SER A 58 -3.03 3.98 -13.84
N ASP A 59 -2.74 5.25 -13.98
CA ASP A 59 -2.66 5.84 -15.35
C ASP A 59 -2.20 7.29 -15.24
N GLU A 60 -1.54 7.79 -16.26
CA GLU A 60 -1.09 9.20 -16.22
C GLU A 60 -2.30 10.12 -16.25
N HIS A 61 -3.33 9.75 -16.97
CA HIS A 61 -4.54 10.61 -17.05
C HIS A 61 -5.07 10.86 -15.63
N GLN A 62 -5.05 9.86 -14.80
CA GLN A 62 -5.55 10.05 -13.41
C GLN A 62 -4.70 11.13 -12.72
N LEU A 63 -3.42 11.10 -12.95
CA LEU A 63 -2.54 12.12 -12.33
C LEU A 63 -2.93 13.50 -12.85
N LEU A 64 -3.19 13.60 -14.13
CA LEU A 64 -3.61 14.91 -14.70
C LEU A 64 -4.97 15.28 -14.10
N THR A 65 -5.75 14.28 -13.79
CA THR A 65 -7.08 14.53 -13.19
C THR A 65 -6.94 14.98 -11.75
N ASN A 66 -6.00 14.42 -11.03
CA ASN A 66 -5.80 14.81 -9.61
C ASN A 66 -4.32 15.08 -9.36
N PRO A 67 -3.79 16.11 -9.96
CA PRO A 67 -2.35 16.47 -9.80
C PRO A 67 -2.03 16.99 -8.41
N LYS A 68 -3.03 17.40 -7.68
CA LYS A 68 -2.78 17.91 -6.30
C LYS A 68 -2.70 16.73 -5.33
N CYS A 69 -2.81 15.54 -5.84
CA CYS A 69 -2.76 14.33 -4.96
C CYS A 69 -1.34 14.17 -4.41
N SER A 70 -0.64 15.25 -4.20
CA SER A 70 0.76 15.15 -3.66
C SER A 70 1.47 13.98 -4.33
N TYR A 71 1.71 14.08 -5.61
CA TYR A 71 2.41 12.99 -6.34
C TYR A 71 3.90 13.30 -6.43
N ILE A 72 4.35 14.31 -5.73
CA ILE A 72 5.80 14.66 -5.78
C ILE A 72 6.61 13.65 -4.97
N PRO A 73 6.12 13.26 -3.82
CA PRO A 73 6.79 12.29 -2.93
C PRO A 73 6.10 10.92 -2.89
N PRO A 74 6.02 10.23 -4.00
CA PRO A 74 5.37 8.88 -4.07
C PRO A 74 6.16 7.83 -3.29
N CYS A 75 5.46 6.88 -2.72
CA CYS A 75 6.17 5.81 -1.96
C CYS A 75 6.19 4.54 -2.82
N LYS A 76 7.33 4.18 -3.32
CA LYS A 76 7.42 2.96 -4.18
C LYS A 76 8.63 2.12 -3.78
N ARG A 77 8.47 0.83 -3.73
CA ARG A 77 9.62 -0.06 -3.34
C ARG A 77 10.75 0.09 -4.36
N GLU A 78 10.42 0.13 -5.62
CA GLU A 78 11.46 0.26 -6.67
C GLU A 78 11.08 1.39 -7.62
N ASN A 79 12.00 2.28 -7.88
CA ASN A 79 11.70 3.42 -8.80
C ASN A 79 11.24 2.88 -10.15
N GLN A 80 11.76 1.75 -10.55
CA GLN A 80 11.36 1.17 -11.87
C GLN A 80 9.86 0.90 -11.89
N LYS A 81 9.21 1.18 -12.98
CA LYS A 81 7.74 0.94 -13.08
C LYS A 81 7.41 0.32 -14.44
N ASN A 82 6.66 -0.73 -14.46
CA ASN A 82 6.29 -1.38 -15.75
C ASN A 82 4.81 -1.12 -16.05
N LEU A 83 4.52 -0.64 -17.24
CA LEU A 83 3.09 -0.36 -17.59
C LEU A 83 2.28 -1.67 -17.51
N GLU A 84 2.87 -2.75 -17.91
CA GLU A 84 2.14 -4.05 -17.87
C GLU A 84 1.73 -4.35 -16.42
N SER A 85 2.50 -3.91 -15.48
CA SER A 85 2.17 -4.18 -14.05
C SER A 85 0.79 -3.59 -13.72
N VAL A 86 0.43 -2.51 -14.34
CA VAL A 86 -0.89 -1.89 -14.04
C VAL A 86 -2.01 -2.88 -14.37
N MET A 87 -1.92 -3.57 -15.47
CA MET A 87 -2.98 -4.56 -15.81
C MET A 87 -3.05 -5.61 -14.71
N ASN A 88 -1.91 -6.03 -14.23
CA ASN A 88 -1.90 -7.04 -13.15
C ASN A 88 -2.62 -6.48 -11.92
N TRP A 89 -2.39 -5.23 -11.62
CA TRP A 89 -3.07 -4.63 -10.43
C TRP A 89 -4.57 -4.53 -10.67
N GLN A 90 -4.98 -3.98 -11.78
CA GLN A 90 -6.44 -3.86 -12.06
C GLN A 90 -7.02 -5.23 -12.37
N GLN A 91 -6.38 -5.98 -13.22
CA GLN A 91 -6.91 -7.33 -13.58
C GLN A 91 -6.91 -8.24 -12.36
N TYR A 92 -5.90 -8.17 -11.54
CA TYR A 92 -5.87 -9.06 -10.34
C TYR A 92 -6.93 -8.65 -9.31
N TRP A 93 -6.94 -7.41 -8.92
CA TRP A 93 -7.92 -6.97 -7.89
C TRP A 93 -9.32 -6.88 -8.49
N LYS A 94 -9.45 -6.44 -9.72
CA LYS A 94 -10.82 -6.34 -10.31
C LYS A 94 -11.49 -7.71 -10.29
N ASP A 95 -10.75 -8.74 -10.62
CA ASP A 95 -11.34 -10.10 -10.62
C ASP A 95 -11.75 -10.49 -9.19
N GLU A 96 -10.93 -10.18 -8.22
CA GLU A 96 -11.27 -10.55 -6.81
C GLU A 96 -12.11 -9.44 -6.18
N ILE A 97 -11.63 -8.22 -6.20
CA ILE A 97 -12.40 -7.11 -5.59
C ILE A 97 -12.40 -5.89 -6.52
N GLY A 98 -11.26 -5.30 -6.77
CA GLY A 98 -11.21 -4.11 -7.66
C GLY A 98 -11.10 -2.83 -6.81
N SER A 99 -11.17 -2.96 -5.52
CA SER A 99 -11.06 -1.75 -4.65
C SER A 99 -11.55 -2.08 -3.23
N GLN A 100 -10.76 -2.78 -2.47
CA GLN A 100 -11.18 -3.14 -1.09
C GLN A 100 -9.94 -3.34 -0.20
N PRO A 101 -9.44 -2.30 0.41
CA PRO A 101 -8.24 -2.39 1.29
C PRO A 101 -8.43 -3.44 2.38
N PHE A 102 -7.37 -4.10 2.79
CA PHE A 102 -7.51 -5.12 3.85
C PHE A 102 -6.33 -5.05 4.82
N THR A 103 -6.54 -5.45 6.04
CA THR A 103 -5.45 -5.42 7.03
C THR A 103 -5.14 -6.85 7.44
N CYS A 104 -3.95 -7.08 7.91
CA CYS A 104 -3.57 -8.44 8.31
C CYS A 104 -2.77 -8.38 9.61
N TYR A 105 -2.72 -9.45 10.33
CA TYR A 105 -1.95 -9.45 11.60
C TYR A 105 -1.27 -10.81 11.74
N PHE A 106 -0.01 -10.84 12.06
CA PHE A 106 0.66 -12.16 12.18
C PHE A 106 1.70 -12.15 13.29
N ASN A 107 1.87 -13.27 13.95
CA ASN A 107 2.87 -13.32 15.05
C ASN A 107 3.57 -14.68 15.07
N GLN A 108 4.88 -14.66 15.02
CA GLN A 108 5.67 -15.92 15.07
C GLN A 108 5.98 -16.22 16.53
N HIS A 109 5.65 -15.31 17.41
CA HIS A 109 5.93 -15.53 18.86
C HIS A 109 5.45 -16.91 19.29
N GLN A 110 4.38 -17.40 18.70
CA GLN A 110 3.89 -18.74 19.09
C GLN A 110 4.89 -19.79 18.59
N ARG A 111 4.98 -19.96 17.30
CA ARG A 111 5.95 -20.94 16.74
C ARG A 111 6.06 -20.72 15.23
N PRO A 112 4.96 -20.70 14.52
CA PRO A 112 4.92 -20.51 13.06
C PRO A 112 4.60 -19.08 12.64
N ASP A 113 3.36 -18.79 12.40
CA ASP A 113 2.98 -17.42 11.97
C ASP A 113 1.46 -17.32 11.85
N ASP A 114 0.76 -17.15 12.93
CA ASP A 114 -0.72 -17.02 12.82
C ASP A 114 -0.99 -15.86 11.86
N VAL A 115 -2.09 -15.87 11.15
CA VAL A 115 -2.35 -14.75 10.19
C VAL A 115 -3.79 -14.23 10.31
N LEU A 116 -3.98 -12.97 10.05
CA LEU A 116 -5.35 -12.37 10.11
C LEU A 116 -5.64 -11.72 8.76
N LEU A 117 -6.88 -11.69 8.33
CA LEU A 117 -7.19 -11.07 7.01
C LEU A 117 -8.47 -10.23 7.08
N HIS A 118 -8.47 -9.18 7.85
CA HIS A 118 -9.69 -8.32 7.93
C HIS A 118 -9.84 -7.54 6.63
N ARG A 119 -11.03 -7.10 6.30
CA ARG A 119 -11.23 -6.35 5.02
C ARG A 119 -11.67 -4.91 5.30
N THR A 120 -11.47 -4.03 4.35
CA THR A 120 -11.89 -2.60 4.55
C THR A 120 -13.15 -2.32 3.74
N HIS A 121 -14.03 -1.51 4.26
CA HIS A 121 -15.28 -1.19 3.51
C HIS A 121 -15.23 0.26 3.01
N ASP A 122 -15.65 0.49 1.80
CA ASP A 122 -15.61 1.88 1.26
C ASP A 122 -16.63 2.75 2.00
N GLN A 1 8.94 -5.74 18.21
CA GLN A 1 8.78 -4.71 17.14
C GLN A 1 9.05 -5.33 15.78
N ASP A 2 9.43 -4.54 14.81
CA ASP A 2 9.71 -5.10 13.46
C ASP A 2 10.76 -6.21 13.57
N LEU A 3 11.74 -6.02 14.40
CA LEU A 3 12.79 -7.07 14.56
C LEU A 3 12.11 -8.38 14.98
N GLN A 4 11.08 -8.29 15.77
CA GLN A 4 10.38 -9.51 16.22
C GLN A 4 9.08 -9.66 15.42
N ALA A 5 8.81 -10.84 14.93
CA ALA A 5 7.56 -11.05 14.14
C ALA A 5 6.35 -10.74 15.02
N THR A 6 5.34 -10.12 14.46
CA THR A 6 4.12 -9.78 15.26
C THR A 6 3.06 -9.19 14.34
N GLU A 7 3.29 -8.01 13.84
CA GLU A 7 2.27 -7.35 12.98
C GLU A 7 2.76 -7.21 11.53
N ALA A 8 1.87 -7.45 10.60
CA ALA A 8 2.21 -7.31 9.17
C ALA A 8 0.93 -6.94 8.44
N ASN A 9 0.78 -5.74 7.96
CA ASN A 9 -0.51 -5.40 7.28
C ASN A 9 -0.34 -5.43 5.76
N CYS A 10 -1.32 -5.95 5.08
CA CYS A 10 -1.26 -6.05 3.61
C CYS A 10 -2.59 -5.50 3.08
N THR A 11 -2.61 -4.28 2.65
CA THR A 11 -3.90 -3.71 2.19
C THR A 11 -3.81 -3.10 0.80
N VAL A 12 -4.89 -3.12 0.09
CA VAL A 12 -4.94 -2.52 -1.25
C VAL A 12 -5.67 -1.19 -1.11
N LEU A 13 -5.04 -0.13 -1.50
CA LEU A 13 -5.69 1.20 -1.38
C LEU A 13 -6.98 1.20 -2.18
N SER A 14 -7.90 2.05 -1.85
CA SER A 14 -9.16 2.12 -2.61
C SER A 14 -8.98 3.19 -3.69
N VAL A 15 -9.72 3.14 -4.76
CA VAL A 15 -9.54 4.16 -5.81
C VAL A 15 -10.53 5.29 -5.60
N GLN A 16 -10.04 6.48 -5.31
CA GLN A 16 -10.94 7.64 -5.08
C GLN A 16 -10.32 8.90 -5.69
N GLN A 17 -11.13 9.87 -5.99
CA GLN A 17 -10.58 11.13 -6.58
C GLN A 17 -9.98 12.00 -5.48
N ILE A 18 -9.41 13.12 -5.83
CA ILE A 18 -8.79 14.02 -4.81
C ILE A 18 -9.74 14.16 -3.61
N GLY A 19 -9.29 14.77 -2.55
CA GLY A 19 -10.15 14.92 -1.35
C GLY A 19 -9.82 13.80 -0.37
N GLU A 20 -8.87 12.98 -0.69
CA GLU A 20 -8.48 11.87 0.22
C GLU A 20 -7.00 11.99 0.58
N VAL A 21 -6.65 11.66 1.78
CA VAL A 21 -5.22 11.76 2.21
C VAL A 21 -4.75 10.41 2.73
N PHE A 22 -3.57 10.01 2.36
CA PHE A 22 -3.03 8.69 2.83
C PHE A 22 -1.68 8.90 3.50
N GLU A 23 -1.29 7.99 4.35
CA GLU A 23 0.02 8.13 5.05
C GLU A 23 0.98 7.05 4.53
N CYS A 24 2.26 7.32 4.58
CA CYS A 24 3.25 6.31 4.12
C CYS A 24 3.97 5.74 5.35
N THR A 25 4.58 4.60 5.22
CA THR A 25 5.26 4.00 6.40
C THR A 25 6.77 3.85 6.13
N PHE A 26 7.56 3.91 7.16
CA PHE A 26 9.02 3.76 7.00
C PHE A 26 9.61 3.18 8.28
N THR A 27 10.82 2.68 8.21
CA THR A 27 11.45 2.09 9.42
C THR A 27 12.87 2.62 9.57
N CYS A 28 13.31 2.81 10.78
CA CYS A 28 14.70 3.33 11.00
C CYS A 28 15.43 2.39 11.96
N GLY A 29 16.74 2.48 12.01
CA GLY A 29 17.51 1.56 12.91
C GLY A 29 17.59 2.15 14.32
N ALA A 30 17.39 1.29 15.31
CA ALA A 30 17.44 1.71 16.75
C ALA A 30 16.02 1.82 17.30
N ASP A 31 15.17 0.92 16.92
CA ASP A 31 13.76 0.96 17.40
C ASP A 31 13.12 2.30 17.04
N CYS A 32 13.42 2.80 15.87
CA CYS A 32 12.81 4.09 15.44
C CYS A 32 11.88 3.81 14.27
N ARG A 33 10.60 3.93 14.47
CA ARG A 33 9.64 3.64 13.37
C ARG A 33 8.60 4.75 13.32
N GLY A 34 8.11 5.10 12.15
CA GLY A 34 7.08 6.17 12.08
C GLY A 34 6.43 6.19 10.70
N THR A 35 5.45 7.04 10.52
CA THR A 35 4.75 7.14 9.20
C THR A 35 4.71 8.60 8.75
N SER A 36 4.50 8.83 7.49
CA SER A 36 4.44 10.23 6.97
C SER A 36 3.04 10.51 6.42
N GLN A 37 2.67 11.77 6.32
CA GLN A 37 1.32 12.11 5.79
C GLN A 37 1.47 12.83 4.45
N TYR A 38 0.80 12.35 3.43
CA TYR A 38 0.91 13.01 2.10
C TYR A 38 -0.47 13.04 1.43
N PRO A 39 -0.69 13.96 0.50
CA PRO A 39 -1.99 14.08 -0.23
C PRO A 39 -2.50 12.74 -0.78
N CYS A 40 -3.24 12.77 -1.86
CA CYS A 40 -3.78 11.51 -2.44
C CYS A 40 -2.63 10.72 -3.09
N VAL A 41 -2.73 9.41 -3.07
CA VAL A 41 -1.66 8.56 -3.68
C VAL A 41 -2.31 7.57 -4.64
N GLN A 42 -1.62 7.18 -5.68
CA GLN A 42 -2.20 6.21 -6.65
C GLN A 42 -2.73 4.98 -5.90
N VAL A 43 -3.10 3.95 -6.61
CA VAL A 43 -3.64 2.73 -5.92
C VAL A 43 -2.80 1.49 -6.22
N TYR A 44 -2.65 0.63 -5.25
CA TYR A 44 -1.86 -0.63 -5.45
C TYR A 44 -1.92 -1.44 -4.16
N VAL A 45 -0.78 -1.88 -3.64
CA VAL A 45 -0.81 -2.69 -2.40
C VAL A 45 0.18 -2.14 -1.37
N ASN A 46 -0.26 -2.03 -0.15
CA ASN A 46 0.64 -1.52 0.91
C ASN A 46 1.33 -2.70 1.58
N ASN A 47 2.62 -2.81 1.46
CA ASN A 47 3.33 -3.94 2.10
C ASN A 47 3.79 -3.51 3.49
N SER A 48 2.95 -3.65 4.47
CA SER A 48 3.34 -3.25 5.85
C SER A 48 4.01 -4.44 6.53
N GLU A 49 4.46 -5.39 5.77
CA GLU A 49 5.13 -6.57 6.38
C GLU A 49 6.45 -6.08 6.96
N SER A 50 6.82 -4.89 6.58
CA SER A 50 8.08 -4.27 7.07
C SER A 50 7.94 -2.76 6.87
N ASN A 51 6.74 -2.26 7.00
CA ASN A 51 6.51 -0.80 6.81
C ASN A 51 6.87 -0.39 5.39
N SER A 52 6.43 -1.13 4.39
CA SER A 52 6.76 -0.76 2.98
C SER A 52 5.47 -0.35 2.24
N ARG A 53 5.57 0.60 1.36
CA ARG A 53 4.36 1.05 0.61
C ARG A 53 4.64 0.99 -0.90
N ALA A 54 3.89 0.20 -1.62
CA ALA A 54 4.08 0.10 -3.10
C ALA A 54 2.90 0.80 -3.78
N LEU A 55 3.18 1.71 -4.68
CA LEU A 55 2.07 2.43 -5.39
C LEU A 55 2.11 2.16 -6.89
N LEU A 56 0.97 1.98 -7.49
CA LEU A 56 0.90 1.72 -8.95
C LEU A 56 -0.04 2.74 -9.58
N HIS A 57 0.26 3.20 -10.77
CA HIS A 57 -0.64 4.20 -11.40
C HIS A 57 -1.70 3.48 -12.23
N SER A 58 -2.94 3.67 -11.91
CA SER A 58 -4.03 3.00 -12.67
C SER A 58 -3.96 3.45 -14.13
N ASP A 59 -3.65 4.70 -14.34
CA ASP A 59 -3.56 5.22 -15.73
C ASP A 59 -3.01 6.65 -15.70
N GLU A 60 -2.45 7.10 -16.78
CA GLU A 60 -1.89 8.48 -16.81
C GLU A 60 -3.02 9.49 -16.64
N HIS A 61 -4.18 9.20 -17.17
CA HIS A 61 -5.32 10.15 -17.03
C HIS A 61 -5.56 10.44 -15.55
N GLN A 62 -5.46 9.43 -14.72
CA GLN A 62 -5.67 9.65 -13.26
C GLN A 62 -4.61 10.61 -12.74
N LEU A 63 -3.40 10.45 -13.18
CA LEU A 63 -2.30 11.36 -12.73
C LEU A 63 -2.60 12.77 -13.25
N LEU A 64 -2.98 12.88 -14.49
CA LEU A 64 -3.31 14.20 -15.06
C LEU A 64 -4.51 14.77 -14.30
N THR A 65 -5.38 13.90 -13.87
CA THR A 65 -6.58 14.34 -13.13
C THR A 65 -6.18 14.82 -11.73
N ASN A 66 -5.22 14.16 -11.12
CA ASN A 66 -4.77 14.57 -9.76
C ASN A 66 -3.24 14.65 -9.71
N PRO A 67 -2.64 15.57 -10.41
CA PRO A 67 -1.16 15.74 -10.43
C PRO A 67 -0.58 15.99 -9.03
N LYS A 68 -1.40 16.46 -8.12
CA LYS A 68 -0.88 16.74 -6.74
C LYS A 68 -0.85 15.45 -5.92
N CYS A 69 -1.33 14.37 -6.46
CA CYS A 69 -1.32 13.09 -5.68
C CYS A 69 0.12 12.64 -5.43
N SER A 70 1.01 12.90 -6.34
CA SER A 70 2.43 12.46 -6.14
C SER A 70 3.39 13.51 -6.73
N TYR A 71 3.14 14.76 -6.48
CA TYR A 71 4.05 15.81 -7.03
C TYR A 71 5.29 15.91 -6.14
N ILE A 72 5.29 15.22 -5.04
CA ILE A 72 6.46 15.26 -4.12
C ILE A 72 7.04 13.85 -3.95
N PRO A 73 8.28 13.76 -3.55
CA PRO A 73 8.98 12.46 -3.36
C PRO A 73 8.04 11.35 -2.84
N PRO A 74 7.53 10.53 -3.73
CA PRO A 74 6.62 9.41 -3.35
C PRO A 74 7.39 8.19 -2.84
N CYS A 75 6.80 7.43 -1.95
CA CYS A 75 7.52 6.24 -1.42
C CYS A 75 7.00 4.97 -2.10
N LYS A 76 7.83 4.37 -2.92
CA LYS A 76 7.41 3.12 -3.63
C LYS A 76 8.53 2.09 -3.54
N ARG A 77 8.20 0.83 -3.44
CA ARG A 77 9.26 -0.21 -3.35
C ARG A 77 10.08 -0.22 -4.64
N GLU A 78 9.44 -0.05 -5.77
CA GLU A 78 10.19 -0.05 -7.05
C GLU A 78 9.35 0.64 -8.14
N ASN A 79 10.00 1.23 -9.11
CA ASN A 79 9.24 1.91 -10.19
C ASN A 79 8.27 0.91 -10.83
N GLN A 80 8.66 -0.34 -10.85
CA GLN A 80 7.77 -1.38 -11.45
C GLN A 80 7.43 -0.99 -12.89
N LYS A 81 6.57 -1.75 -13.52
CA LYS A 81 6.19 -1.43 -14.93
C LYS A 81 4.89 -0.62 -14.95
N ASN A 82 4.76 0.29 -15.88
CA ASN A 82 3.54 1.11 -15.96
C ASN A 82 2.93 0.99 -17.36
N LEU A 83 3.25 -0.05 -18.08
CA LEU A 83 2.70 -0.21 -19.45
C LEU A 83 1.59 -1.26 -19.44
N GLU A 84 1.79 -2.37 -20.10
CA GLU A 84 0.75 -3.43 -20.14
C GLU A 84 0.47 -3.94 -18.73
N SER A 85 1.43 -3.89 -17.87
CA SER A 85 1.22 -4.38 -16.47
C SER A 85 0.06 -3.60 -15.83
N VAL A 86 -0.08 -2.35 -16.16
CA VAL A 86 -1.18 -1.54 -15.57
C VAL A 86 -2.54 -2.17 -15.95
N MET A 87 -2.68 -2.58 -17.18
CA MET A 87 -3.98 -3.19 -17.58
C MET A 87 -4.27 -4.39 -16.68
N ASN A 88 -3.27 -5.17 -16.38
CA ASN A 88 -3.49 -6.34 -15.50
C ASN A 88 -4.04 -5.88 -14.15
N TRP A 89 -3.53 -4.78 -13.65
CA TRP A 89 -4.03 -4.28 -12.34
C TRP A 89 -5.52 -4.00 -12.43
N GLN A 90 -5.95 -3.33 -13.46
CA GLN A 90 -7.41 -3.03 -13.60
C GLN A 90 -8.20 -4.34 -13.69
N GLN A 91 -7.73 -5.26 -14.48
CA GLN A 91 -8.47 -6.56 -14.63
C GLN A 91 -8.38 -7.33 -13.31
N TYR A 92 -7.21 -7.44 -12.76
CA TYR A 92 -7.05 -8.18 -11.47
C TYR A 92 -7.72 -7.42 -10.34
N TRP A 93 -7.56 -6.13 -10.31
CA TRP A 93 -8.17 -5.30 -9.24
C TRP A 93 -9.70 -5.41 -9.31
N LYS A 94 -10.24 -5.34 -10.49
CA LYS A 94 -11.73 -5.44 -10.64
C LYS A 94 -12.18 -6.89 -10.41
N ASP A 95 -11.38 -7.84 -10.79
CA ASP A 95 -11.77 -9.27 -10.65
C ASP A 95 -12.09 -9.63 -9.18
N GLU A 96 -11.34 -9.11 -8.24
CA GLU A 96 -11.62 -9.49 -6.81
C GLU A 96 -11.66 -8.25 -5.91
N ILE A 97 -10.56 -7.57 -5.78
CA ILE A 97 -10.53 -6.37 -4.89
C ILE A 97 -11.82 -5.56 -5.03
N GLY A 98 -11.84 -4.59 -5.90
CA GLY A 98 -13.06 -3.77 -6.06
C GLY A 98 -13.07 -2.68 -4.99
N SER A 99 -11.92 -2.34 -4.48
CA SER A 99 -11.83 -1.29 -3.42
C SER A 99 -12.11 -1.92 -2.05
N GLN A 100 -11.14 -2.51 -1.44
CA GLN A 100 -11.36 -3.14 -0.11
C GLN A 100 -10.02 -3.47 0.55
N PRO A 101 -9.32 -2.47 1.02
CA PRO A 101 -8.01 -2.68 1.70
C PRO A 101 -8.11 -3.72 2.81
N PHE A 102 -7.03 -4.40 3.13
CA PHE A 102 -7.11 -5.43 4.20
C PHE A 102 -5.85 -5.39 5.08
N THR A 103 -6.00 -5.77 6.32
CA THR A 103 -4.84 -5.77 7.25
C THR A 103 -4.52 -7.21 7.64
N CYS A 104 -3.32 -7.44 8.04
CA CYS A 104 -2.93 -8.81 8.43
C CYS A 104 -2.01 -8.74 9.67
N TYR A 105 -1.91 -9.81 10.40
CA TYR A 105 -1.03 -9.79 11.60
C TYR A 105 -0.38 -11.17 11.71
N PHE A 106 0.90 -11.24 11.94
CA PHE A 106 1.53 -12.57 12.03
C PHE A 106 2.64 -12.56 13.08
N ASN A 107 2.87 -13.69 13.71
CA ASN A 107 3.93 -13.75 14.76
C ASN A 107 4.64 -15.11 14.75
N GLN A 108 5.87 -15.13 14.32
CA GLN A 108 6.66 -16.40 14.32
C GLN A 108 7.42 -16.52 15.64
N HIS A 109 7.53 -15.45 16.39
CA HIS A 109 8.30 -15.52 17.66
C HIS A 109 7.78 -16.69 18.50
N GLN A 110 6.54 -17.08 18.30
CA GLN A 110 6.01 -18.23 19.07
C GLN A 110 6.75 -19.48 18.59
N ARG A 111 6.47 -19.90 17.39
CA ARG A 111 7.17 -21.09 16.83
C ARG A 111 7.09 -21.07 15.29
N PRO A 112 5.91 -20.93 14.72
CA PRO A 112 5.71 -20.91 13.25
C PRO A 112 5.42 -19.50 12.72
N ASP A 113 4.16 -19.20 12.56
CA ASP A 113 3.78 -17.86 12.03
C ASP A 113 2.27 -17.76 11.93
N ASP A 114 1.60 -17.48 13.01
CA ASP A 114 0.11 -17.37 12.94
C ASP A 114 -0.21 -16.25 11.96
N VAL A 115 -1.36 -16.26 11.33
CA VAL A 115 -1.66 -15.17 10.35
C VAL A 115 -3.11 -14.66 10.51
N LEU A 116 -3.30 -13.39 10.30
CA LEU A 116 -4.67 -12.79 10.40
C LEU A 116 -4.97 -12.10 9.06
N LEU A 117 -6.21 -12.04 8.66
CA LEU A 117 -6.53 -11.40 7.35
C LEU A 117 -7.83 -10.57 7.45
N HIS A 118 -7.84 -9.54 8.25
CA HIS A 118 -9.08 -8.70 8.36
C HIS A 118 -9.23 -7.91 7.05
N ARG A 119 -10.44 -7.63 6.64
CA ARG A 119 -10.64 -6.87 5.36
C ARG A 119 -11.33 -5.53 5.60
N THR A 120 -11.14 -4.59 4.72
CA THR A 120 -11.77 -3.25 4.87
C THR A 120 -13.25 -3.33 4.46
N HIS A 121 -14.12 -2.66 5.18
CA HIS A 121 -15.56 -2.69 4.84
C HIS A 121 -16.01 -1.29 4.42
N ASP A 122 -16.81 -1.19 3.39
CA ASP A 122 -17.29 0.15 2.94
C ASP A 122 -18.38 0.65 3.87
N GLN A 1 8.34 -4.62 15.35
CA GLN A 1 7.42 -5.19 14.32
C GLN A 1 8.25 -5.85 13.21
N ASP A 2 9.51 -5.52 13.12
CA ASP A 2 10.36 -6.14 12.06
C ASP A 2 11.04 -7.39 12.64
N LEU A 3 12.07 -7.21 13.41
CA LEU A 3 12.76 -8.38 14.00
C LEU A 3 11.78 -9.10 14.93
N GLN A 4 10.87 -8.38 15.52
CA GLN A 4 9.89 -9.02 16.44
C GLN A 4 8.64 -9.45 15.66
N ALA A 5 8.27 -10.69 15.76
CA ALA A 5 7.06 -11.19 15.04
C ALA A 5 5.82 -10.84 15.83
N THR A 6 4.86 -10.19 15.22
CA THR A 6 3.61 -9.82 15.95
C THR A 6 2.59 -9.21 14.97
N GLU A 7 2.85 -8.02 14.52
CA GLU A 7 1.89 -7.35 13.60
C GLU A 7 2.46 -7.20 12.19
N ALA A 8 1.64 -7.46 11.21
CA ALA A 8 2.06 -7.32 9.79
C ALA A 8 0.80 -6.97 9.00
N ASN A 9 0.68 -5.77 8.51
CA ASN A 9 -0.56 -5.43 7.75
C ASN A 9 -0.32 -5.47 6.25
N CYS A 10 -1.27 -6.01 5.54
CA CYS A 10 -1.15 -6.11 4.07
C CYS A 10 -2.43 -5.55 3.48
N THR A 11 -2.43 -4.33 3.03
CA THR A 11 -3.68 -3.75 2.53
C THR A 11 -3.56 -3.19 1.13
N VAL A 12 -4.65 -3.17 0.42
CA VAL A 12 -4.66 -2.58 -0.94
C VAL A 12 -5.32 -1.23 -0.82
N LEU A 13 -4.62 -0.19 -1.12
CA LEU A 13 -5.21 1.16 -0.99
C LEU A 13 -6.52 1.21 -1.77
N SER A 14 -7.37 2.14 -1.45
CA SER A 14 -8.66 2.24 -2.17
C SER A 14 -8.48 3.25 -3.29
N VAL A 15 -9.26 3.16 -4.33
CA VAL A 15 -9.09 4.11 -5.45
C VAL A 15 -10.07 5.27 -5.30
N GLN A 16 -9.56 6.48 -5.26
CA GLN A 16 -10.44 7.66 -5.10
C GLN A 16 -9.91 8.81 -5.95
N GLN A 17 -10.76 9.72 -6.34
CA GLN A 17 -10.29 10.86 -7.18
C GLN A 17 -9.14 11.59 -6.47
N ILE A 18 -9.35 12.81 -6.05
CA ILE A 18 -8.27 13.56 -5.36
C ILE A 18 -8.84 14.23 -4.11
N GLY A 19 -8.00 14.75 -3.26
CA GLY A 19 -8.50 15.41 -2.02
C GLY A 19 -8.47 14.42 -0.87
N GLU A 20 -7.98 13.23 -1.11
CA GLU A 20 -7.91 12.22 -0.02
C GLU A 20 -6.49 12.17 0.54
N VAL A 21 -6.34 11.99 1.81
CA VAL A 21 -4.98 11.95 2.41
C VAL A 21 -4.62 10.50 2.76
N PHE A 22 -3.43 10.08 2.42
CA PHE A 22 -3.01 8.69 2.72
C PHE A 22 -1.74 8.71 3.57
N GLU A 23 -1.48 7.64 4.28
CA GLU A 23 -0.26 7.60 5.13
C GLU A 23 0.76 6.63 4.52
N CYS A 24 2.01 6.99 4.56
CA CYS A 24 3.07 6.09 4.01
C CYS A 24 3.85 5.51 5.18
N THR A 25 4.53 4.40 4.98
CA THR A 25 5.29 3.78 6.10
C THR A 25 6.77 3.70 5.74
N PHE A 26 7.62 3.76 6.74
CA PHE A 26 9.09 3.67 6.48
C PHE A 26 9.76 3.04 7.69
N THR A 27 10.98 2.61 7.54
CA THR A 27 11.70 1.98 8.68
C THR A 27 13.08 2.59 8.82
N CYS A 28 13.52 2.80 10.04
CA CYS A 28 14.85 3.40 10.26
C CYS A 28 15.65 2.52 11.23
N GLY A 29 16.92 2.77 11.38
CA GLY A 29 17.73 1.93 12.31
C GLY A 29 17.58 2.43 13.74
N ALA A 30 18.18 1.77 14.69
CA ALA A 30 18.06 2.22 16.10
C ALA A 30 16.68 1.82 16.63
N ASP A 31 16.08 0.83 16.04
CA ASP A 31 14.73 0.38 16.48
C ASP A 31 13.74 1.55 16.42
N CYS A 32 13.74 2.29 15.34
CA CYS A 32 12.80 3.44 15.22
C CYS A 32 12.01 3.32 13.92
N ARG A 33 10.70 3.36 14.01
CA ARG A 33 9.85 3.25 12.80
C ARG A 33 8.79 4.35 12.83
N GLY A 34 8.29 4.77 11.69
CA GLY A 34 7.26 5.85 11.70
C GLY A 34 6.52 5.89 10.38
N THR A 35 5.54 6.76 10.27
CA THR A 35 4.76 6.87 9.00
C THR A 35 4.71 8.33 8.54
N SER A 36 4.43 8.56 7.30
CA SER A 36 4.36 9.96 6.77
C SER A 36 2.99 10.20 6.15
N GLN A 37 2.53 11.42 6.11
CA GLN A 37 1.19 11.71 5.52
C GLN A 37 1.36 12.56 4.26
N TYR A 38 0.61 12.26 3.24
CA TYR A 38 0.72 13.04 1.97
C TYR A 38 -0.64 13.07 1.27
N PRO A 39 -0.86 14.05 0.41
CA PRO A 39 -2.15 14.16 -0.37
C PRO A 39 -2.59 12.85 -1.02
N CYS A 40 -3.24 12.93 -2.15
CA CYS A 40 -3.73 11.70 -2.83
C CYS A 40 -2.54 10.88 -3.35
N VAL A 41 -2.59 9.59 -3.20
CA VAL A 41 -1.47 8.72 -3.68
C VAL A 41 -2.05 7.61 -4.57
N GLN A 42 -1.29 7.17 -5.55
CA GLN A 42 -1.81 6.10 -6.46
C GLN A 42 -2.30 4.90 -5.65
N VAL A 43 -2.59 3.80 -6.31
CA VAL A 43 -3.13 2.60 -5.58
C VAL A 43 -2.23 1.37 -5.80
N TYR A 44 -2.14 0.52 -4.82
CA TYR A 44 -1.33 -0.72 -4.94
C TYR A 44 -1.47 -1.53 -3.66
N VAL A 45 -0.37 -1.95 -3.08
CA VAL A 45 -0.45 -2.76 -1.83
C VAL A 45 0.53 -2.23 -0.80
N ASN A 46 0.08 -2.08 0.43
CA ASN A 46 0.99 -1.57 1.49
C ASN A 46 1.64 -2.77 2.17
N ASN A 47 2.94 -2.85 2.13
CA ASN A 47 3.62 -3.99 2.80
C ASN A 47 4.02 -3.58 4.22
N SER A 48 3.12 -3.73 5.15
CA SER A 48 3.44 -3.35 6.55
C SER A 48 4.02 -4.57 7.28
N GLU A 49 4.53 -5.52 6.55
CA GLU A 49 5.11 -6.72 7.19
C GLU A 49 6.22 -6.25 8.13
N SER A 50 6.60 -5.02 7.98
CA SER A 50 7.68 -4.44 8.83
C SER A 50 7.52 -2.91 8.81
N ASN A 51 7.34 -2.35 7.65
CA ASN A 51 7.17 -0.88 7.53
C ASN A 51 7.43 -0.45 6.08
N SER A 52 6.94 -1.21 5.13
CA SER A 52 7.17 -0.86 3.69
C SER A 52 5.83 -0.58 2.99
N ARG A 53 5.83 0.31 2.04
CA ARG A 53 4.58 0.60 1.29
C ARG A 53 4.87 0.57 -0.21
N ALA A 54 4.20 -0.29 -0.93
CA ALA A 54 4.43 -0.36 -2.40
C ALA A 54 3.37 0.47 -3.12
N LEU A 55 3.79 1.33 -4.01
CA LEU A 55 2.81 2.20 -4.74
C LEU A 55 2.85 1.91 -6.25
N LEU A 56 1.71 1.71 -6.85
CA LEU A 56 1.65 1.43 -8.31
C LEU A 56 0.69 2.41 -8.98
N HIS A 57 0.91 2.73 -10.22
CA HIS A 57 0.00 3.66 -10.93
C HIS A 57 -1.06 2.86 -11.67
N SER A 58 -2.31 3.08 -11.37
CA SER A 58 -3.40 2.33 -12.07
C SER A 58 -3.31 2.58 -13.57
N ASP A 59 -2.97 3.79 -13.95
CA ASP A 59 -2.86 4.11 -15.39
C ASP A 59 -2.57 5.60 -15.56
N GLU A 60 -2.15 6.01 -16.72
CA GLU A 60 -1.84 7.44 -16.95
C GLU A 60 -3.12 8.27 -16.87
N HIS A 61 -4.24 7.71 -17.23
CA HIS A 61 -5.51 8.49 -17.18
C HIS A 61 -5.76 8.99 -15.75
N GLN A 62 -5.51 8.17 -14.77
CA GLN A 62 -5.73 8.60 -13.36
C GLN A 62 -4.76 9.73 -13.01
N LEU A 63 -3.53 9.63 -13.46
CA LEU A 63 -2.55 10.70 -13.15
C LEU A 63 -3.07 12.02 -13.72
N LEU A 64 -3.60 11.99 -14.90
CA LEU A 64 -4.15 13.24 -15.50
C LEU A 64 -5.36 13.67 -14.67
N THR A 65 -6.04 12.73 -14.09
CA THR A 65 -7.23 13.04 -13.26
C THR A 65 -6.78 13.67 -11.94
N ASN A 66 -5.71 13.17 -11.37
CA ASN A 66 -5.21 13.73 -10.08
C ASN A 66 -3.71 14.00 -10.17
N PRO A 67 -3.32 14.94 -10.99
CA PRO A 67 -1.89 15.31 -11.19
C PRO A 67 -1.37 16.25 -10.10
N LYS A 68 -2.22 16.65 -9.19
CA LYS A 68 -1.78 17.57 -8.11
C LYS A 68 -1.57 16.80 -6.81
N CYS A 69 -1.44 15.49 -6.87
CA CYS A 69 -1.24 14.72 -5.61
C CYS A 69 -0.21 13.60 -5.82
N SER A 70 0.17 13.32 -7.04
CA SER A 70 1.17 12.23 -7.28
C SER A 70 2.59 12.80 -7.27
N TYR A 71 2.75 14.05 -7.58
CA TYR A 71 4.12 14.66 -7.60
C TYR A 71 4.69 14.76 -6.18
N ILE A 72 3.87 15.03 -5.21
CA ILE A 72 4.38 15.15 -3.82
C ILE A 72 5.14 13.88 -3.45
N PRO A 73 6.14 14.00 -2.61
CA PRO A 73 6.97 12.85 -2.17
C PRO A 73 6.20 11.53 -2.12
N PRO A 74 6.23 10.77 -3.19
CA PRO A 74 5.51 9.48 -3.29
C PRO A 74 6.38 8.31 -2.85
N CYS A 75 5.80 7.29 -2.28
CA CYS A 75 6.60 6.10 -1.87
C CYS A 75 6.41 4.99 -2.90
N LYS A 76 7.44 4.68 -3.66
CA LYS A 76 7.29 3.63 -4.70
C LYS A 76 8.30 2.50 -4.44
N ARG A 77 7.87 1.28 -4.60
CA ARG A 77 8.80 0.13 -4.38
C ARG A 77 9.89 0.19 -5.43
N GLU A 78 9.52 0.49 -6.65
CA GLU A 78 10.50 0.56 -7.74
C GLU A 78 10.31 1.88 -8.50
N ASN A 79 11.36 2.44 -9.00
CA ASN A 79 11.24 3.73 -9.75
C ASN A 79 10.34 3.51 -10.97
N GLN A 80 10.50 2.40 -11.64
CA GLN A 80 9.66 2.13 -12.84
C GLN A 80 9.49 0.61 -13.00
N LYS A 81 8.47 0.19 -13.71
CA LYS A 81 8.27 -1.28 -13.90
C LYS A 81 7.76 -1.53 -15.33
N ASN A 82 6.65 -2.18 -15.47
CA ASN A 82 6.10 -2.46 -16.83
C ASN A 82 4.82 -1.65 -17.05
N LEU A 83 4.83 -0.73 -17.97
CA LEU A 83 3.61 0.09 -18.22
C LEU A 83 2.46 -0.81 -18.70
N GLU A 84 2.77 -1.79 -19.51
CA GLU A 84 1.70 -2.68 -20.03
C GLU A 84 1.03 -3.41 -18.87
N SER A 85 1.80 -3.83 -17.90
CA SER A 85 1.20 -4.53 -16.73
C SER A 85 0.18 -3.62 -16.04
N VAL A 86 0.44 -2.34 -16.02
CA VAL A 86 -0.50 -1.40 -15.36
C VAL A 86 -1.88 -1.48 -16.03
N MET A 87 -1.93 -1.55 -17.32
CA MET A 87 -3.25 -1.64 -18.00
C MET A 87 -4.00 -2.85 -17.43
N ASN A 88 -3.31 -3.96 -17.34
CA ASN A 88 -3.96 -5.18 -16.78
C ASN A 88 -4.30 -4.95 -15.32
N TRP A 89 -3.46 -4.21 -14.62
CA TRP A 89 -3.72 -3.95 -13.18
C TRP A 89 -5.07 -3.29 -12.97
N GLN A 90 -5.42 -2.32 -13.77
CA GLN A 90 -6.73 -1.64 -13.57
C GLN A 90 -7.87 -2.65 -13.83
N GLN A 91 -7.77 -3.43 -14.87
CA GLN A 91 -8.83 -4.44 -15.14
C GLN A 91 -8.75 -5.55 -14.09
N TYR A 92 -7.57 -5.98 -13.78
CA TYR A 92 -7.38 -7.07 -12.77
C TYR A 92 -7.72 -6.59 -11.36
N TRP A 93 -7.21 -5.46 -10.96
CA TRP A 93 -7.48 -4.94 -9.58
C TRP A 93 -8.97 -4.58 -9.42
N LYS A 94 -9.56 -3.97 -10.40
CA LYS A 94 -10.99 -3.57 -10.26
C LYS A 94 -11.87 -4.81 -10.07
N ASP A 95 -11.66 -5.84 -10.85
CA ASP A 95 -12.50 -7.05 -10.72
C ASP A 95 -12.25 -7.76 -9.38
N GLU A 96 -11.01 -7.89 -8.99
CA GLU A 96 -10.72 -8.59 -7.71
C GLU A 96 -10.92 -7.64 -6.53
N ILE A 97 -10.49 -6.42 -6.66
CA ILE A 97 -10.65 -5.46 -5.53
C ILE A 97 -11.44 -4.23 -5.97
N GLY A 98 -12.65 -4.11 -5.50
CA GLY A 98 -13.46 -2.91 -5.85
C GLY A 98 -12.88 -1.71 -5.08
N SER A 99 -12.43 -1.96 -3.88
CA SER A 99 -11.85 -0.88 -3.04
C SER A 99 -11.95 -1.28 -1.56
N GLN A 100 -11.26 -2.30 -1.15
CA GLN A 100 -11.34 -2.73 0.28
C GLN A 100 -9.97 -3.22 0.78
N PRO A 101 -9.18 -2.34 1.33
CA PRO A 101 -7.83 -2.71 1.89
C PRO A 101 -7.97 -3.80 2.97
N PHE A 102 -6.89 -4.46 3.34
CA PHE A 102 -7.02 -5.51 4.40
C PHE A 102 -5.80 -5.48 5.33
N THR A 103 -5.99 -5.93 6.54
CA THR A 103 -4.89 -5.92 7.53
C THR A 103 -4.58 -7.36 7.93
N CYS A 104 -3.39 -7.60 8.39
CA CYS A 104 -3.01 -8.96 8.79
C CYS A 104 -2.17 -8.89 10.08
N TYR A 105 -2.11 -9.95 10.83
CA TYR A 105 -1.30 -9.93 12.07
C TYR A 105 -0.63 -11.29 12.24
N PHE A 106 0.63 -11.33 12.54
CA PHE A 106 1.30 -12.65 12.69
C PHE A 106 2.29 -12.63 13.85
N ASN A 107 2.44 -13.73 14.52
CA ASN A 107 3.38 -13.78 15.67
C ASN A 107 4.06 -15.14 15.76
N GLN A 108 5.36 -15.15 15.84
CA GLN A 108 6.12 -16.42 15.96
C GLN A 108 6.26 -16.75 17.45
N HIS A 109 5.82 -15.87 18.30
CA HIS A 109 5.92 -16.10 19.76
C HIS A 109 5.40 -17.49 20.10
N GLN A 110 4.41 -17.97 19.39
CA GLN A 110 3.89 -19.33 19.69
C GLN A 110 4.94 -20.35 19.26
N ARG A 111 5.18 -20.47 17.99
CA ARG A 111 6.23 -21.42 17.51
C ARG A 111 6.50 -21.18 16.02
N PRO A 112 5.48 -21.17 15.19
CA PRO A 112 5.62 -20.96 13.73
C PRO A 112 5.31 -19.54 13.29
N ASP A 113 4.10 -19.31 12.85
CA ASP A 113 3.73 -17.95 12.39
C ASP A 113 2.20 -17.85 12.27
N ASP A 114 1.51 -17.72 13.36
CA ASP A 114 0.02 -17.59 13.28
C ASP A 114 -0.27 -16.43 12.34
N VAL A 115 -1.35 -16.47 11.60
CA VAL A 115 -1.65 -15.35 10.66
C VAL A 115 -3.11 -14.91 10.74
N LEU A 116 -3.35 -13.64 10.50
CA LEU A 116 -4.74 -13.10 10.53
C LEU A 116 -4.98 -12.37 9.20
N LEU A 117 -6.20 -12.34 8.72
CA LEU A 117 -6.45 -11.65 7.42
C LEU A 117 -7.76 -10.86 7.47
N HIS A 118 -7.86 -9.87 8.31
CA HIS A 118 -9.12 -9.07 8.37
C HIS A 118 -9.19 -8.20 7.10
N ARG A 119 -10.37 -7.92 6.61
CA ARG A 119 -10.49 -7.11 5.37
C ARG A 119 -11.22 -5.79 5.65
N THR A 120 -10.97 -4.79 4.84
CA THR A 120 -11.65 -3.47 5.03
C THR A 120 -13.11 -3.58 4.59
N HIS A 121 -14.01 -2.99 5.33
CA HIS A 121 -15.45 -3.05 4.96
C HIS A 121 -15.97 -1.64 4.71
N ASP A 122 -16.64 -1.43 3.60
CA ASP A 122 -17.17 -0.07 3.28
C ASP A 122 -18.61 0.04 3.80
#